data_1PI1
# 
_entry.id   1PI1 
# 
_audit_conform.dict_name       mmcif_pdbx.dic 
_audit_conform.dict_version    5.392 
_audit_conform.dict_location   http://mmcif.pdb.org/dictionaries/ascii/mmcif_pdbx.dic 
# 
loop_
_database_2.database_id 
_database_2.database_code 
_database_2.pdbx_database_accession 
_database_2.pdbx_DOI 
PDB   1PI1         pdb_00001pi1 10.2210/pdb1pi1/pdb 
RCSB  RCSB019331   ?            ?                   
WWPDB D_1000019331 ?            ?                   
# 
loop_
_pdbx_audit_revision_history.ordinal 
_pdbx_audit_revision_history.data_content_type 
_pdbx_audit_revision_history.major_revision 
_pdbx_audit_revision_history.minor_revision 
_pdbx_audit_revision_history.revision_date 
1 'Structure model' 1 0 2003-09-30 
2 'Structure model' 1 1 2008-04-29 
3 'Structure model' 1 2 2011-07-13 
4 'Structure model' 1 3 2022-12-21 
5 'Structure model' 1 4 2024-05-22 
# 
_pdbx_audit_revision_details.ordinal             1 
_pdbx_audit_revision_details.revision_ordinal    1 
_pdbx_audit_revision_details.data_content_type   'Structure model' 
_pdbx_audit_revision_details.provider            repository 
_pdbx_audit_revision_details.type                'Initial release' 
_pdbx_audit_revision_details.description         ? 
_pdbx_audit_revision_details.details             ? 
# 
loop_
_pdbx_audit_revision_group.ordinal 
_pdbx_audit_revision_group.revision_ordinal 
_pdbx_audit_revision_group.data_content_type 
_pdbx_audit_revision_group.group 
1 2 'Structure model' 'Version format compliance' 
2 3 'Structure model' 'Version format compliance' 
3 4 'Structure model' 'Database references'       
4 4 'Structure model' 'Derived calculations'      
5 5 'Structure model' 'Data collection'           
# 
loop_
_pdbx_audit_revision_category.ordinal 
_pdbx_audit_revision_category.revision_ordinal 
_pdbx_audit_revision_category.data_content_type 
_pdbx_audit_revision_category.category 
1 4 'Structure model' database_2             
2 4 'Structure model' pdbx_struct_conn_angle 
3 4 'Structure model' struct_conn            
4 4 'Structure model' struct_ref_seq_dif     
5 4 'Structure model' struct_site            
6 5 'Structure model' chem_comp_atom         
7 5 'Structure model' chem_comp_bond         
# 
loop_
_pdbx_audit_revision_item.ordinal 
_pdbx_audit_revision_item.revision_ordinal 
_pdbx_audit_revision_item.data_content_type 
_pdbx_audit_revision_item.item 
1  4 'Structure model' '_database_2.pdbx_DOI'                        
2  4 'Structure model' '_database_2.pdbx_database_accession'         
3  4 'Structure model' '_pdbx_struct_conn_angle.ptnr1_auth_comp_id'  
4  4 'Structure model' '_pdbx_struct_conn_angle.ptnr1_auth_seq_id'   
5  4 'Structure model' '_pdbx_struct_conn_angle.ptnr1_label_atom_id' 
6  4 'Structure model' '_pdbx_struct_conn_angle.ptnr1_label_comp_id' 
7  4 'Structure model' '_pdbx_struct_conn_angle.ptnr1_label_seq_id'  
8  4 'Structure model' '_pdbx_struct_conn_angle.ptnr3_auth_comp_id'  
9  4 'Structure model' '_pdbx_struct_conn_angle.ptnr3_auth_seq_id'   
10 4 'Structure model' '_pdbx_struct_conn_angle.ptnr3_label_atom_id' 
11 4 'Structure model' '_pdbx_struct_conn_angle.ptnr3_label_comp_id' 
12 4 'Structure model' '_pdbx_struct_conn_angle.ptnr3_label_seq_id'  
13 4 'Structure model' '_pdbx_struct_conn_angle.value'               
14 4 'Structure model' '_struct_conn.pdbx_dist_value'                
15 4 'Structure model' '_struct_conn.ptnr1_auth_comp_id'             
16 4 'Structure model' '_struct_conn.ptnr1_auth_seq_id'              
17 4 'Structure model' '_struct_conn.ptnr1_label_asym_id'            
18 4 'Structure model' '_struct_conn.ptnr1_label_atom_id'            
19 4 'Structure model' '_struct_conn.ptnr1_label_comp_id'            
20 4 'Structure model' '_struct_conn.ptnr1_label_seq_id'             
21 4 'Structure model' '_struct_conn.ptnr2_auth_comp_id'             
22 4 'Structure model' '_struct_conn.ptnr2_auth_seq_id'              
23 4 'Structure model' '_struct_conn.ptnr2_label_asym_id'            
24 4 'Structure model' '_struct_conn.ptnr2_label_atom_id'            
25 4 'Structure model' '_struct_conn.ptnr2_label_comp_id'            
26 4 'Structure model' '_struct_conn.ptnr2_label_seq_id'             
27 4 'Structure model' '_struct_ref_seq_dif.details'                 
28 4 'Structure model' '_struct_site.pdbx_auth_asym_id'              
29 4 'Structure model' '_struct_site.pdbx_auth_comp_id'              
30 4 'Structure model' '_struct_site.pdbx_auth_seq_id'               
# 
_pdbx_database_status.status_code                     REL 
_pdbx_database_status.entry_id                        1PI1 
_pdbx_database_status.recvd_initial_deposition_date   2003-05-29 
_pdbx_database_status.deposit_site                    RCSB 
_pdbx_database_status.process_site                    RCSB 
_pdbx_database_status.status_code_sf                  REL 
_pdbx_database_status.SG_entry                        . 
_pdbx_database_status.pdb_format_compatible           Y 
_pdbx_database_status.status_code_mr                  ? 
_pdbx_database_status.status_code_cs                  ? 
_pdbx_database_status.status_code_nmr_data            ? 
_pdbx_database_status.methods_development_category    ? 
# 
loop_
_audit_author.name 
_audit_author.pdbx_ordinal 
'Stavridi, E.S.'  1 
'Harris, K.G.'    2 
'Huyen, Y.'       3 
'Bothos, J.'      4 
'Voewerd, P.M.'   5 
'Stayrook, S.E.'  6 
'Jeffrey, P.D.'   7 
'Pavletich, N.P.' 8 
'Luca, F.C.'      9 
# 
_citation.id                        primary 
_citation.title                     
'Crystal structure of a human mob1 protein. Toward understanding mob-regulated cell cycle pathways.' 
_citation.journal_abbrev            Structure 
_citation.journal_volume            11 
_citation.page_first                1163 
_citation.page_last                 1170 
_citation.year                      2003 
_citation.journal_id_ASTM           STRUE6 
_citation.country                   UK 
_citation.journal_id_ISSN           0969-2126 
_citation.journal_id_CSD            2005 
_citation.book_publisher            ? 
_citation.pdbx_database_id_PubMed   12962634 
_citation.pdbx_database_id_DOI      '10.1016/S0969-2126(03)00182-5' 
# 
loop_
_citation_author.citation_id 
_citation_author.name 
_citation_author.ordinal 
_citation_author.identifier_ORCID 
primary 'Stavridi, E.S.'  1 ? 
primary 'Harris, K.G.'    2 ? 
primary 'Huyen, Y.'       3 ? 
primary 'Bothos, J.'      4 ? 
primary 'Verwoerd, P.M.'  5 ? 
primary 'Stayrook, S.E.'  6 ? 
primary 'Pavletich, N.P.' 7 ? 
primary 'Jeffrey, P.D.'   8 ? 
primary 'Luca, F.C.'      9 ? 
# 
loop_
_entity.id 
_entity.type 
_entity.src_method 
_entity.pdbx_description 
_entity.formula_weight 
_entity.pdbx_number_of_molecules 
_entity.pdbx_ec 
_entity.pdbx_mutation 
_entity.pdbx_fragment 
_entity.details 
1 polymer     man Mob1A      21528.639 1  ? ? 'sequence database residues 33-216' ? 
2 non-polymer syn 'ZINC ION' 65.409    1  ? ? ?                                   ? 
3 water       nat water      18.015    89 ? ? ?                                   ? 
# 
_entity_poly.entity_id                      1 
_entity_poly.type                           'polypeptide(L)' 
_entity_poly.nstd_linkage                   no 
_entity_poly.nstd_monomer                   no 
_entity_poly.pdbx_seq_one_letter_code       
;MEATLGSGNLRQAVMLPEGEDLNEWIAVNTVDFFNQINMLYGTITEFCTEASCPVMSAGPRYEYHWADGTNIKKPIKCSA
PKYIDYLMTWVQDQLDDETLFPSKIGVPFPKNFMSVAKTILKRLFRVYAHIYHQHFDSVMQLQEEAHLNTSFKHFIFFVQ
EFNLIDRRELAPLQELIEKLGSKDR
;
_entity_poly.pdbx_seq_one_letter_code_can   
;MEATLGSGNLRQAVMLPEGEDLNEWIAVNTVDFFNQINMLYGTITEFCTEASCPVMSAGPRYEYHWADGTNIKKPIKCSA
PKYIDYLMTWVQDQLDDETLFPSKIGVPFPKNFMSVAKTILKRLFRVYAHIYHQHFDSVMQLQEEAHLNTSFKHFIFFVQ
EFNLIDRRELAPLQELIEKLGSKDR
;
_entity_poly.pdbx_strand_id                 A 
_entity_poly.pdbx_target_identifier         ? 
# 
loop_
_pdbx_entity_nonpoly.entity_id 
_pdbx_entity_nonpoly.name 
_pdbx_entity_nonpoly.comp_id 
2 'ZINC ION' ZN  
3 water      HOH 
# 
loop_
_entity_poly_seq.entity_id 
_entity_poly_seq.num 
_entity_poly_seq.mon_id 
_entity_poly_seq.hetero 
1 1   MET n 
1 2   GLU n 
1 3   ALA n 
1 4   THR n 
1 5   LEU n 
1 6   GLY n 
1 7   SER n 
1 8   GLY n 
1 9   ASN n 
1 10  LEU n 
1 11  ARG n 
1 12  GLN n 
1 13  ALA n 
1 14  VAL n 
1 15  MET n 
1 16  LEU n 
1 17  PRO n 
1 18  GLU n 
1 19  GLY n 
1 20  GLU n 
1 21  ASP n 
1 22  LEU n 
1 23  ASN n 
1 24  GLU n 
1 25  TRP n 
1 26  ILE n 
1 27  ALA n 
1 28  VAL n 
1 29  ASN n 
1 30  THR n 
1 31  VAL n 
1 32  ASP n 
1 33  PHE n 
1 34  PHE n 
1 35  ASN n 
1 36  GLN n 
1 37  ILE n 
1 38  ASN n 
1 39  MET n 
1 40  LEU n 
1 41  TYR n 
1 42  GLY n 
1 43  THR n 
1 44  ILE n 
1 45  THR n 
1 46  GLU n 
1 47  PHE n 
1 48  CYS n 
1 49  THR n 
1 50  GLU n 
1 51  ALA n 
1 52  SER n 
1 53  CYS n 
1 54  PRO n 
1 55  VAL n 
1 56  MET n 
1 57  SER n 
1 58  ALA n 
1 59  GLY n 
1 60  PRO n 
1 61  ARG n 
1 62  TYR n 
1 63  GLU n 
1 64  TYR n 
1 65  HIS n 
1 66  TRP n 
1 67  ALA n 
1 68  ASP n 
1 69  GLY n 
1 70  THR n 
1 71  ASN n 
1 72  ILE n 
1 73  LYS n 
1 74  LYS n 
1 75  PRO n 
1 76  ILE n 
1 77  LYS n 
1 78  CYS n 
1 79  SER n 
1 80  ALA n 
1 81  PRO n 
1 82  LYS n 
1 83  TYR n 
1 84  ILE n 
1 85  ASP n 
1 86  TYR n 
1 87  LEU n 
1 88  MET n 
1 89  THR n 
1 90  TRP n 
1 91  VAL n 
1 92  GLN n 
1 93  ASP n 
1 94  GLN n 
1 95  LEU n 
1 96  ASP n 
1 97  ASP n 
1 98  GLU n 
1 99  THR n 
1 100 LEU n 
1 101 PHE n 
1 102 PRO n 
1 103 SER n 
1 104 LYS n 
1 105 ILE n 
1 106 GLY n 
1 107 VAL n 
1 108 PRO n 
1 109 PHE n 
1 110 PRO n 
1 111 LYS n 
1 112 ASN n 
1 113 PHE n 
1 114 MET n 
1 115 SER n 
1 116 VAL n 
1 117 ALA n 
1 118 LYS n 
1 119 THR n 
1 120 ILE n 
1 121 LEU n 
1 122 LYS n 
1 123 ARG n 
1 124 LEU n 
1 125 PHE n 
1 126 ARG n 
1 127 VAL n 
1 128 TYR n 
1 129 ALA n 
1 130 HIS n 
1 131 ILE n 
1 132 TYR n 
1 133 HIS n 
1 134 GLN n 
1 135 HIS n 
1 136 PHE n 
1 137 ASP n 
1 138 SER n 
1 139 VAL n 
1 140 MET n 
1 141 GLN n 
1 142 LEU n 
1 143 GLN n 
1 144 GLU n 
1 145 GLU n 
1 146 ALA n 
1 147 HIS n 
1 148 LEU n 
1 149 ASN n 
1 150 THR n 
1 151 SER n 
1 152 PHE n 
1 153 LYS n 
1 154 HIS n 
1 155 PHE n 
1 156 ILE n 
1 157 PHE n 
1 158 PHE n 
1 159 VAL n 
1 160 GLN n 
1 161 GLU n 
1 162 PHE n 
1 163 ASN n 
1 164 LEU n 
1 165 ILE n 
1 166 ASP n 
1 167 ARG n 
1 168 ARG n 
1 169 GLU n 
1 170 LEU n 
1 171 ALA n 
1 172 PRO n 
1 173 LEU n 
1 174 GLN n 
1 175 GLU n 
1 176 LEU n 
1 177 ILE n 
1 178 GLU n 
1 179 LYS n 
1 180 LEU n 
1 181 GLY n 
1 182 SER n 
1 183 LYS n 
1 184 ASP n 
1 185 ARG n 
# 
_entity_src_gen.entity_id                          1 
_entity_src_gen.pdbx_src_id                        1 
_entity_src_gen.pdbx_alt_source_flag               sample 
_entity_src_gen.pdbx_seq_type                      ? 
_entity_src_gen.pdbx_beg_seq_num                   ? 
_entity_src_gen.pdbx_end_seq_num                   ? 
_entity_src_gen.gene_src_common_name               human 
_entity_src_gen.gene_src_genus                     Homo 
_entity_src_gen.pdbx_gene_src_gene                 Mob1A 
_entity_src_gen.gene_src_species                   ? 
_entity_src_gen.gene_src_strain                    ? 
_entity_src_gen.gene_src_tissue                    ? 
_entity_src_gen.gene_src_tissue_fraction           ? 
_entity_src_gen.gene_src_details                   ? 
_entity_src_gen.pdbx_gene_src_fragment             ? 
_entity_src_gen.pdbx_gene_src_scientific_name      'Homo sapiens' 
_entity_src_gen.pdbx_gene_src_ncbi_taxonomy_id     9606 
_entity_src_gen.pdbx_gene_src_variant              ? 
_entity_src_gen.pdbx_gene_src_cell_line            ? 
_entity_src_gen.pdbx_gene_src_atcc                 ? 
_entity_src_gen.pdbx_gene_src_organ                ? 
_entity_src_gen.pdbx_gene_src_organelle            ? 
_entity_src_gen.pdbx_gene_src_cell                 ? 
_entity_src_gen.pdbx_gene_src_cellular_location    ? 
_entity_src_gen.host_org_common_name               ? 
_entity_src_gen.pdbx_host_org_scientific_name      'Escherichia coli BL21' 
_entity_src_gen.pdbx_host_org_ncbi_taxonomy_id     511693 
_entity_src_gen.host_org_genus                     Escherichia 
_entity_src_gen.pdbx_host_org_gene                 ? 
_entity_src_gen.pdbx_host_org_organ                ? 
_entity_src_gen.host_org_species                   'Escherichia coli' 
_entity_src_gen.pdbx_host_org_tissue               ? 
_entity_src_gen.pdbx_host_org_tissue_fraction      ? 
_entity_src_gen.pdbx_host_org_strain               BL21 
_entity_src_gen.pdbx_host_org_variant              ? 
_entity_src_gen.pdbx_host_org_cell_line            ? 
_entity_src_gen.pdbx_host_org_atcc                 ? 
_entity_src_gen.pdbx_host_org_culture_collection   ? 
_entity_src_gen.pdbx_host_org_cell                 ? 
_entity_src_gen.pdbx_host_org_organelle            ? 
_entity_src_gen.pdbx_host_org_cellular_location    ? 
_entity_src_gen.pdbx_host_org_vector_type          PLASMID 
_entity_src_gen.pdbx_host_org_vector               ? 
_entity_src_gen.host_org_details                   ? 
_entity_src_gen.expression_system_id               ? 
_entity_src_gen.plasmid_name                       pT5T 
_entity_src_gen.plasmid_details                    ? 
_entity_src_gen.pdbx_description                   ? 
# 
loop_
_chem_comp.id 
_chem_comp.type 
_chem_comp.mon_nstd_flag 
_chem_comp.name 
_chem_comp.pdbx_synonyms 
_chem_comp.formula 
_chem_comp.formula_weight 
ALA 'L-peptide linking' y ALANINE         ? 'C3 H7 N O2'     89.093  
ARG 'L-peptide linking' y ARGININE        ? 'C6 H15 N4 O2 1' 175.209 
ASN 'L-peptide linking' y ASPARAGINE      ? 'C4 H8 N2 O3'    132.118 
ASP 'L-peptide linking' y 'ASPARTIC ACID' ? 'C4 H7 N O4'     133.103 
CYS 'L-peptide linking' y CYSTEINE        ? 'C3 H7 N O2 S'   121.158 
GLN 'L-peptide linking' y GLUTAMINE       ? 'C5 H10 N2 O3'   146.144 
GLU 'L-peptide linking' y 'GLUTAMIC ACID' ? 'C5 H9 N O4'     147.129 
GLY 'peptide linking'   y GLYCINE         ? 'C2 H5 N O2'     75.067  
HIS 'L-peptide linking' y HISTIDINE       ? 'C6 H10 N3 O2 1' 156.162 
HOH non-polymer         . WATER           ? 'H2 O'           18.015  
ILE 'L-peptide linking' y ISOLEUCINE      ? 'C6 H13 N O2'    131.173 
LEU 'L-peptide linking' y LEUCINE         ? 'C6 H13 N O2'    131.173 
LYS 'L-peptide linking' y LYSINE          ? 'C6 H15 N2 O2 1' 147.195 
MET 'L-peptide linking' y METHIONINE      ? 'C5 H11 N O2 S'  149.211 
PHE 'L-peptide linking' y PHENYLALANINE   ? 'C9 H11 N O2'    165.189 
PRO 'L-peptide linking' y PROLINE         ? 'C5 H9 N O2'     115.130 
SER 'L-peptide linking' y SERINE          ? 'C3 H7 N O3'     105.093 
THR 'L-peptide linking' y THREONINE       ? 'C4 H9 N O3'     119.119 
TRP 'L-peptide linking' y TRYPTOPHAN      ? 'C11 H12 N2 O2'  204.225 
TYR 'L-peptide linking' y TYROSINE        ? 'C9 H11 N O3'    181.189 
VAL 'L-peptide linking' y VALINE          ? 'C5 H11 N O2'    117.146 
ZN  non-polymer         . 'ZINC ION'      ? 'Zn 2'           65.409  
# 
loop_
_pdbx_poly_seq_scheme.asym_id 
_pdbx_poly_seq_scheme.entity_id 
_pdbx_poly_seq_scheme.seq_id 
_pdbx_poly_seq_scheme.mon_id 
_pdbx_poly_seq_scheme.ndb_seq_num 
_pdbx_poly_seq_scheme.pdb_seq_num 
_pdbx_poly_seq_scheme.auth_seq_num 
_pdbx_poly_seq_scheme.pdb_mon_id 
_pdbx_poly_seq_scheme.auth_mon_id 
_pdbx_poly_seq_scheme.pdb_strand_id 
_pdbx_poly_seq_scheme.pdb_ins_code 
_pdbx_poly_seq_scheme.hetero 
A 1 1   MET 1   11  11  MET MET A . n 
A 1 2   GLU 2   12  12  GLU GLU A . n 
A 1 3   ALA 3   13  13  ALA ALA A . n 
A 1 4   THR 4   14  14  THR THR A . n 
A 1 5   LEU 5   15  15  LEU LEU A . n 
A 1 6   GLY 6   16  16  GLY GLY A . n 
A 1 7   SER 7   17  17  SER SER A . n 
A 1 8   GLY 8   18  18  GLY GLY A . n 
A 1 9   ASN 9   19  19  ASN ASN A . n 
A 1 10  LEU 10  20  20  LEU LEU A . n 
A 1 11  ARG 11  21  21  ARG ARG A . n 
A 1 12  GLN 12  22  22  GLN GLN A . n 
A 1 13  ALA 13  23  23  ALA ALA A . n 
A 1 14  VAL 14  24  24  VAL VAL A . n 
A 1 15  MET 15  25  25  MET MET A . n 
A 1 16  LEU 16  26  26  LEU LEU A . n 
A 1 17  PRO 17  27  27  PRO PRO A . n 
A 1 18  GLU 18  28  28  GLU GLU A . n 
A 1 19  GLY 19  29  29  GLY GLY A . n 
A 1 20  GLU 20  30  30  GLU GLU A . n 
A 1 21  ASP 21  31  31  ASP ASP A . n 
A 1 22  LEU 22  32  32  LEU LEU A . n 
A 1 23  ASN 23  33  33  ASN ASN A . n 
A 1 24  GLU 24  34  34  GLU GLU A . n 
A 1 25  TRP 25  35  35  TRP TRP A . n 
A 1 26  ILE 26  36  36  ILE ILE A . n 
A 1 27  ALA 27  37  37  ALA ALA A . n 
A 1 28  VAL 28  38  38  VAL VAL A . n 
A 1 29  ASN 29  39  39  ASN ASN A . n 
A 1 30  THR 30  40  40  THR THR A . n 
A 1 31  VAL 31  41  41  VAL VAL A . n 
A 1 32  ASP 32  42  42  ASP ASP A . n 
A 1 33  PHE 33  43  43  PHE PHE A . n 
A 1 34  PHE 34  44  44  PHE PHE A . n 
A 1 35  ASN 35  45  45  ASN ASN A . n 
A 1 36  GLN 36  46  46  GLN GLN A . n 
A 1 37  ILE 37  47  47  ILE ILE A . n 
A 1 38  ASN 38  48  48  ASN ASN A . n 
A 1 39  MET 39  49  49  MET MET A . n 
A 1 40  LEU 40  50  50  LEU LEU A . n 
A 1 41  TYR 41  51  51  TYR TYR A . n 
A 1 42  GLY 42  52  52  GLY GLY A . n 
A 1 43  THR 43  53  53  THR THR A . n 
A 1 44  ILE 44  54  54  ILE ILE A . n 
A 1 45  THR 45  55  55  THR THR A . n 
A 1 46  GLU 46  56  56  GLU GLU A . n 
A 1 47  PHE 47  57  57  PHE PHE A . n 
A 1 48  CYS 48  58  58  CYS CYS A . n 
A 1 49  THR 49  59  59  THR THR A . n 
A 1 50  GLU 50  60  60  GLU GLU A . n 
A 1 51  ALA 51  61  61  ALA ALA A . n 
A 1 52  SER 52  62  62  SER SER A . n 
A 1 53  CYS 53  63  63  CYS CYS A . n 
A 1 54  PRO 54  64  64  PRO PRO A . n 
A 1 55  VAL 55  65  65  VAL VAL A . n 
A 1 56  MET 56  66  66  MET MET A . n 
A 1 57  SER 57  67  67  SER SER A . n 
A 1 58  ALA 58  68  68  ALA ALA A . n 
A 1 59  GLY 59  69  69  GLY GLY A . n 
A 1 60  PRO 60  70  70  PRO PRO A . n 
A 1 61  ARG 61  71  71  ARG ARG A . n 
A 1 62  TYR 62  72  72  TYR TYR A . n 
A 1 63  GLU 63  73  73  GLU GLU A . n 
A 1 64  TYR 64  74  74  TYR TYR A . n 
A 1 65  HIS 65  75  75  HIS HIS A . n 
A 1 66  TRP 66  76  76  TRP TRP A . n 
A 1 67  ALA 67  77  77  ALA ALA A . n 
A 1 68  ASP 68  78  78  ASP ASP A . n 
A 1 69  GLY 69  79  79  GLY GLY A . n 
A 1 70  THR 70  80  80  THR THR A . n 
A 1 71  ASN 71  81  81  ASN ASN A . n 
A 1 72  ILE 72  82  82  ILE ILE A . n 
A 1 73  LYS 73  83  83  LYS LYS A . n 
A 1 74  LYS 74  84  84  LYS LYS A . n 
A 1 75  PRO 75  85  85  PRO PRO A . n 
A 1 76  ILE 76  86  86  ILE ILE A . n 
A 1 77  LYS 77  87  87  LYS LYS A . n 
A 1 78  CYS 78  88  88  CYS CYS A . n 
A 1 79  SER 79  89  89  SER SER A . n 
A 1 80  ALA 80  90  90  ALA ALA A . n 
A 1 81  PRO 81  91  91  PRO PRO A . n 
A 1 82  LYS 82  92  92  LYS LYS A . n 
A 1 83  TYR 83  93  93  TYR TYR A . n 
A 1 84  ILE 84  94  94  ILE ILE A . n 
A 1 85  ASP 85  95  95  ASP ASP A . n 
A 1 86  TYR 86  96  96  TYR TYR A . n 
A 1 87  LEU 87  97  97  LEU LEU A . n 
A 1 88  MET 88  98  98  MET MET A . n 
A 1 89  THR 89  99  99  THR THR A . n 
A 1 90  TRP 90  100 100 TRP TRP A . n 
A 1 91  VAL 91  101 101 VAL VAL A . n 
A 1 92  GLN 92  102 102 GLN GLN A . n 
A 1 93  ASP 93  103 103 ASP ASP A . n 
A 1 94  GLN 94  104 104 GLN GLN A . n 
A 1 95  LEU 95  105 105 LEU LEU A . n 
A 1 96  ASP 96  106 106 ASP ASP A . n 
A 1 97  ASP 97  107 107 ASP ASP A . n 
A 1 98  GLU 98  108 108 GLU GLU A . n 
A 1 99  THR 99  109 109 THR THR A . n 
A 1 100 LEU 100 110 110 LEU LEU A . n 
A 1 101 PHE 101 111 111 PHE PHE A . n 
A 1 102 PRO 102 112 112 PRO PRO A . n 
A 1 103 SER 103 113 113 SER SER A . n 
A 1 104 LYS 104 114 114 LYS LYS A . n 
A 1 105 ILE 105 115 115 ILE ILE A . n 
A 1 106 GLY 106 116 116 GLY GLY A . n 
A 1 107 VAL 107 117 117 VAL VAL A . n 
A 1 108 PRO 108 118 118 PRO PRO A . n 
A 1 109 PHE 109 119 119 PHE PHE A . n 
A 1 110 PRO 110 120 120 PRO PRO A . n 
A 1 111 LYS 111 121 121 LYS LYS A . n 
A 1 112 ASN 112 122 122 ASN ASN A . n 
A 1 113 PHE 113 123 123 PHE PHE A . n 
A 1 114 MET 114 124 124 MET MET A . n 
A 1 115 SER 115 125 125 SER SER A . n 
A 1 116 VAL 116 126 126 VAL VAL A . n 
A 1 117 ALA 117 127 127 ALA ALA A . n 
A 1 118 LYS 118 128 128 LYS LYS A . n 
A 1 119 THR 119 129 129 THR THR A . n 
A 1 120 ILE 120 130 130 ILE ILE A . n 
A 1 121 LEU 121 131 131 LEU LEU A . n 
A 1 122 LYS 122 132 132 LYS LYS A . n 
A 1 123 ARG 123 133 133 ARG ARG A . n 
A 1 124 LEU 124 134 134 LEU LEU A . n 
A 1 125 PHE 125 135 135 PHE PHE A . n 
A 1 126 ARG 126 136 136 ARG ARG A . n 
A 1 127 VAL 127 137 137 VAL VAL A . n 
A 1 128 TYR 128 138 138 TYR TYR A . n 
A 1 129 ALA 129 139 139 ALA ALA A . n 
A 1 130 HIS 130 140 140 HIS HIS A . n 
A 1 131 ILE 131 141 141 ILE ILE A . n 
A 1 132 TYR 132 142 142 TYR TYR A . n 
A 1 133 HIS 133 143 143 HIS HIS A . n 
A 1 134 GLN 134 144 144 GLN GLN A . n 
A 1 135 HIS 135 145 145 HIS HIS A . n 
A 1 136 PHE 136 146 146 PHE PHE A . n 
A 1 137 ASP 137 147 147 ASP ASP A . n 
A 1 138 SER 138 148 148 SER SER A . n 
A 1 139 VAL 139 149 149 VAL VAL A . n 
A 1 140 MET 140 150 150 MET MET A . n 
A 1 141 GLN 141 151 151 GLN GLN A . n 
A 1 142 LEU 142 152 152 LEU LEU A . n 
A 1 143 GLN 143 153 153 GLN GLN A . n 
A 1 144 GLU 144 154 154 GLU GLU A . n 
A 1 145 GLU 145 155 155 GLU GLU A . n 
A 1 146 ALA 146 156 156 ALA ALA A . n 
A 1 147 HIS 147 157 157 HIS HIS A . n 
A 1 148 LEU 148 158 158 LEU LEU A . n 
A 1 149 ASN 149 159 159 ASN ASN A . n 
A 1 150 THR 150 160 160 THR THR A . n 
A 1 151 SER 151 161 161 SER SER A . n 
A 1 152 PHE 152 162 162 PHE PHE A . n 
A 1 153 LYS 153 163 163 LYS LYS A . n 
A 1 154 HIS 154 164 164 HIS HIS A . n 
A 1 155 PHE 155 165 165 PHE PHE A . n 
A 1 156 ILE 156 166 166 ILE ILE A . n 
A 1 157 PHE 157 167 167 PHE PHE A . n 
A 1 158 PHE 158 168 168 PHE PHE A . n 
A 1 159 VAL 159 169 169 VAL VAL A . n 
A 1 160 GLN 160 170 170 GLN GLN A . n 
A 1 161 GLU 161 171 171 GLU GLU A . n 
A 1 162 PHE 162 172 172 PHE PHE A . n 
A 1 163 ASN 163 173 173 ASN ASN A . n 
A 1 164 LEU 164 174 174 LEU LEU A . n 
A 1 165 ILE 165 175 175 ILE ILE A . n 
A 1 166 ASP 166 176 176 ASP ASP A . n 
A 1 167 ARG 167 177 177 ARG ARG A . n 
A 1 168 ARG 168 178 178 ARG ARG A . n 
A 1 169 GLU 169 179 179 GLU GLU A . n 
A 1 170 LEU 170 180 180 LEU LEU A . n 
A 1 171 ALA 171 181 181 ALA ALA A . n 
A 1 172 PRO 172 182 182 PRO PRO A . n 
A 1 173 LEU 173 183 183 LEU LEU A . n 
A 1 174 GLN 174 184 184 GLN GLN A . n 
A 1 175 GLU 175 185 185 GLU GLU A . n 
A 1 176 LEU 176 186 186 LEU LEU A . n 
A 1 177 ILE 177 187 187 ILE ILE A . n 
A 1 178 GLU 178 188 188 GLU GLU A . n 
A 1 179 LYS 179 189 189 LYS LYS A . n 
A 1 180 LEU 180 190 190 LEU LEU A . n 
A 1 181 GLY 181 191 191 GLY GLY A . n 
A 1 182 SER 182 192 192 SER SER A . n 
A 1 183 LYS 183 193 193 LYS LYS A . n 
A 1 184 ASP 184 194 194 ASP ASP A . n 
A 1 185 ARG 185 195 195 ARG ARG A . n 
# 
loop_
_pdbx_nonpoly_scheme.asym_id 
_pdbx_nonpoly_scheme.entity_id 
_pdbx_nonpoly_scheme.mon_id 
_pdbx_nonpoly_scheme.ndb_seq_num 
_pdbx_nonpoly_scheme.pdb_seq_num 
_pdbx_nonpoly_scheme.auth_seq_num 
_pdbx_nonpoly_scheme.pdb_mon_id 
_pdbx_nonpoly_scheme.auth_mon_id 
_pdbx_nonpoly_scheme.pdb_strand_id 
_pdbx_nonpoly_scheme.pdb_ins_code 
B 2 ZN  1  196 1  ZN  ZN2 A . 
C 3 HOH 1  197 1  HOH TIP A . 
C 3 HOH 2  198 2  HOH TIP A . 
C 3 HOH 3  199 3  HOH TIP A . 
C 3 HOH 4  200 4  HOH TIP A . 
C 3 HOH 5  201 5  HOH TIP A . 
C 3 HOH 6  202 6  HOH TIP A . 
C 3 HOH 7  203 7  HOH TIP A . 
C 3 HOH 8  204 8  HOH TIP A . 
C 3 HOH 9  205 9  HOH TIP A . 
C 3 HOH 10 206 10 HOH TIP A . 
C 3 HOH 11 207 11 HOH TIP A . 
C 3 HOH 12 208 12 HOH TIP A . 
C 3 HOH 13 209 13 HOH TIP A . 
C 3 HOH 14 210 14 HOH TIP A . 
C 3 HOH 15 211 15 HOH TIP A . 
C 3 HOH 16 212 16 HOH TIP A . 
C 3 HOH 17 213 17 HOH TIP A . 
C 3 HOH 18 214 18 HOH TIP A . 
C 3 HOH 19 215 19 HOH TIP A . 
C 3 HOH 20 216 20 HOH TIP A . 
C 3 HOH 21 217 21 HOH TIP A . 
C 3 HOH 22 218 22 HOH TIP A . 
C 3 HOH 23 219 23 HOH TIP A . 
C 3 HOH 24 220 24 HOH TIP A . 
C 3 HOH 25 221 25 HOH TIP A . 
C 3 HOH 26 222 26 HOH TIP A . 
C 3 HOH 27 223 27 HOH TIP A . 
C 3 HOH 28 224 28 HOH TIP A . 
C 3 HOH 29 225 29 HOH TIP A . 
C 3 HOH 30 226 30 HOH TIP A . 
C 3 HOH 31 227 31 HOH TIP A . 
C 3 HOH 32 228 32 HOH TIP A . 
C 3 HOH 33 229 33 HOH TIP A . 
C 3 HOH 34 230 34 HOH TIP A . 
C 3 HOH 35 231 35 HOH TIP A . 
C 3 HOH 36 232 36 HOH TIP A . 
C 3 HOH 37 233 37 HOH TIP A . 
C 3 HOH 38 234 38 HOH TIP A . 
C 3 HOH 39 235 39 HOH TIP A . 
C 3 HOH 40 236 40 HOH TIP A . 
C 3 HOH 41 237 41 HOH TIP A . 
C 3 HOH 42 238 42 HOH TIP A . 
C 3 HOH 43 239 43 HOH TIP A . 
C 3 HOH 44 240 44 HOH TIP A . 
C 3 HOH 45 241 45 HOH TIP A . 
C 3 HOH 46 242 46 HOH TIP A . 
C 3 HOH 47 243 47 HOH TIP A . 
C 3 HOH 48 244 48 HOH TIP A . 
C 3 HOH 49 245 49 HOH TIP A . 
C 3 HOH 50 246 50 HOH TIP A . 
C 3 HOH 51 247 51 HOH TIP A . 
C 3 HOH 52 248 52 HOH TIP A . 
C 3 HOH 53 249 53 HOH TIP A . 
C 3 HOH 54 250 54 HOH TIP A . 
C 3 HOH 55 251 55 HOH TIP A . 
C 3 HOH 56 252 56 HOH TIP A . 
C 3 HOH 57 253 57 HOH TIP A . 
C 3 HOH 58 254 58 HOH TIP A . 
C 3 HOH 59 255 59 HOH TIP A . 
C 3 HOH 60 256 60 HOH TIP A . 
C 3 HOH 61 257 61 HOH TIP A . 
C 3 HOH 62 258 62 HOH TIP A . 
C 3 HOH 63 259 63 HOH TIP A . 
C 3 HOH 64 260 64 HOH TIP A . 
C 3 HOH 65 261 65 HOH TIP A . 
C 3 HOH 66 262 66 HOH TIP A . 
C 3 HOH 67 263 67 HOH TIP A . 
C 3 HOH 68 264 68 HOH TIP A . 
C 3 HOH 69 265 69 HOH TIP A . 
C 3 HOH 70 266 70 HOH TIP A . 
C 3 HOH 71 267 71 HOH TIP A . 
C 3 HOH 72 268 72 HOH TIP A . 
C 3 HOH 73 269 73 HOH TIP A . 
C 3 HOH 74 270 74 HOH TIP A . 
C 3 HOH 75 271 75 HOH TIP A . 
C 3 HOH 76 272 76 HOH TIP A . 
C 3 HOH 77 273 77 HOH TIP A . 
C 3 HOH 78 274 78 HOH TIP A . 
C 3 HOH 79 275 79 HOH TIP A . 
C 3 HOH 80 276 80 HOH TIP A . 
C 3 HOH 81 277 81 HOH TIP A . 
C 3 HOH 82 278 82 HOH TIP A . 
C 3 HOH 83 279 83 HOH TIP A . 
C 3 HOH 84 280 84 HOH TIP A . 
C 3 HOH 85 281 85 HOH TIP A . 
C 3 HOH 86 282 86 HOH TIP A . 
C 3 HOH 87 283 87 HOH TIP A . 
C 3 HOH 88 284 88 HOH TIP A . 
C 3 HOH 89 285 89 HOH TIP A . 
# 
loop_
_software.name 
_software.classification 
_software.version 
_software.citation_id 
_software.pdbx_ordinal 
HKL-2000  'data collection' . ? 1 
SCALEPACK 'data scaling'    . ? 2 
MLPHARE   phasing           . ? 3 
CNS       refinement        . ? 4 
HKL-2000  'data reduction'  . ? 5 
# 
_cell.entry_id           1PI1 
_cell.length_a           67.676 
_cell.length_b           67.676 
_cell.length_c           95.595 
_cell.angle_alpha        90.00 
_cell.angle_beta         90.00 
_cell.angle_gamma        120.00 
_cell.Z_PDB              6 
_cell.pdbx_unique_axis   ? 
# 
_symmetry.entry_id                         1PI1 
_symmetry.space_group_name_H-M             'P 32 2 1' 
_symmetry.pdbx_full_space_group_name_H-M   ? 
_symmetry.cell_setting                     ? 
_symmetry.Int_Tables_number                154 
# 
_exptl.entry_id          1PI1 
_exptl.method            'X-RAY DIFFRACTION' 
_exptl.crystals_number   1 
# 
_exptl_crystal.id                    1 
_exptl_crystal.density_meas          ? 
_exptl_crystal.density_Matthews      2.93 
_exptl_crystal.density_percent_sol   58.08 
_exptl_crystal.description           ? 
# 
_exptl_crystal_grow.crystal_id      1 
_exptl_crystal_grow.method          'VAPOR DIFFUSION, HANGING DROP' 
_exptl_crystal_grow.temp            298 
_exptl_crystal_grow.temp_details    ? 
_exptl_crystal_grow.pH              6.8 
_exptl_crystal_grow.pdbx_details    
'Sodium Citrate, Bis-Tris Propane, isopropanol, DTT, pH 6.8, VAPOR DIFFUSION, HANGING DROP, temperature 298K' 
_exptl_crystal_grow.pdbx_pH_range   . 
# 
_diffrn.id                     1 
_diffrn.ambient_temp           113 
_diffrn.ambient_temp_details   ? 
_diffrn.crystal_id             1 
# 
_diffrn_detector.diffrn_id              1 
_diffrn_detector.detector               CCD 
_diffrn_detector.type                   'ADSC QUANTUM 4' 
_diffrn_detector.pdbx_collection_date   2002-06-12 
_diffrn_detector.details                ? 
# 
_diffrn_radiation.diffrn_id                        1 
_diffrn_radiation.wavelength_id                    1 
_diffrn_radiation.pdbx_monochromatic_or_laue_m_l   M 
_diffrn_radiation.monochromator                    'Si(111)' 
_diffrn_radiation.pdbx_diffrn_protocol             MAD 
_diffrn_radiation.pdbx_scattering_type             x-ray 
# 
loop_
_diffrn_radiation_wavelength.id 
_diffrn_radiation_wavelength.wavelength 
_diffrn_radiation_wavelength.wt 
1 0.979 1.0 
2 0.964 1.0 
# 
_diffrn_source.diffrn_id                   1 
_diffrn_source.source                      SYNCHROTRON 
_diffrn_source.type                        'NSLS BEAMLINE X9A' 
_diffrn_source.pdbx_synchrotron_site       NSLS 
_diffrn_source.pdbx_synchrotron_beamline   X9A 
_diffrn_source.pdbx_wavelength             ? 
_diffrn_source.pdbx_wavelength_list        '0.979, 0.979, 0.964' 
# 
_reflns.entry_id                     1PI1 
_reflns.observed_criterion_sigma_F   -3. 
_reflns.observed_criterion_sigma_I   -3. 
_reflns.d_resolution_high            2.0 
_reflns.d_resolution_low             25.0 
_reflns.number_all                   18029 
_reflns.number_obs                   17488 
_reflns.percent_possible_obs         99.7 
_reflns.pdbx_Rmerge_I_obs            ? 
_reflns.pdbx_Rsym_value              0.084 
_reflns.pdbx_netI_over_sigmaI        ? 
_reflns.B_iso_Wilson_estimate        ? 
_reflns.pdbx_redundancy              6.5 
_reflns.R_free_details               ? 
_reflns.limit_h_max                  ? 
_reflns.limit_h_min                  ? 
_reflns.limit_k_max                  ? 
_reflns.limit_k_min                  ? 
_reflns.limit_l_max                  ? 
_reflns.limit_l_min                  ? 
_reflns.observed_criterion_F_max     ? 
_reflns.observed_criterion_F_min     ? 
_reflns.pdbx_diffrn_id               1 
_reflns.pdbx_ordinal                 1 
# 
_reflns_shell.d_res_high             2.00 
_reflns_shell.d_res_low              2.07 
_reflns_shell.percent_possible_all   99.9 
_reflns_shell.Rmerge_I_obs           ? 
_reflns_shell.pdbx_Rsym_value        0.273 
_reflns_shell.meanI_over_sigI_obs    ? 
_reflns_shell.pdbx_redundancy        ? 
_reflns_shell.percent_possible_obs   ? 
_reflns_shell.number_unique_all      ? 
_reflns_shell.pdbx_diffrn_id         ? 
_reflns_shell.pdbx_ordinal           1 
# 
_refine.entry_id                                 1PI1 
_refine.ls_d_res_high                            2.0 
_refine.ls_d_res_low                             25.0 
_refine.pdbx_ls_sigma_F                          0 
_refine.pdbx_ls_sigma_I                          ? 
_refine.ls_number_reflns_all                     17445 
_refine.ls_number_reflns_obs                     17445 
_refine.ls_number_reflns_R_free                  886 
_refine.ls_percent_reflns_obs                    99.0 
_refine.ls_R_factor_all                          0.207 
_refine.ls_R_factor_obs                          0.207 
_refine.ls_R_factor_R_work                       0.205 
_refine.ls_R_factor_R_free                       0.242 
_refine.ls_redundancy_reflns_obs                 ? 
_refine.pdbx_data_cutoff_high_absF               ? 
_refine.pdbx_data_cutoff_low_absF                ? 
_refine.ls_number_parameters                     ? 
_refine.ls_number_restraints                     ? 
_refine.ls_percent_reflns_R_free                 ? 
_refine.ls_R_factor_R_free_error                 ? 
_refine.ls_R_factor_R_free_error_details         ? 
_refine.pdbx_method_to_determine_struct          MAD 
_refine.pdbx_starting_model                      ? 
_refine.pdbx_ls_cross_valid_method               ? 
_refine.pdbx_R_Free_selection_details            'random 5%' 
_refine.pdbx_stereochem_target_val_spec_case     ? 
_refine.pdbx_stereochemistry_target_values       'Engh & Huber' 
_refine.solvent_model_details                    ? 
_refine.solvent_model_param_bsol                 ? 
_refine.solvent_model_param_ksol                 ? 
_refine.occupancy_max                            ? 
_refine.occupancy_min                            ? 
_refine.pdbx_isotropic_thermal_model             'restrained isotropic' 
_refine.B_iso_mean                               ? 
_refine.aniso_B[1][1]                            ? 
_refine.aniso_B[1][2]                            ? 
_refine.aniso_B[1][3]                            ? 
_refine.aniso_B[2][2]                            ? 
_refine.aniso_B[2][3]                            ? 
_refine.aniso_B[3][3]                            ? 
_refine.details                                  ? 
_refine.B_iso_min                                ? 
_refine.B_iso_max                                ? 
_refine.correlation_coeff_Fo_to_Fc               ? 
_refine.correlation_coeff_Fo_to_Fc_free          ? 
_refine.pdbx_solvent_vdw_probe_radii             ? 
_refine.pdbx_solvent_ion_probe_radii             ? 
_refine.pdbx_solvent_shrinkage_radii             ? 
_refine.overall_SU_R_Cruickshank_DPI             ? 
_refine.overall_SU_R_free                        ? 
_refine.overall_SU_B                             ? 
_refine.overall_SU_ML                            ? 
_refine.pdbx_overall_ESU_R                       ? 
_refine.pdbx_overall_ESU_R_Free                  ? 
_refine.pdbx_data_cutoff_high_rms_absF           ? 
_refine.pdbx_refine_id                           'X-RAY DIFFRACTION' 
_refine.pdbx_diffrn_id                           1 
_refine.pdbx_TLS_residual_ADP_flag               ? 
_refine.pdbx_overall_phase_error                 ? 
_refine.pdbx_overall_SU_R_free_Cruickshank_DPI   ? 
_refine.pdbx_overall_SU_R_Blow_DPI               ? 
_refine.pdbx_overall_SU_R_free_Blow_DPI          ? 
# 
_refine_hist.pdbx_refine_id                   'X-RAY DIFFRACTION' 
_refine_hist.cycle_id                         LAST 
_refine_hist.pdbx_number_atoms_protein        1515 
_refine_hist.pdbx_number_atoms_nucleic_acid   0 
_refine_hist.pdbx_number_atoms_ligand         1 
_refine_hist.number_atoms_solvent             89 
_refine_hist.number_atoms_total               1605 
_refine_hist.d_res_high                       2.0 
_refine_hist.d_res_low                        25.0 
# 
loop_
_refine_ls_restr.type 
_refine_ls_restr.dev_ideal 
_refine_ls_restr.dev_ideal_target 
_refine_ls_restr.weight 
_refine_ls_restr.number 
_refine_ls_restr.pdbx_refine_id 
_refine_ls_restr.pdbx_restraint_function 
c_angle_d 1.301 ? ? ? 'X-RAY DIFFRACTION' ? 
c_bond_d  0.010 ? ? ? 'X-RAY DIFFRACTION' ? 
# 
_refine_ls_shell.pdbx_total_number_of_bins_used   ? 
_refine_ls_shell.d_res_high                       2.0 
_refine_ls_shell.d_res_low                        25.0 
_refine_ls_shell.number_reflns_R_work             ? 
_refine_ls_shell.R_factor_R_work                  0.205 
_refine_ls_shell.percent_reflns_obs               99.0 
_refine_ls_shell.R_factor_R_free                  0.242 
_refine_ls_shell.R_factor_R_free_error            ? 
_refine_ls_shell.percent_reflns_R_free            ? 
_refine_ls_shell.number_reflns_R_free             ? 
_refine_ls_shell.number_reflns_obs                ? 
_refine_ls_shell.redundancy_reflns_obs            ? 
_refine_ls_shell.number_reflns_all                ? 
_refine_ls_shell.pdbx_refine_id                   'X-RAY DIFFRACTION' 
_refine_ls_shell.R_factor_all                     ? 
# 
_struct.entry_id                  1PI1 
_struct.title                     
'Crystal structure of a human Mob1 protein; toward understanding Mob-regulated cell cycle pathways.' 
_struct.pdbx_model_details        ? 
_struct.pdbx_CASP_flag            ? 
_struct.pdbx_model_type_details   ? 
# 
_struct_keywords.entry_id        1PI1 
_struct_keywords.pdbx_keywords   'CELL CYCLE' 
_struct_keywords.text            'Mob1, mitotic exit network, mitosis, Dbf2, CELL CYCLE' 
# 
loop_
_struct_asym.id 
_struct_asym.pdbx_blank_PDB_chainid_flag 
_struct_asym.pdbx_modified 
_struct_asym.entity_id 
_struct_asym.details 
A N N 1 ? 
B N N 2 ? 
C N N 3 ? 
# 
_struct_ref.id                         1 
_struct_ref.db_name                    UNP 
_struct_ref.db_code                    MOL1B_HUMAN 
_struct_ref.pdbx_db_accession          Q9H8S9 
_struct_ref.entity_id                  1 
_struct_ref.pdbx_seq_one_letter_code   
;EATLGSGNLRQAVMLPEGEDLNEWIAVNTVDFFNQINMLYGTITEFCTEASCPVMSAGPRYEYHWADGTNIKKPIKCSAP
KYIDYLMTWVQDQLDDETLFPSKIGVPFPKNFMSVAKTILKRLFRVYAHIYHQHFDSVMQLQEEAHLNTSFKHFIFFVQE
FNLIDRRELAPLQELIEKLGSKDR
;
_struct_ref.pdbx_align_begin           33 
_struct_ref.pdbx_db_isoform            ? 
# 
_struct_ref_seq.align_id                      1 
_struct_ref_seq.ref_id                        1 
_struct_ref_seq.pdbx_PDB_id_code              1PI1 
_struct_ref_seq.pdbx_strand_id                A 
_struct_ref_seq.seq_align_beg                 2 
_struct_ref_seq.pdbx_seq_align_beg_ins_code   ? 
_struct_ref_seq.seq_align_end                 185 
_struct_ref_seq.pdbx_seq_align_end_ins_code   ? 
_struct_ref_seq.pdbx_db_accession             Q9H8S9 
_struct_ref_seq.db_align_beg                  33 
_struct_ref_seq.pdbx_db_align_beg_ins_code    ? 
_struct_ref_seq.db_align_end                  216 
_struct_ref_seq.pdbx_db_align_end_ins_code    ? 
_struct_ref_seq.pdbx_auth_seq_align_beg       12 
_struct_ref_seq.pdbx_auth_seq_align_end       195 
# 
_struct_ref_seq_dif.align_id                     1 
_struct_ref_seq_dif.pdbx_pdb_id_code             1PI1 
_struct_ref_seq_dif.mon_id                       MET 
_struct_ref_seq_dif.pdbx_pdb_strand_id           A 
_struct_ref_seq_dif.seq_num                      1 
_struct_ref_seq_dif.pdbx_pdb_ins_code            ? 
_struct_ref_seq_dif.pdbx_seq_db_name             UNP 
_struct_ref_seq_dif.pdbx_seq_db_accession_code   Q9H8S9 
_struct_ref_seq_dif.db_mon_id                    ? 
_struct_ref_seq_dif.pdbx_seq_db_seq_num          ? 
_struct_ref_seq_dif.details                      'initiating methionine' 
_struct_ref_seq_dif.pdbx_auth_seq_num            11 
_struct_ref_seq_dif.pdbx_ordinal                 1 
# 
_pdbx_struct_assembly.id                   1 
_pdbx_struct_assembly.details              author_defined_assembly 
_pdbx_struct_assembly.method_details       ? 
_pdbx_struct_assembly.oligomeric_details   monomeric 
_pdbx_struct_assembly.oligomeric_count     1 
# 
_pdbx_struct_assembly_gen.assembly_id       1 
_pdbx_struct_assembly_gen.oper_expression   1 
_pdbx_struct_assembly_gen.asym_id_list      A,B,C 
# 
_pdbx_struct_oper_list.id                   1 
_pdbx_struct_oper_list.type                 'identity operation' 
_pdbx_struct_oper_list.name                 1_555 
_pdbx_struct_oper_list.symmetry_operation   x,y,z 
_pdbx_struct_oper_list.matrix[1][1]         1.0000000000 
_pdbx_struct_oper_list.matrix[1][2]         0.0000000000 
_pdbx_struct_oper_list.matrix[1][3]         0.0000000000 
_pdbx_struct_oper_list.vector[1]            0.0000000000 
_pdbx_struct_oper_list.matrix[2][1]         0.0000000000 
_pdbx_struct_oper_list.matrix[2][2]         1.0000000000 
_pdbx_struct_oper_list.matrix[2][3]         0.0000000000 
_pdbx_struct_oper_list.vector[2]            0.0000000000 
_pdbx_struct_oper_list.matrix[3][1]         0.0000000000 
_pdbx_struct_oper_list.matrix[3][2]         0.0000000000 
_pdbx_struct_oper_list.matrix[3][3]         1.0000000000 
_pdbx_struct_oper_list.vector[3]            0.0000000000 
# 
_struct_biol.id                    1 
_struct_biol.pdbx_parent_biol_id   ? 
_struct_biol.details               ? 
# 
loop_
_struct_conf.conf_type_id 
_struct_conf.id 
_struct_conf.pdbx_PDB_helix_id 
_struct_conf.beg_label_comp_id 
_struct_conf.beg_label_asym_id 
_struct_conf.beg_label_seq_id 
_struct_conf.pdbx_beg_PDB_ins_code 
_struct_conf.end_label_comp_id 
_struct_conf.end_label_asym_id 
_struct_conf.end_label_seq_id 
_struct_conf.pdbx_end_PDB_ins_code 
_struct_conf.beg_auth_comp_id 
_struct_conf.beg_auth_asym_id 
_struct_conf.beg_auth_seq_id 
_struct_conf.end_auth_comp_id 
_struct_conf.end_auth_asym_id 
_struct_conf.end_auth_seq_id 
_struct_conf.pdbx_PDB_helix_class 
_struct_conf.details 
_struct_conf.pdbx_PDB_helix_length 
HELX_P HELX_P1 1 ASN A 9   ? VAL A 14  ? ASN A 19  VAL A 24  1 ? 6  
HELX_P HELX_P2 2 ASP A 21  ? ILE A 44  ? ASP A 31  ILE A 54  1 ? 24 
HELX_P HELX_P3 3 THR A 45  ? CYS A 48  ? THR A 55  CYS A 58  5 ? 4  
HELX_P HELX_P4 4 SER A 79  ? ASP A 96  ? SER A 89  ASP A 106 1 ? 18 
HELX_P HELX_P5 5 ASN A 112 ? LEU A 142 ? ASN A 122 LEU A 152 1 ? 31 
HELX_P HELX_P6 6 GLU A 144 ? ASN A 163 ? GLU A 154 ASN A 173 1 ? 20 
HELX_P HELX_P7 7 ASP A 166 ? PRO A 172 ? ASP A 176 PRO A 182 5 ? 7  
HELX_P HELX_P8 8 LEU A 173 ? LEU A 180 ? LEU A 183 LEU A 190 1 ? 8  
# 
_struct_conf_type.id          HELX_P 
_struct_conf_type.criteria    ? 
_struct_conf_type.reference   ? 
# 
loop_
_struct_conn.id 
_struct_conn.conn_type_id 
_struct_conn.pdbx_leaving_atom_flag 
_struct_conn.pdbx_PDB_id 
_struct_conn.ptnr1_label_asym_id 
_struct_conn.ptnr1_label_comp_id 
_struct_conn.ptnr1_label_seq_id 
_struct_conn.ptnr1_label_atom_id 
_struct_conn.pdbx_ptnr1_label_alt_id 
_struct_conn.pdbx_ptnr1_PDB_ins_code 
_struct_conn.pdbx_ptnr1_standard_comp_id 
_struct_conn.ptnr1_symmetry 
_struct_conn.ptnr2_label_asym_id 
_struct_conn.ptnr2_label_comp_id 
_struct_conn.ptnr2_label_seq_id 
_struct_conn.ptnr2_label_atom_id 
_struct_conn.pdbx_ptnr2_label_alt_id 
_struct_conn.pdbx_ptnr2_PDB_ins_code 
_struct_conn.ptnr1_auth_asym_id 
_struct_conn.ptnr1_auth_comp_id 
_struct_conn.ptnr1_auth_seq_id 
_struct_conn.ptnr2_auth_asym_id 
_struct_conn.ptnr2_auth_comp_id 
_struct_conn.ptnr2_auth_seq_id 
_struct_conn.ptnr2_symmetry 
_struct_conn.pdbx_ptnr3_label_atom_id 
_struct_conn.pdbx_ptnr3_label_seq_id 
_struct_conn.pdbx_ptnr3_label_comp_id 
_struct_conn.pdbx_ptnr3_label_asym_id 
_struct_conn.pdbx_ptnr3_label_alt_id 
_struct_conn.pdbx_ptnr3_PDB_ins_code 
_struct_conn.details 
_struct_conn.pdbx_dist_value 
_struct_conn.pdbx_value_order 
_struct_conn.pdbx_role 
metalc1 metalc ? ? A CYS 48  SG  ? ? ? 1_555 B ZN . ZN ? ? A CYS 58  A ZN 196 1_555 ? ? ? ? ? ? ? 2.159 ? ? 
metalc2 metalc ? ? A CYS 53  SG  ? ? ? 1_555 B ZN . ZN ? ? A CYS 63  A ZN 196 1_555 ? ? ? ? ? ? ? 2.343 ? ? 
metalc3 metalc ? ? A HIS 130 NE2 ? ? ? 1_555 B ZN . ZN ? ? A HIS 140 A ZN 196 1_555 ? ? ? ? ? ? ? 2.084 ? ? 
metalc4 metalc ? ? A HIS 135 NE2 ? ? ? 1_555 B ZN . ZN ? ? A HIS 145 A ZN 196 1_555 ? ? ? ? ? ? ? 2.024 ? ? 
# 
_struct_conn_type.id          metalc 
_struct_conn_type.criteria    ? 
_struct_conn_type.reference   ? 
# 
loop_
_pdbx_struct_conn_angle.id 
_pdbx_struct_conn_angle.ptnr1_label_atom_id 
_pdbx_struct_conn_angle.ptnr1_label_alt_id 
_pdbx_struct_conn_angle.ptnr1_label_asym_id 
_pdbx_struct_conn_angle.ptnr1_label_comp_id 
_pdbx_struct_conn_angle.ptnr1_label_seq_id 
_pdbx_struct_conn_angle.ptnr1_auth_atom_id 
_pdbx_struct_conn_angle.ptnr1_auth_asym_id 
_pdbx_struct_conn_angle.ptnr1_auth_comp_id 
_pdbx_struct_conn_angle.ptnr1_auth_seq_id 
_pdbx_struct_conn_angle.ptnr1_PDB_ins_code 
_pdbx_struct_conn_angle.ptnr1_symmetry 
_pdbx_struct_conn_angle.ptnr2_label_atom_id 
_pdbx_struct_conn_angle.ptnr2_label_alt_id 
_pdbx_struct_conn_angle.ptnr2_label_asym_id 
_pdbx_struct_conn_angle.ptnr2_label_comp_id 
_pdbx_struct_conn_angle.ptnr2_label_seq_id 
_pdbx_struct_conn_angle.ptnr2_auth_atom_id 
_pdbx_struct_conn_angle.ptnr2_auth_asym_id 
_pdbx_struct_conn_angle.ptnr2_auth_comp_id 
_pdbx_struct_conn_angle.ptnr2_auth_seq_id 
_pdbx_struct_conn_angle.ptnr2_PDB_ins_code 
_pdbx_struct_conn_angle.ptnr2_symmetry 
_pdbx_struct_conn_angle.ptnr3_label_atom_id 
_pdbx_struct_conn_angle.ptnr3_label_alt_id 
_pdbx_struct_conn_angle.ptnr3_label_asym_id 
_pdbx_struct_conn_angle.ptnr3_label_comp_id 
_pdbx_struct_conn_angle.ptnr3_label_seq_id 
_pdbx_struct_conn_angle.ptnr3_auth_atom_id 
_pdbx_struct_conn_angle.ptnr3_auth_asym_id 
_pdbx_struct_conn_angle.ptnr3_auth_comp_id 
_pdbx_struct_conn_angle.ptnr3_auth_seq_id 
_pdbx_struct_conn_angle.ptnr3_PDB_ins_code 
_pdbx_struct_conn_angle.ptnr3_symmetry 
_pdbx_struct_conn_angle.value 
_pdbx_struct_conn_angle.value_esd 
1 SG  ? A CYS 48  ? A CYS 58  ? 1_555 ZN ? B ZN . ? A ZN 196 ? 1_555 SG  ? A CYS 53  ? A CYS 63  ? 1_555 119.8 ? 
2 SG  ? A CYS 48  ? A CYS 58  ? 1_555 ZN ? B ZN . ? A ZN 196 ? 1_555 NE2 ? A HIS 130 ? A HIS 140 ? 1_555 111.8 ? 
3 SG  ? A CYS 53  ? A CYS 63  ? 1_555 ZN ? B ZN . ? A ZN 196 ? 1_555 NE2 ? A HIS 130 ? A HIS 140 ? 1_555 105.0 ? 
4 SG  ? A CYS 48  ? A CYS 58  ? 1_555 ZN ? B ZN . ? A ZN 196 ? 1_555 NE2 ? A HIS 135 ? A HIS 145 ? 1_555 109.4 ? 
5 SG  ? A CYS 53  ? A CYS 63  ? 1_555 ZN ? B ZN . ? A ZN 196 ? 1_555 NE2 ? A HIS 135 ? A HIS 145 ? 1_555 106.2 ? 
6 NE2 ? A HIS 130 ? A HIS 140 ? 1_555 ZN ? B ZN . ? A ZN 196 ? 1_555 NE2 ? A HIS 135 ? A HIS 145 ? 1_555 103.3 ? 
# 
_struct_sheet.id               A 
_struct_sheet.type             ? 
_struct_sheet.number_strands   2 
_struct_sheet.details          ? 
# 
_struct_sheet_order.sheet_id     A 
_struct_sheet_order.range_id_1   1 
_struct_sheet_order.range_id_2   2 
_struct_sheet_order.offset       ? 
_struct_sheet_order.sense        anti-parallel 
# 
loop_
_struct_sheet_range.sheet_id 
_struct_sheet_range.id 
_struct_sheet_range.beg_label_comp_id 
_struct_sheet_range.beg_label_asym_id 
_struct_sheet_range.beg_label_seq_id 
_struct_sheet_range.pdbx_beg_PDB_ins_code 
_struct_sheet_range.end_label_comp_id 
_struct_sheet_range.end_label_asym_id 
_struct_sheet_range.end_label_seq_id 
_struct_sheet_range.pdbx_end_PDB_ins_code 
_struct_sheet_range.beg_auth_comp_id 
_struct_sheet_range.beg_auth_asym_id 
_struct_sheet_range.beg_auth_seq_id 
_struct_sheet_range.end_auth_comp_id 
_struct_sheet_range.end_auth_asym_id 
_struct_sheet_range.end_auth_seq_id 
A 1 MET A 56 ? SER A 57 ? MET A 66 SER A 67 
A 2 GLU A 63 ? TYR A 64 ? GLU A 73 TYR A 74 
# 
_pdbx_struct_sheet_hbond.sheet_id                A 
_pdbx_struct_sheet_hbond.range_id_1              1 
_pdbx_struct_sheet_hbond.range_id_2              2 
_pdbx_struct_sheet_hbond.range_1_label_atom_id   N 
_pdbx_struct_sheet_hbond.range_1_label_comp_id   MET 
_pdbx_struct_sheet_hbond.range_1_label_asym_id   A 
_pdbx_struct_sheet_hbond.range_1_label_seq_id    56 
_pdbx_struct_sheet_hbond.range_1_PDB_ins_code    ? 
_pdbx_struct_sheet_hbond.range_1_auth_atom_id    N 
_pdbx_struct_sheet_hbond.range_1_auth_comp_id    MET 
_pdbx_struct_sheet_hbond.range_1_auth_asym_id    A 
_pdbx_struct_sheet_hbond.range_1_auth_seq_id     66 
_pdbx_struct_sheet_hbond.range_2_label_atom_id   O 
_pdbx_struct_sheet_hbond.range_2_label_comp_id   TYR 
_pdbx_struct_sheet_hbond.range_2_label_asym_id   A 
_pdbx_struct_sheet_hbond.range_2_label_seq_id    64 
_pdbx_struct_sheet_hbond.range_2_PDB_ins_code    ? 
_pdbx_struct_sheet_hbond.range_2_auth_atom_id    O 
_pdbx_struct_sheet_hbond.range_2_auth_comp_id    TYR 
_pdbx_struct_sheet_hbond.range_2_auth_asym_id    A 
_pdbx_struct_sheet_hbond.range_2_auth_seq_id     74 
# 
_struct_site.id                   AC1 
_struct_site.pdbx_evidence_code   Software 
_struct_site.pdbx_auth_asym_id    A 
_struct_site.pdbx_auth_comp_id    ZN 
_struct_site.pdbx_auth_seq_id     196 
_struct_site.pdbx_auth_ins_code   ? 
_struct_site.pdbx_num_residues    4 
_struct_site.details              'BINDING SITE FOR RESIDUE ZN A 196' 
# 
loop_
_struct_site_gen.id 
_struct_site_gen.site_id 
_struct_site_gen.pdbx_num_res 
_struct_site_gen.label_comp_id 
_struct_site_gen.label_asym_id 
_struct_site_gen.label_seq_id 
_struct_site_gen.pdbx_auth_ins_code 
_struct_site_gen.auth_comp_id 
_struct_site_gen.auth_asym_id 
_struct_site_gen.auth_seq_id 
_struct_site_gen.label_atom_id 
_struct_site_gen.label_alt_id 
_struct_site_gen.symmetry 
_struct_site_gen.details 
1 AC1 4 CYS A 48  ? CYS A 58  . ? 1_555 ? 
2 AC1 4 CYS A 53  ? CYS A 63  . ? 1_555 ? 
3 AC1 4 HIS A 130 ? HIS A 140 . ? 1_555 ? 
4 AC1 4 HIS A 135 ? HIS A 145 . ? 1_555 ? 
# 
loop_
_pdbx_validate_torsion.id 
_pdbx_validate_torsion.PDB_model_num 
_pdbx_validate_torsion.auth_comp_id 
_pdbx_validate_torsion.auth_asym_id 
_pdbx_validate_torsion.auth_seq_id 
_pdbx_validate_torsion.PDB_ins_code 
_pdbx_validate_torsion.label_alt_id 
_pdbx_validate_torsion.phi 
_pdbx_validate_torsion.psi 
1 1 THR A 80  ? ? -132.69 -75.96 
2 1 PHE A 111 ? ? -116.21 79.49  
3 1 SER A 192 ? ? -176.82 148.55 
4 1 ASP A 194 ? ? -82.20  44.07  
# 
_pdbx_struct_special_symmetry.id              1 
_pdbx_struct_special_symmetry.PDB_model_num   1 
_pdbx_struct_special_symmetry.auth_asym_id    A 
_pdbx_struct_special_symmetry.auth_comp_id    HOH 
_pdbx_struct_special_symmetry.auth_seq_id     200 
_pdbx_struct_special_symmetry.PDB_ins_code    ? 
_pdbx_struct_special_symmetry.label_asym_id   C 
_pdbx_struct_special_symmetry.label_comp_id   HOH 
_pdbx_struct_special_symmetry.label_seq_id    . 
# 
loop_
_chem_comp_atom.comp_id 
_chem_comp_atom.atom_id 
_chem_comp_atom.type_symbol 
_chem_comp_atom.pdbx_aromatic_flag 
_chem_comp_atom.pdbx_stereo_config 
_chem_comp_atom.pdbx_ordinal 
ALA N    N  N N 1   
ALA CA   C  N S 2   
ALA C    C  N N 3   
ALA O    O  N N 4   
ALA CB   C  N N 5   
ALA OXT  O  N N 6   
ALA H    H  N N 7   
ALA H2   H  N N 8   
ALA HA   H  N N 9   
ALA HB1  H  N N 10  
ALA HB2  H  N N 11  
ALA HB3  H  N N 12  
ALA HXT  H  N N 13  
ARG N    N  N N 14  
ARG CA   C  N S 15  
ARG C    C  N N 16  
ARG O    O  N N 17  
ARG CB   C  N N 18  
ARG CG   C  N N 19  
ARG CD   C  N N 20  
ARG NE   N  N N 21  
ARG CZ   C  N N 22  
ARG NH1  N  N N 23  
ARG NH2  N  N N 24  
ARG OXT  O  N N 25  
ARG H    H  N N 26  
ARG H2   H  N N 27  
ARG HA   H  N N 28  
ARG HB2  H  N N 29  
ARG HB3  H  N N 30  
ARG HG2  H  N N 31  
ARG HG3  H  N N 32  
ARG HD2  H  N N 33  
ARG HD3  H  N N 34  
ARG HE   H  N N 35  
ARG HH11 H  N N 36  
ARG HH12 H  N N 37  
ARG HH21 H  N N 38  
ARG HH22 H  N N 39  
ARG HXT  H  N N 40  
ASN N    N  N N 41  
ASN CA   C  N S 42  
ASN C    C  N N 43  
ASN O    O  N N 44  
ASN CB   C  N N 45  
ASN CG   C  N N 46  
ASN OD1  O  N N 47  
ASN ND2  N  N N 48  
ASN OXT  O  N N 49  
ASN H    H  N N 50  
ASN H2   H  N N 51  
ASN HA   H  N N 52  
ASN HB2  H  N N 53  
ASN HB3  H  N N 54  
ASN HD21 H  N N 55  
ASN HD22 H  N N 56  
ASN HXT  H  N N 57  
ASP N    N  N N 58  
ASP CA   C  N S 59  
ASP C    C  N N 60  
ASP O    O  N N 61  
ASP CB   C  N N 62  
ASP CG   C  N N 63  
ASP OD1  O  N N 64  
ASP OD2  O  N N 65  
ASP OXT  O  N N 66  
ASP H    H  N N 67  
ASP H2   H  N N 68  
ASP HA   H  N N 69  
ASP HB2  H  N N 70  
ASP HB3  H  N N 71  
ASP HD2  H  N N 72  
ASP HXT  H  N N 73  
CYS N    N  N N 74  
CYS CA   C  N R 75  
CYS C    C  N N 76  
CYS O    O  N N 77  
CYS CB   C  N N 78  
CYS SG   S  N N 79  
CYS OXT  O  N N 80  
CYS H    H  N N 81  
CYS H2   H  N N 82  
CYS HA   H  N N 83  
CYS HB2  H  N N 84  
CYS HB3  H  N N 85  
CYS HG   H  N N 86  
CYS HXT  H  N N 87  
GLN N    N  N N 88  
GLN CA   C  N S 89  
GLN C    C  N N 90  
GLN O    O  N N 91  
GLN CB   C  N N 92  
GLN CG   C  N N 93  
GLN CD   C  N N 94  
GLN OE1  O  N N 95  
GLN NE2  N  N N 96  
GLN OXT  O  N N 97  
GLN H    H  N N 98  
GLN H2   H  N N 99  
GLN HA   H  N N 100 
GLN HB2  H  N N 101 
GLN HB3  H  N N 102 
GLN HG2  H  N N 103 
GLN HG3  H  N N 104 
GLN HE21 H  N N 105 
GLN HE22 H  N N 106 
GLN HXT  H  N N 107 
GLU N    N  N N 108 
GLU CA   C  N S 109 
GLU C    C  N N 110 
GLU O    O  N N 111 
GLU CB   C  N N 112 
GLU CG   C  N N 113 
GLU CD   C  N N 114 
GLU OE1  O  N N 115 
GLU OE2  O  N N 116 
GLU OXT  O  N N 117 
GLU H    H  N N 118 
GLU H2   H  N N 119 
GLU HA   H  N N 120 
GLU HB2  H  N N 121 
GLU HB3  H  N N 122 
GLU HG2  H  N N 123 
GLU HG3  H  N N 124 
GLU HE2  H  N N 125 
GLU HXT  H  N N 126 
GLY N    N  N N 127 
GLY CA   C  N N 128 
GLY C    C  N N 129 
GLY O    O  N N 130 
GLY OXT  O  N N 131 
GLY H    H  N N 132 
GLY H2   H  N N 133 
GLY HA2  H  N N 134 
GLY HA3  H  N N 135 
GLY HXT  H  N N 136 
HIS N    N  N N 137 
HIS CA   C  N S 138 
HIS C    C  N N 139 
HIS O    O  N N 140 
HIS CB   C  N N 141 
HIS CG   C  Y N 142 
HIS ND1  N  Y N 143 
HIS CD2  C  Y N 144 
HIS CE1  C  Y N 145 
HIS NE2  N  Y N 146 
HIS OXT  O  N N 147 
HIS H    H  N N 148 
HIS H2   H  N N 149 
HIS HA   H  N N 150 
HIS HB2  H  N N 151 
HIS HB3  H  N N 152 
HIS HD1  H  N N 153 
HIS HD2  H  N N 154 
HIS HE1  H  N N 155 
HIS HE2  H  N N 156 
HIS HXT  H  N N 157 
HOH O    O  N N 158 
HOH H1   H  N N 159 
HOH H2   H  N N 160 
ILE N    N  N N 161 
ILE CA   C  N S 162 
ILE C    C  N N 163 
ILE O    O  N N 164 
ILE CB   C  N S 165 
ILE CG1  C  N N 166 
ILE CG2  C  N N 167 
ILE CD1  C  N N 168 
ILE OXT  O  N N 169 
ILE H    H  N N 170 
ILE H2   H  N N 171 
ILE HA   H  N N 172 
ILE HB   H  N N 173 
ILE HG12 H  N N 174 
ILE HG13 H  N N 175 
ILE HG21 H  N N 176 
ILE HG22 H  N N 177 
ILE HG23 H  N N 178 
ILE HD11 H  N N 179 
ILE HD12 H  N N 180 
ILE HD13 H  N N 181 
ILE HXT  H  N N 182 
LEU N    N  N N 183 
LEU CA   C  N S 184 
LEU C    C  N N 185 
LEU O    O  N N 186 
LEU CB   C  N N 187 
LEU CG   C  N N 188 
LEU CD1  C  N N 189 
LEU CD2  C  N N 190 
LEU OXT  O  N N 191 
LEU H    H  N N 192 
LEU H2   H  N N 193 
LEU HA   H  N N 194 
LEU HB2  H  N N 195 
LEU HB3  H  N N 196 
LEU HG   H  N N 197 
LEU HD11 H  N N 198 
LEU HD12 H  N N 199 
LEU HD13 H  N N 200 
LEU HD21 H  N N 201 
LEU HD22 H  N N 202 
LEU HD23 H  N N 203 
LEU HXT  H  N N 204 
LYS N    N  N N 205 
LYS CA   C  N S 206 
LYS C    C  N N 207 
LYS O    O  N N 208 
LYS CB   C  N N 209 
LYS CG   C  N N 210 
LYS CD   C  N N 211 
LYS CE   C  N N 212 
LYS NZ   N  N N 213 
LYS OXT  O  N N 214 
LYS H    H  N N 215 
LYS H2   H  N N 216 
LYS HA   H  N N 217 
LYS HB2  H  N N 218 
LYS HB3  H  N N 219 
LYS HG2  H  N N 220 
LYS HG3  H  N N 221 
LYS HD2  H  N N 222 
LYS HD3  H  N N 223 
LYS HE2  H  N N 224 
LYS HE3  H  N N 225 
LYS HZ1  H  N N 226 
LYS HZ2  H  N N 227 
LYS HZ3  H  N N 228 
LYS HXT  H  N N 229 
MET N    N  N N 230 
MET CA   C  N S 231 
MET C    C  N N 232 
MET O    O  N N 233 
MET CB   C  N N 234 
MET CG   C  N N 235 
MET SD   S  N N 236 
MET CE   C  N N 237 
MET OXT  O  N N 238 
MET H    H  N N 239 
MET H2   H  N N 240 
MET HA   H  N N 241 
MET HB2  H  N N 242 
MET HB3  H  N N 243 
MET HG2  H  N N 244 
MET HG3  H  N N 245 
MET HE1  H  N N 246 
MET HE2  H  N N 247 
MET HE3  H  N N 248 
MET HXT  H  N N 249 
PHE N    N  N N 250 
PHE CA   C  N S 251 
PHE C    C  N N 252 
PHE O    O  N N 253 
PHE CB   C  N N 254 
PHE CG   C  Y N 255 
PHE CD1  C  Y N 256 
PHE CD2  C  Y N 257 
PHE CE1  C  Y N 258 
PHE CE2  C  Y N 259 
PHE CZ   C  Y N 260 
PHE OXT  O  N N 261 
PHE H    H  N N 262 
PHE H2   H  N N 263 
PHE HA   H  N N 264 
PHE HB2  H  N N 265 
PHE HB3  H  N N 266 
PHE HD1  H  N N 267 
PHE HD2  H  N N 268 
PHE HE1  H  N N 269 
PHE HE2  H  N N 270 
PHE HZ   H  N N 271 
PHE HXT  H  N N 272 
PRO N    N  N N 273 
PRO CA   C  N S 274 
PRO C    C  N N 275 
PRO O    O  N N 276 
PRO CB   C  N N 277 
PRO CG   C  N N 278 
PRO CD   C  N N 279 
PRO OXT  O  N N 280 
PRO H    H  N N 281 
PRO HA   H  N N 282 
PRO HB2  H  N N 283 
PRO HB3  H  N N 284 
PRO HG2  H  N N 285 
PRO HG3  H  N N 286 
PRO HD2  H  N N 287 
PRO HD3  H  N N 288 
PRO HXT  H  N N 289 
SER N    N  N N 290 
SER CA   C  N S 291 
SER C    C  N N 292 
SER O    O  N N 293 
SER CB   C  N N 294 
SER OG   O  N N 295 
SER OXT  O  N N 296 
SER H    H  N N 297 
SER H2   H  N N 298 
SER HA   H  N N 299 
SER HB2  H  N N 300 
SER HB3  H  N N 301 
SER HG   H  N N 302 
SER HXT  H  N N 303 
THR N    N  N N 304 
THR CA   C  N S 305 
THR C    C  N N 306 
THR O    O  N N 307 
THR CB   C  N R 308 
THR OG1  O  N N 309 
THR CG2  C  N N 310 
THR OXT  O  N N 311 
THR H    H  N N 312 
THR H2   H  N N 313 
THR HA   H  N N 314 
THR HB   H  N N 315 
THR HG1  H  N N 316 
THR HG21 H  N N 317 
THR HG22 H  N N 318 
THR HG23 H  N N 319 
THR HXT  H  N N 320 
TRP N    N  N N 321 
TRP CA   C  N S 322 
TRP C    C  N N 323 
TRP O    O  N N 324 
TRP CB   C  N N 325 
TRP CG   C  Y N 326 
TRP CD1  C  Y N 327 
TRP CD2  C  Y N 328 
TRP NE1  N  Y N 329 
TRP CE2  C  Y N 330 
TRP CE3  C  Y N 331 
TRP CZ2  C  Y N 332 
TRP CZ3  C  Y N 333 
TRP CH2  C  Y N 334 
TRP OXT  O  N N 335 
TRP H    H  N N 336 
TRP H2   H  N N 337 
TRP HA   H  N N 338 
TRP HB2  H  N N 339 
TRP HB3  H  N N 340 
TRP HD1  H  N N 341 
TRP HE1  H  N N 342 
TRP HE3  H  N N 343 
TRP HZ2  H  N N 344 
TRP HZ3  H  N N 345 
TRP HH2  H  N N 346 
TRP HXT  H  N N 347 
TYR N    N  N N 348 
TYR CA   C  N S 349 
TYR C    C  N N 350 
TYR O    O  N N 351 
TYR CB   C  N N 352 
TYR CG   C  Y N 353 
TYR CD1  C  Y N 354 
TYR CD2  C  Y N 355 
TYR CE1  C  Y N 356 
TYR CE2  C  Y N 357 
TYR CZ   C  Y N 358 
TYR OH   O  N N 359 
TYR OXT  O  N N 360 
TYR H    H  N N 361 
TYR H2   H  N N 362 
TYR HA   H  N N 363 
TYR HB2  H  N N 364 
TYR HB3  H  N N 365 
TYR HD1  H  N N 366 
TYR HD2  H  N N 367 
TYR HE1  H  N N 368 
TYR HE2  H  N N 369 
TYR HH   H  N N 370 
TYR HXT  H  N N 371 
VAL N    N  N N 372 
VAL CA   C  N S 373 
VAL C    C  N N 374 
VAL O    O  N N 375 
VAL CB   C  N N 376 
VAL CG1  C  N N 377 
VAL CG2  C  N N 378 
VAL OXT  O  N N 379 
VAL H    H  N N 380 
VAL H2   H  N N 381 
VAL HA   H  N N 382 
VAL HB   H  N N 383 
VAL HG11 H  N N 384 
VAL HG12 H  N N 385 
VAL HG13 H  N N 386 
VAL HG21 H  N N 387 
VAL HG22 H  N N 388 
VAL HG23 H  N N 389 
VAL HXT  H  N N 390 
ZN  ZN   ZN N N 391 
# 
loop_
_chem_comp_bond.comp_id 
_chem_comp_bond.atom_id_1 
_chem_comp_bond.atom_id_2 
_chem_comp_bond.value_order 
_chem_comp_bond.pdbx_aromatic_flag 
_chem_comp_bond.pdbx_stereo_config 
_chem_comp_bond.pdbx_ordinal 
ALA N   CA   sing N N 1   
ALA N   H    sing N N 2   
ALA N   H2   sing N N 3   
ALA CA  C    sing N N 4   
ALA CA  CB   sing N N 5   
ALA CA  HA   sing N N 6   
ALA C   O    doub N N 7   
ALA C   OXT  sing N N 8   
ALA CB  HB1  sing N N 9   
ALA CB  HB2  sing N N 10  
ALA CB  HB3  sing N N 11  
ALA OXT HXT  sing N N 12  
ARG N   CA   sing N N 13  
ARG N   H    sing N N 14  
ARG N   H2   sing N N 15  
ARG CA  C    sing N N 16  
ARG CA  CB   sing N N 17  
ARG CA  HA   sing N N 18  
ARG C   O    doub N N 19  
ARG C   OXT  sing N N 20  
ARG CB  CG   sing N N 21  
ARG CB  HB2  sing N N 22  
ARG CB  HB3  sing N N 23  
ARG CG  CD   sing N N 24  
ARG CG  HG2  sing N N 25  
ARG CG  HG3  sing N N 26  
ARG CD  NE   sing N N 27  
ARG CD  HD2  sing N N 28  
ARG CD  HD3  sing N N 29  
ARG NE  CZ   sing N N 30  
ARG NE  HE   sing N N 31  
ARG CZ  NH1  sing N N 32  
ARG CZ  NH2  doub N N 33  
ARG NH1 HH11 sing N N 34  
ARG NH1 HH12 sing N N 35  
ARG NH2 HH21 sing N N 36  
ARG NH2 HH22 sing N N 37  
ARG OXT HXT  sing N N 38  
ASN N   CA   sing N N 39  
ASN N   H    sing N N 40  
ASN N   H2   sing N N 41  
ASN CA  C    sing N N 42  
ASN CA  CB   sing N N 43  
ASN CA  HA   sing N N 44  
ASN C   O    doub N N 45  
ASN C   OXT  sing N N 46  
ASN CB  CG   sing N N 47  
ASN CB  HB2  sing N N 48  
ASN CB  HB3  sing N N 49  
ASN CG  OD1  doub N N 50  
ASN CG  ND2  sing N N 51  
ASN ND2 HD21 sing N N 52  
ASN ND2 HD22 sing N N 53  
ASN OXT HXT  sing N N 54  
ASP N   CA   sing N N 55  
ASP N   H    sing N N 56  
ASP N   H2   sing N N 57  
ASP CA  C    sing N N 58  
ASP CA  CB   sing N N 59  
ASP CA  HA   sing N N 60  
ASP C   O    doub N N 61  
ASP C   OXT  sing N N 62  
ASP CB  CG   sing N N 63  
ASP CB  HB2  sing N N 64  
ASP CB  HB3  sing N N 65  
ASP CG  OD1  doub N N 66  
ASP CG  OD2  sing N N 67  
ASP OD2 HD2  sing N N 68  
ASP OXT HXT  sing N N 69  
CYS N   CA   sing N N 70  
CYS N   H    sing N N 71  
CYS N   H2   sing N N 72  
CYS CA  C    sing N N 73  
CYS CA  CB   sing N N 74  
CYS CA  HA   sing N N 75  
CYS C   O    doub N N 76  
CYS C   OXT  sing N N 77  
CYS CB  SG   sing N N 78  
CYS CB  HB2  sing N N 79  
CYS CB  HB3  sing N N 80  
CYS SG  HG   sing N N 81  
CYS OXT HXT  sing N N 82  
GLN N   CA   sing N N 83  
GLN N   H    sing N N 84  
GLN N   H2   sing N N 85  
GLN CA  C    sing N N 86  
GLN CA  CB   sing N N 87  
GLN CA  HA   sing N N 88  
GLN C   O    doub N N 89  
GLN C   OXT  sing N N 90  
GLN CB  CG   sing N N 91  
GLN CB  HB2  sing N N 92  
GLN CB  HB3  sing N N 93  
GLN CG  CD   sing N N 94  
GLN CG  HG2  sing N N 95  
GLN CG  HG3  sing N N 96  
GLN CD  OE1  doub N N 97  
GLN CD  NE2  sing N N 98  
GLN NE2 HE21 sing N N 99  
GLN NE2 HE22 sing N N 100 
GLN OXT HXT  sing N N 101 
GLU N   CA   sing N N 102 
GLU N   H    sing N N 103 
GLU N   H2   sing N N 104 
GLU CA  C    sing N N 105 
GLU CA  CB   sing N N 106 
GLU CA  HA   sing N N 107 
GLU C   O    doub N N 108 
GLU C   OXT  sing N N 109 
GLU CB  CG   sing N N 110 
GLU CB  HB2  sing N N 111 
GLU CB  HB3  sing N N 112 
GLU CG  CD   sing N N 113 
GLU CG  HG2  sing N N 114 
GLU CG  HG3  sing N N 115 
GLU CD  OE1  doub N N 116 
GLU CD  OE2  sing N N 117 
GLU OE2 HE2  sing N N 118 
GLU OXT HXT  sing N N 119 
GLY N   CA   sing N N 120 
GLY N   H    sing N N 121 
GLY N   H2   sing N N 122 
GLY CA  C    sing N N 123 
GLY CA  HA2  sing N N 124 
GLY CA  HA3  sing N N 125 
GLY C   O    doub N N 126 
GLY C   OXT  sing N N 127 
GLY OXT HXT  sing N N 128 
HIS N   CA   sing N N 129 
HIS N   H    sing N N 130 
HIS N   H2   sing N N 131 
HIS CA  C    sing N N 132 
HIS CA  CB   sing N N 133 
HIS CA  HA   sing N N 134 
HIS C   O    doub N N 135 
HIS C   OXT  sing N N 136 
HIS CB  CG   sing N N 137 
HIS CB  HB2  sing N N 138 
HIS CB  HB3  sing N N 139 
HIS CG  ND1  sing Y N 140 
HIS CG  CD2  doub Y N 141 
HIS ND1 CE1  doub Y N 142 
HIS ND1 HD1  sing N N 143 
HIS CD2 NE2  sing Y N 144 
HIS CD2 HD2  sing N N 145 
HIS CE1 NE2  sing Y N 146 
HIS CE1 HE1  sing N N 147 
HIS NE2 HE2  sing N N 148 
HIS OXT HXT  sing N N 149 
HOH O   H1   sing N N 150 
HOH O   H2   sing N N 151 
ILE N   CA   sing N N 152 
ILE N   H    sing N N 153 
ILE N   H2   sing N N 154 
ILE CA  C    sing N N 155 
ILE CA  CB   sing N N 156 
ILE CA  HA   sing N N 157 
ILE C   O    doub N N 158 
ILE C   OXT  sing N N 159 
ILE CB  CG1  sing N N 160 
ILE CB  CG2  sing N N 161 
ILE CB  HB   sing N N 162 
ILE CG1 CD1  sing N N 163 
ILE CG1 HG12 sing N N 164 
ILE CG1 HG13 sing N N 165 
ILE CG2 HG21 sing N N 166 
ILE CG2 HG22 sing N N 167 
ILE CG2 HG23 sing N N 168 
ILE CD1 HD11 sing N N 169 
ILE CD1 HD12 sing N N 170 
ILE CD1 HD13 sing N N 171 
ILE OXT HXT  sing N N 172 
LEU N   CA   sing N N 173 
LEU N   H    sing N N 174 
LEU N   H2   sing N N 175 
LEU CA  C    sing N N 176 
LEU CA  CB   sing N N 177 
LEU CA  HA   sing N N 178 
LEU C   O    doub N N 179 
LEU C   OXT  sing N N 180 
LEU CB  CG   sing N N 181 
LEU CB  HB2  sing N N 182 
LEU CB  HB3  sing N N 183 
LEU CG  CD1  sing N N 184 
LEU CG  CD2  sing N N 185 
LEU CG  HG   sing N N 186 
LEU CD1 HD11 sing N N 187 
LEU CD1 HD12 sing N N 188 
LEU CD1 HD13 sing N N 189 
LEU CD2 HD21 sing N N 190 
LEU CD2 HD22 sing N N 191 
LEU CD2 HD23 sing N N 192 
LEU OXT HXT  sing N N 193 
LYS N   CA   sing N N 194 
LYS N   H    sing N N 195 
LYS N   H2   sing N N 196 
LYS CA  C    sing N N 197 
LYS CA  CB   sing N N 198 
LYS CA  HA   sing N N 199 
LYS C   O    doub N N 200 
LYS C   OXT  sing N N 201 
LYS CB  CG   sing N N 202 
LYS CB  HB2  sing N N 203 
LYS CB  HB3  sing N N 204 
LYS CG  CD   sing N N 205 
LYS CG  HG2  sing N N 206 
LYS CG  HG3  sing N N 207 
LYS CD  CE   sing N N 208 
LYS CD  HD2  sing N N 209 
LYS CD  HD3  sing N N 210 
LYS CE  NZ   sing N N 211 
LYS CE  HE2  sing N N 212 
LYS CE  HE3  sing N N 213 
LYS NZ  HZ1  sing N N 214 
LYS NZ  HZ2  sing N N 215 
LYS NZ  HZ3  sing N N 216 
LYS OXT HXT  sing N N 217 
MET N   CA   sing N N 218 
MET N   H    sing N N 219 
MET N   H2   sing N N 220 
MET CA  C    sing N N 221 
MET CA  CB   sing N N 222 
MET CA  HA   sing N N 223 
MET C   O    doub N N 224 
MET C   OXT  sing N N 225 
MET CB  CG   sing N N 226 
MET CB  HB2  sing N N 227 
MET CB  HB3  sing N N 228 
MET CG  SD   sing N N 229 
MET CG  HG2  sing N N 230 
MET CG  HG3  sing N N 231 
MET SD  CE   sing N N 232 
MET CE  HE1  sing N N 233 
MET CE  HE2  sing N N 234 
MET CE  HE3  sing N N 235 
MET OXT HXT  sing N N 236 
PHE N   CA   sing N N 237 
PHE N   H    sing N N 238 
PHE N   H2   sing N N 239 
PHE CA  C    sing N N 240 
PHE CA  CB   sing N N 241 
PHE CA  HA   sing N N 242 
PHE C   O    doub N N 243 
PHE C   OXT  sing N N 244 
PHE CB  CG   sing N N 245 
PHE CB  HB2  sing N N 246 
PHE CB  HB3  sing N N 247 
PHE CG  CD1  doub Y N 248 
PHE CG  CD2  sing Y N 249 
PHE CD1 CE1  sing Y N 250 
PHE CD1 HD1  sing N N 251 
PHE CD2 CE2  doub Y N 252 
PHE CD2 HD2  sing N N 253 
PHE CE1 CZ   doub Y N 254 
PHE CE1 HE1  sing N N 255 
PHE CE2 CZ   sing Y N 256 
PHE CE2 HE2  sing N N 257 
PHE CZ  HZ   sing N N 258 
PHE OXT HXT  sing N N 259 
PRO N   CA   sing N N 260 
PRO N   CD   sing N N 261 
PRO N   H    sing N N 262 
PRO CA  C    sing N N 263 
PRO CA  CB   sing N N 264 
PRO CA  HA   sing N N 265 
PRO C   O    doub N N 266 
PRO C   OXT  sing N N 267 
PRO CB  CG   sing N N 268 
PRO CB  HB2  sing N N 269 
PRO CB  HB3  sing N N 270 
PRO CG  CD   sing N N 271 
PRO CG  HG2  sing N N 272 
PRO CG  HG3  sing N N 273 
PRO CD  HD2  sing N N 274 
PRO CD  HD3  sing N N 275 
PRO OXT HXT  sing N N 276 
SER N   CA   sing N N 277 
SER N   H    sing N N 278 
SER N   H2   sing N N 279 
SER CA  C    sing N N 280 
SER CA  CB   sing N N 281 
SER CA  HA   sing N N 282 
SER C   O    doub N N 283 
SER C   OXT  sing N N 284 
SER CB  OG   sing N N 285 
SER CB  HB2  sing N N 286 
SER CB  HB3  sing N N 287 
SER OG  HG   sing N N 288 
SER OXT HXT  sing N N 289 
THR N   CA   sing N N 290 
THR N   H    sing N N 291 
THR N   H2   sing N N 292 
THR CA  C    sing N N 293 
THR CA  CB   sing N N 294 
THR CA  HA   sing N N 295 
THR C   O    doub N N 296 
THR C   OXT  sing N N 297 
THR CB  OG1  sing N N 298 
THR CB  CG2  sing N N 299 
THR CB  HB   sing N N 300 
THR OG1 HG1  sing N N 301 
THR CG2 HG21 sing N N 302 
THR CG2 HG22 sing N N 303 
THR CG2 HG23 sing N N 304 
THR OXT HXT  sing N N 305 
TRP N   CA   sing N N 306 
TRP N   H    sing N N 307 
TRP N   H2   sing N N 308 
TRP CA  C    sing N N 309 
TRP CA  CB   sing N N 310 
TRP CA  HA   sing N N 311 
TRP C   O    doub N N 312 
TRP C   OXT  sing N N 313 
TRP CB  CG   sing N N 314 
TRP CB  HB2  sing N N 315 
TRP CB  HB3  sing N N 316 
TRP CG  CD1  doub Y N 317 
TRP CG  CD2  sing Y N 318 
TRP CD1 NE1  sing Y N 319 
TRP CD1 HD1  sing N N 320 
TRP CD2 CE2  doub Y N 321 
TRP CD2 CE3  sing Y N 322 
TRP NE1 CE2  sing Y N 323 
TRP NE1 HE1  sing N N 324 
TRP CE2 CZ2  sing Y N 325 
TRP CE3 CZ3  doub Y N 326 
TRP CE3 HE3  sing N N 327 
TRP CZ2 CH2  doub Y N 328 
TRP CZ2 HZ2  sing N N 329 
TRP CZ3 CH2  sing Y N 330 
TRP CZ3 HZ3  sing N N 331 
TRP CH2 HH2  sing N N 332 
TRP OXT HXT  sing N N 333 
TYR N   CA   sing N N 334 
TYR N   H    sing N N 335 
TYR N   H2   sing N N 336 
TYR CA  C    sing N N 337 
TYR CA  CB   sing N N 338 
TYR CA  HA   sing N N 339 
TYR C   O    doub N N 340 
TYR C   OXT  sing N N 341 
TYR CB  CG   sing N N 342 
TYR CB  HB2  sing N N 343 
TYR CB  HB3  sing N N 344 
TYR CG  CD1  doub Y N 345 
TYR CG  CD2  sing Y N 346 
TYR CD1 CE1  sing Y N 347 
TYR CD1 HD1  sing N N 348 
TYR CD2 CE2  doub Y N 349 
TYR CD2 HD2  sing N N 350 
TYR CE1 CZ   doub Y N 351 
TYR CE1 HE1  sing N N 352 
TYR CE2 CZ   sing Y N 353 
TYR CE2 HE2  sing N N 354 
TYR CZ  OH   sing N N 355 
TYR OH  HH   sing N N 356 
TYR OXT HXT  sing N N 357 
VAL N   CA   sing N N 358 
VAL N   H    sing N N 359 
VAL N   H2   sing N N 360 
VAL CA  C    sing N N 361 
VAL CA  CB   sing N N 362 
VAL CA  HA   sing N N 363 
VAL C   O    doub N N 364 
VAL C   OXT  sing N N 365 
VAL CB  CG1  sing N N 366 
VAL CB  CG2  sing N N 367 
VAL CB  HB   sing N N 368 
VAL CG1 HG11 sing N N 369 
VAL CG1 HG12 sing N N 370 
VAL CG1 HG13 sing N N 371 
VAL CG2 HG21 sing N N 372 
VAL CG2 HG22 sing N N 373 
VAL CG2 HG23 sing N N 374 
VAL OXT HXT  sing N N 375 
# 
_atom_sites.entry_id                    1PI1 
_atom_sites.fract_transf_matrix[1][1]   0.00841625 
_atom_sites.fract_transf_matrix[1][2]   0.00318926 
_atom_sites.fract_transf_matrix[1][3]   0.01449495 
_atom_sites.fract_transf_matrix[2][1]   0.00226854 
_atom_sites.fract_transf_matrix[2][2]   -0.01243465 
_atom_sites.fract_transf_matrix[2][3]   0.01146059 
_atom_sites.fract_transf_matrix[3][1]   0.00899552 
_atom_sites.fract_transf_matrix[3][2]   -0.00263790 
_atom_sites.fract_transf_matrix[3][3]   -0.00464269 
_atom_sites.fract_transf_vector[1]      0.715957 
_atom_sites.fract_transf_vector[2]      0.202838 
_atom_sites.fract_transf_vector[3]      0.103239 
# 
loop_
_atom_type.symbol 
C  
N  
O  
S  
ZN 
# 
loop_
_atom_site.group_PDB 
_atom_site.id 
_atom_site.type_symbol 
_atom_site.label_atom_id 
_atom_site.label_alt_id 
_atom_site.label_comp_id 
_atom_site.label_asym_id 
_atom_site.label_entity_id 
_atom_site.label_seq_id 
_atom_site.pdbx_PDB_ins_code 
_atom_site.Cartn_x 
_atom_site.Cartn_y 
_atom_site.Cartn_z 
_atom_site.occupancy 
_atom_site.B_iso_or_equiv 
_atom_site.pdbx_formal_charge 
_atom_site.auth_seq_id 
_atom_site.auth_comp_id 
_atom_site.auth_asym_id 
_atom_site.auth_atom_id 
_atom_site.pdbx_PDB_model_num 
ATOM   1    N  N   . MET A 1 1   ? -15.629 3.757   -11.818 1.00 61.48 ? 11  MET A N   1 
ATOM   2    C  CA  . MET A 1 1   ? -14.766 4.973   -11.914 1.00 59.48 ? 11  MET A CA  1 
ATOM   3    C  C   . MET A 1 1   ? -13.932 4.918   -13.190 1.00 55.48 ? 11  MET A C   1 
ATOM   4    O  O   . MET A 1 1   ? -13.946 3.918   -13.912 1.00 54.82 ? 11  MET A O   1 
ATOM   5    C  CB  . MET A 1 1   ? -13.843 5.060   -10.695 1.00 62.27 ? 11  MET A CB  1 
ATOM   6    C  CG  . MET A 1 1   ? -14.578 5.019   -9.359  1.00 66.05 ? 11  MET A CG  1 
ATOM   7    S  SD  . MET A 1 1   ? -13.465 5.012   -7.929  1.00 73.68 ? 11  MET A SD  1 
ATOM   8    C  CE  . MET A 1 1   ? -12.825 3.322   -7.994  1.00 69.16 ? 11  MET A CE  1 
ATOM   9    N  N   . GLU A 1 2   ? -13.204 5.991   -13.467 1.00 50.37 ? 12  GLU A N   1 
ATOM   10   C  CA  . GLU A 1 2   ? -12.375 6.042   -14.662 1.00 45.96 ? 12  GLU A CA  1 
ATOM   11   C  C   . GLU A 1 2   ? -10.965 5.516   -14.385 1.00 40.88 ? 12  GLU A C   1 
ATOM   12   O  O   . GLU A 1 2   ? -10.309 5.925   -13.422 1.00 36.92 ? 12  GLU A O   1 
ATOM   13   C  CB  . GLU A 1 2   ? -12.314 7.480   -15.180 1.00 50.29 ? 12  GLU A CB  1 
ATOM   14   C  CG  . GLU A 1 2   ? -11.518 7.669   -16.453 1.00 55.87 ? 12  GLU A CG  1 
ATOM   15   C  CD  . GLU A 1 2   ? -11.635 9.088   -16.993 1.00 60.92 ? 12  GLU A CD  1 
ATOM   16   O  OE1 . GLU A 1 2   ? -11.311 10.040  -16.248 1.00 60.14 ? 12  GLU A OE1 1 
ATOM   17   O  OE2 . GLU A 1 2   ? -12.054 9.250   -18.162 1.00 61.11 ? 12  GLU A OE2 1 
ATOM   18   N  N   . ALA A 1 3   ? -10.514 4.592   -15.227 1.00 33.33 ? 13  ALA A N   1 
ATOM   19   C  CA  . ALA A 1 3   ? -9.175  4.017   -15.091 1.00 30.15 ? 13  ALA A CA  1 
ATOM   20   C  C   . ALA A 1 3   ? -8.222  4.884   -15.901 1.00 31.58 ? 13  ALA A C   1 
ATOM   21   O  O   . ALA A 1 3   ? -8.661  5.626   -16.788 1.00 26.33 ? 13  ALA A O   1 
ATOM   22   C  CB  . ALA A 1 3   ? -9.159  2.602   -15.622 1.00 28.06 ? 13  ALA A CB  1 
ATOM   23   N  N   . THR A 1 4   ? -6.928  4.797   -15.604 1.00 25.49 ? 14  THR A N   1 
ATOM   24   C  CA  . THR A 1 4   ? -5.936  5.588   -16.333 1.00 25.63 ? 14  THR A CA  1 
ATOM   25   C  C   . THR A 1 4   ? -5.922  5.148   -17.784 1.00 27.12 ? 14  THR A C   1 
ATOM   26   O  O   . THR A 1 4   ? -6.247  3.997   -18.093 1.00 23.42 ? 14  THR A O   1 
ATOM   27   C  CB  . THR A 1 4   ? -4.517  5.362   -15.799 1.00 28.48 ? 14  THR A CB  1 
ATOM   28   O  OG1 . THR A 1 4   ? -4.237  3.958   -15.839 1.00 25.64 ? 14  THR A OG1 1 
ATOM   29   C  CG2 . THR A 1 4   ? -4.376  5.884   -14.373 1.00 27.28 ? 14  THR A CG2 1 
ATOM   30   N  N   . LEU A 1 5   ? -5.523  6.066   -18.660 1.00 26.78 ? 15  LEU A N   1 
ATOM   31   C  CA  . LEU A 1 5   ? -5.432  5.806   -20.091 1.00 28.83 ? 15  LEU A CA  1 
ATOM   32   C  C   . LEU A 1 5   ? -4.586  4.577   -20.418 1.00 27.45 ? 15  LEU A C   1 
ATOM   33   O  O   . LEU A 1 5   ? -4.920  3.813   -21.318 1.00 26.37 ? 15  LEU A O   1 
ATOM   34   C  CB  . LEU A 1 5   ? -4.823  7.019   -20.800 1.00 30.34 ? 15  LEU A CB  1 
ATOM   35   C  CG  . LEU A 1 5   ? -5.669  8.295   -20.770 1.00 30.39 ? 15  LEU A CG  1 
ATOM   36   C  CD1 . LEU A 1 5   ? -4.821  9.485   -21.157 1.00 31.31 ? 15  LEU A CD1 1 
ATOM   37   C  CD2 . LEU A 1 5   ? -6.856  8.136   -21.701 1.00 33.34 ? 15  LEU A CD2 1 
ATOM   38   N  N   . GLY A 1 6   ? -3.494  4.377   -19.691 1.00 24.78 ? 16  GLY A N   1 
ATOM   39   C  CA  . GLY A 1 6   ? -2.640  3.241   -20.015 1.00 29.22 ? 16  GLY A CA  1 
ATOM   40   C  C   . GLY A 1 6   ? -2.799  1.939   -19.242 1.00 29.85 ? 16  GLY A C   1 
ATOM   41   O  O   . GLY A 1 6   ? -1.963  1.041   -19.400 1.00 29.09 ? 16  GLY A O   1 
ATOM   42   N  N   . SER A 1 7   ? -3.844  1.814   -18.422 1.00 27.25 ? 17  SER A N   1 
ATOM   43   C  CA  . SER A 1 7   ? -4.027  0.592   -17.623 1.00 29.49 ? 17  SER A CA  1 
ATOM   44   C  C   . SER A 1 7   ? -4.716  -0.549  -18.360 1.00 28.30 ? 17  SER A C   1 
ATOM   45   O  O   . SER A 1 7   ? -5.382  -0.344  -19.379 1.00 26.02 ? 17  SER A O   1 
ATOM   46   C  CB  . SER A 1 7   ? -4.799  0.903   -16.336 1.00 30.69 ? 17  SER A CB  1 
ATOM   47   O  OG  . SER A 1 7   ? -6.074  1.443   -16.625 1.00 31.71 ? 17  SER A OG  1 
ATOM   48   N  N   . GLY A 1 8   ? -4.540  -1.761  -17.845 1.00 28.11 ? 18  GLY A N   1 
ATOM   49   C  CA  . GLY A 1 8   ? -5.154  -2.919  -18.467 1.00 23.47 ? 18  GLY A CA  1 
ATOM   50   C  C   . GLY A 1 8   ? -6.236  -3.530  -17.594 1.00 27.73 ? 18  GLY A C   1 
ATOM   51   O  O   . GLY A 1 8   ? -6.794  -2.867  -16.717 1.00 23.87 ? 18  GLY A O   1 
ATOM   52   N  N   . ASN A 1 9   ? -6.535  -4.799  -17.841 1.00 25.19 ? 19  ASN A N   1 
ATOM   53   C  CA  . ASN A 1 9   ? -7.543  -5.521  -17.078 1.00 27.34 ? 19  ASN A CA  1 
ATOM   54   C  C   . ASN A 1 9   ? -6.894  -5.893  -15.738 1.00 28.94 ? 19  ASN A C   1 
ATOM   55   O  O   . ASN A 1 9   ? -6.039  -6.779  -15.685 1.00 28.09 ? 19  ASN A O   1 
ATOM   56   C  CB  . ASN A 1 9   ? -7.957  -6.784  -17.837 1.00 29.04 ? 19  ASN A CB  1 
ATOM   57   C  CG  . ASN A 1 9   ? -9.056  -7.540  -17.136 1.00 32.10 ? 19  ASN A CG  1 
ATOM   58   O  OD1 . ASN A 1 9   ? -8.974  -7.787  -15.936 1.00 33.36 ? 19  ASN A OD1 1 
ATOM   59   N  ND2 . ASN A 1 9   ? -10.094 -7.918  -17.882 1.00 35.76 ? 19  ASN A ND2 1 
ATOM   60   N  N   . LEU A 1 10  ? -7.305  -5.233  -14.656 1.00 24.15 ? 20  LEU A N   1 
ATOM   61   C  CA  . LEU A 1 10  ? -6.680  -5.496  -13.360 1.00 27.04 ? 20  LEU A CA  1 
ATOM   62   C  C   . LEU A 1 10  ? -7.012  -6.840  -12.694 1.00 27.30 ? 20  LEU A C   1 
ATOM   63   O  O   . LEU A 1 10  ? -6.190  -7.396  -11.955 1.00 26.33 ? 20  LEU A O   1 
ATOM   64   C  CB  . LEU A 1 10  ? -6.970  -4.335  -12.415 1.00 25.48 ? 20  LEU A CB  1 
ATOM   65   C  CG  . LEU A 1 10  ? -6.468  -2.987  -12.946 1.00 28.75 ? 20  LEU A CG  1 
ATOM   66   C  CD1 . LEU A 1 10  ? -6.902  -1.859  -12.015 1.00 30.21 ? 20  LEU A CD1 1 
ATOM   67   C  CD2 . LEU A 1 10  ? -4.954  -3.019  -13.081 1.00 28.78 ? 20  LEU A CD2 1 
ATOM   68   N  N   . ARG A 1 11  ? -8.203  -7.368  -12.936 1.00 26.62 ? 21  ARG A N   1 
ATOM   69   C  CA  . ARG A 1 11  ? -8.557  -8.661  -12.355 1.00 30.84 ? 21  ARG A CA  1 
ATOM   70   C  C   . ARG A 1 11  ? -7.609  -9.733  -12.895 1.00 30.84 ? 21  ARG A C   1 
ATOM   71   O  O   . ARG A 1 11  ? -7.142  -10.601 -12.158 1.00 30.70 ? 21  ARG A O   1 
ATOM   72   C  CB  . ARG A 1 11  ? -9.996  -9.046  -12.714 1.00 37.94 ? 21  ARG A CB  1 
ATOM   73   C  CG  . ARG A 1 11  ? -11.070 -8.333  -11.915 1.00 45.45 ? 21  ARG A CG  1 
ATOM   74   C  CD  . ARG A 1 11  ? -11.113 -8.800  -10.462 1.00 49.15 ? 21  ARG A CD  1 
ATOM   75   N  NE  . ARG A 1 11  ? -12.291 -8.274  -9.772  1.00 52.55 ? 21  ARG A NE  1 
ATOM   76   C  CZ  . ARG A 1 11  ? -12.429 -8.216  -8.451  1.00 51.44 ? 21  ARG A CZ  1 
ATOM   77   N  NH1 . ARG A 1 11  ? -11.461 -8.652  -7.656  1.00 54.48 ? 21  ARG A NH1 1 
ATOM   78   N  NH2 . ARG A 1 11  ? -13.535 -7.709  -7.923  1.00 54.25 ? 21  ARG A NH2 1 
ATOM   79   N  N   . GLN A 1 12  ? -7.334  -9.681  -14.193 1.00 29.53 ? 22  GLN A N   1 
ATOM   80   C  CA  . GLN A 1 12  ? -6.440  -10.669 -14.790 1.00 29.10 ? 22  GLN A CA  1 
ATOM   81   C  C   . GLN A 1 12  ? -5.003  -10.400 -14.379 1.00 27.32 ? 22  GLN A C   1 
ATOM   82   O  O   . GLN A 1 12  ? -4.233  -11.331 -14.171 1.00 24.48 ? 22  GLN A O   1 
ATOM   83   C  CB  . GLN A 1 12  ? -6.542  -10.643 -16.326 1.00 35.47 ? 22  GLN A CB  1 
ATOM   84   C  CG  . GLN A 1 12  ? -7.962  -10.821 -16.868 1.00 39.88 ? 22  GLN A CG  1 
ATOM   85   C  CD  . GLN A 1 12  ? -8.004  -10.960 -18.384 1.00 49.14 ? 22  GLN A CD  1 
ATOM   86   O  OE1 . GLN A 1 12  ? -7.251  -10.300 -19.106 1.00 52.78 ? 22  GLN A OE1 1 
ATOM   87   N  NE2 . GLN A 1 12  ? -8.900  -11.815 -18.878 1.00 49.54 ? 22  GLN A NE2 1 
ATOM   88   N  N   . ALA A 1 13  ? -4.638  -9.125  -14.255 1.00 21.00 ? 23  ALA A N   1 
ATOM   89   C  CA  . ALA A 1 13  ? -3.261  -8.783  -13.901 1.00 23.85 ? 23  ALA A CA  1 
ATOM   90   C  C   . ALA A 1 13  ? -2.761  -9.378  -12.587 1.00 23.21 ? 23  ALA A C   1 
ATOM   91   O  O   . ALA A 1 13  ? -1.576  -9.723  -12.482 1.00 24.34 ? 23  ALA A O   1 
ATOM   92   C  CB  . ALA A 1 13  ? -3.081  -7.250  -13.861 1.00 20.08 ? 23  ALA A CB  1 
ATOM   93   N  N   . VAL A 1 14  ? -3.645  -9.501  -11.596 1.00 21.42 ? 24  VAL A N   1 
ATOM   94   C  CA  . VAL A 1 14  ? -3.232  -9.993  -10.285 1.00 21.35 ? 24  VAL A CA  1 
ATOM   95   C  C   . VAL A 1 14  ? -3.179  -11.497 -10.129 1.00 22.23 ? 24  VAL A C   1 
ATOM   96   O  O   . VAL A 1 14  ? -2.648  -11.982 -9.143  1.00 21.81 ? 24  VAL A O   1 
ATOM   97   C  CB  . VAL A 1 14  ? -4.133  -9.425  -9.165  1.00 21.04 ? 24  VAL A CB  1 
ATOM   98   C  CG1 . VAL A 1 14  ? -4.149  -7.875  -9.241  1.00 18.20 ? 24  VAL A CG1 1 
ATOM   99   C  CG2 . VAL A 1 14  ? -5.533  -10.001 -9.286  1.00 19.87 ? 24  VAL A CG2 1 
ATOM   100  N  N   . MET A 1 15  ? -3.729  -12.232 -11.090 1.00 23.52 ? 25  MET A N   1 
ATOM   101  C  CA  . MET A 1 15  ? -3.724  -13.688 -11.012 1.00 25.63 ? 25  MET A CA  1 
ATOM   102  C  C   . MET A 1 15  ? -2.307  -14.235 -11.171 1.00 25.21 ? 25  MET A C   1 
ATOM   103  O  O   . MET A 1 15  ? -1.498  -13.693 -11.921 1.00 24.45 ? 25  MET A O   1 
ATOM   104  C  CB  . MET A 1 15  ? -4.626  -14.287 -12.101 1.00 29.15 ? 25  MET A CB  1 
ATOM   105  C  CG  . MET A 1 15  ? -6.073  -13.778 -12.056 1.00 32.02 ? 25  MET A CG  1 
ATOM   106  S  SD  . MET A 1 15  ? -7.080  -14.420 -13.427 1.00 33.51 ? 25  MET A SD  1 
ATOM   107  C  CE  . MET A 1 15  ? -7.726  -15.883 -12.615 1.00 42.86 ? 25  MET A CE  1 
ATOM   108  N  N   . LEU A 1 16  ? -2.012  -15.318 -10.468 1.00 24.53 ? 26  LEU A N   1 
ATOM   109  C  CA  . LEU A 1 16  ? -0.686  -15.939 -10.540 1.00 23.31 ? 26  LEU A CA  1 
ATOM   110  C  C   . LEU A 1 16  ? -0.461  -16.570 -11.922 1.00 24.50 ? 26  LEU A C   1 
ATOM   111  O  O   . LEU A 1 16  ? -1.184  -17.481 -12.298 1.00 26.67 ? 26  LEU A O   1 
ATOM   112  C  CB  . LEU A 1 16  ? -0.591  -17.030 -9.470  1.00 26.98 ? 26  LEU A CB  1 
ATOM   113  C  CG  . LEU A 1 16  ? 0.666   -17.901 -9.495  1.00 28.67 ? 26  LEU A CG  1 
ATOM   114  C  CD1 . LEU A 1 16  ? 1.872   -17.050 -9.116  1.00 25.15 ? 26  LEU A CD1 1 
ATOM   115  C  CD2 . LEU A 1 16  ? 0.502   -19.069 -8.541  1.00 29.31 ? 26  LEU A CD2 1 
ATOM   116  N  N   . PRO A 1 17  ? 0.529   -16.082 -12.698 1.00 21.80 ? 27  PRO A N   1 
ATOM   117  C  CA  . PRO A 1 17  ? 0.805   -16.636 -14.026 1.00 24.15 ? 27  PRO A CA  1 
ATOM   118  C  C   . PRO A 1 17  ? 1.047   -18.141 -13.951 1.00 26.94 ? 27  PRO A C   1 
ATOM   119  O  O   . PRO A 1 17  ? 1.651   -18.626 -12.999 1.00 27.03 ? 27  PRO A O   1 
ATOM   120  C  CB  . PRO A 1 17  ? 2.068   -15.889 -14.467 1.00 21.98 ? 27  PRO A CB  1 
ATOM   121  C  CG  . PRO A 1 17  ? 1.895   -14.545 -13.821 1.00 21.50 ? 27  PRO A CG  1 
ATOM   122  C  CD  . PRO A 1 17  ? 1.372   -14.900 -12.434 1.00 19.74 ? 27  PRO A CD  1 
ATOM   123  N  N   . GLU A 1 18  ? 0.570   -18.870 -14.954 1.00 26.30 ? 28  GLU A N   1 
ATOM   124  C  CA  . GLU A 1 18  ? 0.740   -20.323 -15.003 1.00 28.81 ? 28  GLU A CA  1 
ATOM   125  C  C   . GLU A 1 18  ? 2.226   -20.676 -14.925 1.00 26.83 ? 28  GLU A C   1 
ATOM   126  O  O   . GLU A 1 18  ? 3.022   -20.224 -15.752 1.00 24.34 ? 28  GLU A O   1 
ATOM   127  C  CB  . GLU A 1 18  ? 0.152   -20.862 -16.315 1.00 35.45 ? 28  GLU A CB  1 
ATOM   128  C  CG  . GLU A 1 18  ? 0.336   -22.362 -16.560 1.00 48.43 ? 28  GLU A CG  1 
ATOM   129  C  CD  . GLU A 1 18  ? -0.464  -23.230 -15.601 1.00 55.82 ? 28  GLU A CD  1 
ATOM   130  O  OE1 . GLU A 1 18  ? -0.087  -23.319 -14.411 1.00 62.21 ? 28  GLU A OE1 1 
ATOM   131  O  OE2 . GLU A 1 18  ? -1.476  -23.823 -16.039 1.00 61.17 ? 28  GLU A OE2 1 
ATOM   132  N  N   . GLY A 1 19  ? 2.595   -21.477 -13.928 1.00 24.59 ? 29  GLY A N   1 
ATOM   133  C  CA  . GLY A 1 19  ? 3.982   -21.892 -13.779 1.00 25.21 ? 29  GLY A CA  1 
ATOM   134  C  C   . GLY A 1 19  ? 4.842   -21.024 -12.872 1.00 25.11 ? 29  GLY A C   1 
ATOM   135  O  O   . GLY A 1 19  ? 5.982   -21.386 -12.558 1.00 24.92 ? 29  GLY A O   1 
ATOM   136  N  N   . GLU A 1 20  ? 4.314   -19.882 -12.446 1.00 23.87 ? 30  GLU A N   1 
ATOM   137  C  CA  . GLU A 1 20  ? 5.080   -18.986 -11.577 1.00 25.81 ? 30  GLU A CA  1 
ATOM   138  C  C   . GLU A 1 20  ? 4.908   -19.393 -10.114 1.00 24.54 ? 30  GLU A C   1 
ATOM   139  O  O   . GLU A 1 20  ? 3.913   -20.016 -9.756  1.00 24.99 ? 30  GLU A O   1 
ATOM   140  C  CB  . GLU A 1 20  ? 4.645   -17.521 -11.802 1.00 25.60 ? 30  GLU A CB  1 
ATOM   141  C  CG  . GLU A 1 20  ? 5.518   -16.498 -11.068 1.00 30.45 ? 30  GLU A CG  1 
ATOM   142  C  CD  . GLU A 1 20  ? 5.660   -15.179 -11.828 1.00 42.17 ? 30  GLU A CD  1 
ATOM   143  O  OE1 . GLU A 1 20  ? 6.401   -14.296 -11.345 1.00 37.73 ? 30  GLU A OE1 1 
ATOM   144  O  OE2 . GLU A 1 20  ? 5.041   -15.019 -12.911 1.00 39.33 ? 30  GLU A OE2 1 
ATOM   145  N  N   . ASP A 1 21  ? 5.889   -19.054 -9.278  1.00 22.57 ? 31  ASP A N   1 
ATOM   146  C  CA  . ASP A 1 21  ? 5.866   -19.400 -7.856  1.00 21.66 ? 31  ASP A CA  1 
ATOM   147  C  C   . ASP A 1 21  ? 5.085   -18.359 -7.055  1.00 25.54 ? 31  ASP A C   1 
ATOM   148  O  O   . ASP A 1 21  ? 5.244   -17.161 -7.278  1.00 22.62 ? 31  ASP A O   1 
ATOM   149  C  CB  . ASP A 1 21  ? 7.306   -19.491 -7.339  1.00 23.70 ? 31  ASP A CB  1 
ATOM   150  C  CG  . ASP A 1 21  ? 7.383   -19.708 -5.834  1.00 26.09 ? 31  ASP A CG  1 
ATOM   151  O  OD1 . ASP A 1 21  ? 7.971   -18.856 -5.144  1.00 27.50 ? 31  ASP A OD1 1 
ATOM   152  O  OD2 . ASP A 1 21  ? 6.881   -20.731 -5.342  1.00 28.14 ? 31  ASP A OD2 1 
ATOM   153  N  N   . LEU A 1 22  ? 4.241   -18.814 -6.126  1.00 21.38 ? 32  LEU A N   1 
ATOM   154  C  CA  . LEU A 1 22  ? 3.431   -17.892 -5.330  1.00 24.61 ? 32  LEU A CA  1 
ATOM   155  C  C   . LEU A 1 22  ? 4.239   -16.865 -4.530  1.00 24.88 ? 32  LEU A C   1 
ATOM   156  O  O   . LEU A 1 22  ? 3.928   -15.672 -4.580  1.00 23.48 ? 32  LEU A O   1 
ATOM   157  C  CB  . LEU A 1 22  ? 2.498   -18.664 -4.389  1.00 25.74 ? 32  LEU A CB  1 
ATOM   158  C  CG  . LEU A 1 22  ? 1.558   -17.785 -3.547  1.00 29.59 ? 32  LEU A CG  1 
ATOM   159  C  CD1 . LEU A 1 22  ? 0.699   -16.911 -4.441  1.00 26.65 ? 32  LEU A CD1 1 
ATOM   160  C  CD2 . LEU A 1 22  ? 0.665   -18.678 -2.681  1.00 32.24 ? 32  LEU A CD2 1 
ATOM   161  N  N   . ASN A 1 23  ? 5.263   -17.305 -3.792  1.00 22.37 ? 33  ASN A N   1 
ATOM   162  C  CA  . ASN A 1 23  ? 6.064   -16.358 -3.027  1.00 23.80 ? 33  ASN A CA  1 
ATOM   163  C  C   . ASN A 1 23  ? 6.675   -15.304 -3.944  1.00 20.80 ? 33  ASN A C   1 
ATOM   164  O  O   . ASN A 1 23  ? 6.625   -14.118 -3.637  1.00 20.69 ? 33  ASN A O   1 
ATOM   165  C  CB  . ASN A 1 23  ? 7.202   -17.048 -2.263  1.00 23.87 ? 33  ASN A CB  1 
ATOM   166  C  CG  . ASN A 1 23  ? 6.713   -17.775 -1.028  1.00 29.47 ? 33  ASN A CG  1 
ATOM   167  O  OD1 . ASN A 1 23  ? 5.708   -17.393 -0.431  1.00 26.69 ? 33  ASN A OD1 1 
ATOM   168  N  ND2 . ASN A 1 23  ? 7.430   -18.821 -0.631  1.00 31.09 ? 33  ASN A ND2 1 
ATOM   169  N  N   . GLU A 1 24  ? 7.248   -15.735 -5.061  1.00 18.54 ? 34  GLU A N   1 
ATOM   170  C  CA  . GLU A 1 24  ? 7.870   -14.777 -5.977  1.00 20.80 ? 34  GLU A CA  1 
ATOM   171  C  C   . GLU A 1 24  ? 6.850   -13.774 -6.529  1.00 20.51 ? 34  GLU A C   1 
ATOM   172  O  O   . GLU A 1 24  ? 7.157   -12.587 -6.667  1.00 20.17 ? 34  GLU A O   1 
ATOM   173  C  CB  . GLU A 1 24  ? 8.558   -15.496 -7.138  1.00 22.89 ? 34  GLU A CB  1 
ATOM   174  C  CG  . GLU A 1 24  ? 9.334   -14.549 -8.095  1.00 30.89 ? 34  GLU A CG  1 
ATOM   175  C  CD  . GLU A 1 24  ? 8.530   -14.176 -9.336  1.00 37.88 ? 34  GLU A CD  1 
ATOM   176  O  OE1 . GLU A 1 24  ? 7.284   -14.234 -9.259  1.00 38.12 ? 34  GLU A OE1 1 
ATOM   177  O  OE2 . GLU A 1 24  ? 9.131   -13.818 -10.387 1.00 41.91 ? 34  GLU A OE2 1 
ATOM   178  N  N   . TRP A 1 25  ? 5.647   -14.255 -6.840  1.00 20.25 ? 35  TRP A N   1 
ATOM   179  C  CA  . TRP A 1 25  ? 4.588   -13.397 -7.393  1.00 21.92 ? 35  TRP A CA  1 
ATOM   180  C  C   . TRP A 1 25  ? 4.209   -12.339 -6.366  1.00 21.44 ? 35  TRP A C   1 
ATOM   181  O  O   . TRP A 1 25  ? 4.075   -11.153 -6.691  1.00 21.91 ? 35  TRP A O   1 
ATOM   182  C  CB  . TRP A 1 25  ? 3.369   -14.247 -7.784  1.00 19.84 ? 35  TRP A CB  1 
ATOM   183  C  CG  . TRP A 1 25  ? 2.248   -13.487 -8.467  1.00 19.93 ? 35  TRP A CG  1 
ATOM   184  C  CD1 . TRP A 1 25  ? 0.954   -13.378 -8.040  1.00 21.05 ? 35  TRP A CD1 1 
ATOM   185  C  CD2 . TRP A 1 25  ? 2.328   -12.765 -9.705  1.00 18.39 ? 35  TRP A CD2 1 
ATOM   186  N  NE1 . TRP A 1 25  ? 0.214   -12.632 -8.942  1.00 19.89 ? 35  TRP A NE1 1 
ATOM   187  C  CE2 . TRP A 1 25  ? 1.036   -12.244 -9.970  1.00 20.51 ? 35  TRP A CE2 1 
ATOM   188  C  CE3 . TRP A 1 25  ? 3.364   -12.510 -10.618 1.00 19.68 ? 35  TRP A CE3 1 
ATOM   189  C  CZ2 . TRP A 1 25  ? 0.750   -11.478 -11.113 1.00 21.17 ? 35  TRP A CZ2 1 
ATOM   190  C  CZ3 . TRP A 1 25  ? 3.082   -11.746 -11.760 1.00 20.69 ? 35  TRP A CZ3 1 
ATOM   191  C  CH2 . TRP A 1 25  ? 1.779   -11.239 -11.994 1.00 21.82 ? 35  TRP A CH2 1 
ATOM   192  N  N   . ILE A 1 26  ? 4.059   -12.749 -5.114  1.00 19.97 ? 36  ILE A N   1 
ATOM   193  C  CA  . ILE A 1 26  ? 3.730   -11.774 -4.075  1.00 20.18 ? 36  ILE A CA  1 
ATOM   194  C  C   . ILE A 1 26  ? 4.874   -10.766 -3.892  1.00 20.24 ? 36  ILE A C   1 
ATOM   195  O  O   . ILE A 1 26  ? 4.645   -9.557  -3.693  1.00 19.62 ? 36  ILE A O   1 
ATOM   196  C  CB  . ILE A 1 26  ? 3.384   -12.498 -2.746  1.00 23.40 ? 36  ILE A CB  1 
ATOM   197  C  CG1 . ILE A 1 26  ? 2.009   -13.161 -2.906  1.00 22.47 ? 36  ILE A CG1 1 
ATOM   198  C  CG2 . ILE A 1 26  ? 3.397   -11.512 -1.572  1.00 22.33 ? 36  ILE A CG2 1 
ATOM   199  C  CD1 . ILE A 1 26  ? 1.656   -14.147 -1.813  1.00 29.97 ? 36  ILE A CD1 1 
ATOM   200  N  N   . ALA A 1 27  ? 6.105   -11.261 -3.975  1.00 19.56 ? 37  ALA A N   1 
ATOM   201  C  CA  . ALA A 1 27  ? 7.282   -10.410 -3.843  1.00 20.75 ? 37  ALA A CA  1 
ATOM   202  C  C   . ALA A 1 27  ? 7.310   -9.355  -4.959  1.00 22.34 ? 37  ALA A C   1 
ATOM   203  O  O   . ALA A 1 27  ? 7.474   -8.166  -4.698  1.00 22.09 ? 37  ALA A O   1 
ATOM   204  C  CB  . ALA A 1 27  ? 8.541   -11.263 -3.913  1.00 19.88 ? 37  ALA A CB  1 
ATOM   205  N  N   . VAL A 1 28  ? 7.155   -9.799  -6.202  1.00 21.38 ? 38  VAL A N   1 
ATOM   206  C  CA  . VAL A 1 28  ? 7.170   -8.883  -7.351  1.00 24.04 ? 38  VAL A CA  1 
ATOM   207  C  C   . VAL A 1 28  ? 6.057   -7.842  -7.249  1.00 23.05 ? 38  VAL A C   1 
ATOM   208  O  O   . VAL A 1 28  ? 6.265   -6.649  -7.517  1.00 21.36 ? 38  VAL A O   1 
ATOM   209  C  CB  . VAL A 1 28  ? 7.015   -9.674  -8.662  1.00 26.06 ? 38  VAL A CB  1 
ATOM   210  C  CG1 . VAL A 1 28  ? 6.730   -8.729  -9.820  1.00 31.59 ? 38  VAL A CG1 1 
ATOM   211  C  CG2 . VAL A 1 28  ? 8.299   -10.468 -8.925  1.00 27.05 ? 38  VAL A CG2 1 
ATOM   212  N  N   . ASN A 1 29  ? 4.866   -8.291  -6.866  1.00 21.29 ? 39  ASN A N   1 
ATOM   213  C  CA  . ASN A 1 29  ? 3.743   -7.375  -6.732  1.00 21.96 ? 39  ASN A CA  1 
ATOM   214  C  C   . ASN A 1 29  ? 3.912   -6.409  -5.562  1.00 22.30 ? 39  ASN A C   1 
ATOM   215  O  O   . ASN A 1 29  ? 3.551   -5.241  -5.660  1.00 20.33 ? 39  ASN A O   1 
ATOM   216  C  CB  . ASN A 1 29  ? 2.439   -8.158  -6.594  1.00 20.53 ? 39  ASN A CB  1 
ATOM   217  C  CG  . ASN A 1 29  ? 1.895   -8.595  -7.939  1.00 25.27 ? 39  ASN A CG  1 
ATOM   218  O  OD1 . ASN A 1 29  ? 2.268   -9.643  -8.481  1.00 25.96 ? 39  ASN A OD1 1 
ATOM   219  N  ND2 . ASN A 1 29  ? 1.034   -7.773  -8.501  1.00 20.95 ? 39  ASN A ND2 1 
ATOM   220  N  N   . THR A 1 30  ? 4.458   -6.897  -4.455  1.00 20.40 ? 40  THR A N   1 
ATOM   221  C  CA  . THR A 1 30  ? 4.660   -6.047  -3.285  1.00 19.20 ? 40  THR A CA  1 
ATOM   222  C  C   . THR A 1 30  ? 5.668   -4.930  -3.618  1.00 21.89 ? 40  THR A C   1 
ATOM   223  O  O   . THR A 1 30  ? 5.483   -3.773  -3.247  1.00 21.15 ? 40  THR A O   1 
ATOM   224  C  CB  . THR A 1 30  ? 5.127   -6.901  -2.083  1.00 22.47 ? 40  THR A CB  1 
ATOM   225  O  OG1 . THR A 1 30  ? 4.070   -7.821  -1.737  1.00 21.45 ? 40  THR A OG1 1 
ATOM   226  C  CG2 . THR A 1 30  ? 5.455   -6.023  -0.875  1.00 20.89 ? 40  THR A CG2 1 
ATOM   227  N  N   . VAL A 1 31  ? 6.731   -5.276  -4.329  1.00 21.28 ? 41  VAL A N   1 
ATOM   228  C  CA  . VAL A 1 31  ? 7.701   -4.269  -4.726  1.00 21.99 ? 41  VAL A CA  1 
ATOM   229  C  C   . VAL A 1 31  ? 6.976   -3.235  -5.614  1.00 22.66 ? 41  VAL A C   1 
ATOM   230  O  O   . VAL A 1 31  ? 7.171   -2.019  -5.485  1.00 22.85 ? 41  VAL A O   1 
ATOM   231  C  CB  . VAL A 1 31  ? 8.862   -4.923  -5.528  1.00 20.34 ? 41  VAL A CB  1 
ATOM   232  C  CG1 . VAL A 1 31  ? 9.647   -3.857  -6.278  1.00 17.30 ? 41  VAL A CG1 1 
ATOM   233  C  CG2 . VAL A 1 31  ? 9.803   -5.672  -4.573  1.00 24.55 ? 41  VAL A CG2 1 
ATOM   234  N  N   . ASP A 1 32  ? 6.119   -3.722  -6.499  1.00 21.14 ? 42  ASP A N   1 
ATOM   235  C  CA  . ASP A 1 32  ? 5.414   -2.823  -7.405  1.00 22.21 ? 42  ASP A CA  1 
ATOM   236  C  C   . ASP A 1 32  ? 4.478   -1.845  -6.696  1.00 20.51 ? 42  ASP A C   1 
ATOM   237  O  O   . ASP A 1 32  ? 4.421   -0.675  -7.060  1.00 20.61 ? 42  ASP A O   1 
ATOM   238  C  CB  . ASP A 1 32  ? 4.635   -3.618  -8.450  1.00 22.51 ? 42  ASP A CB  1 
ATOM   239  C  CG  . ASP A 1 32  ? 4.238   -2.761  -9.635  1.00 26.73 ? 42  ASP A CG  1 
ATOM   240  O  OD1 . ASP A 1 32  ? 5.153   -2.239  -10.308 1.00 29.59 ? 42  ASP A OD1 1 
ATOM   241  O  OD2 . ASP A 1 32  ? 3.027   -2.608  -9.884  1.00 27.79 ? 42  ASP A OD2 1 
ATOM   242  N  N   . PHE A 1 33  ? 3.742   -2.311  -5.693  1.00 18.57 ? 43  PHE A N   1 
ATOM   243  C  CA  . PHE A 1 33  ? 2.849   -1.412  -4.974  1.00 17.48 ? 43  PHE A CA  1 
ATOM   244  C  C   . PHE A 1 33  ? 3.614   -0.401  -4.134  1.00 18.93 ? 43  PHE A C   1 
ATOM   245  O  O   . PHE A 1 33  ? 3.174   0.739   -3.958  1.00 18.35 ? 43  PHE A O   1 
ATOM   246  C  CB  . PHE A 1 33  ? 1.844   -2.220  -4.152  1.00 19.22 ? 43  PHE A CB  1 
ATOM   247  C  CG  . PHE A 1 33  ? 0.795   -2.874  -5.013  1.00 18.39 ? 43  PHE A CG  1 
ATOM   248  C  CD1 . PHE A 1 33  ? -0.035  -2.091  -5.813  1.00 22.86 ? 43  PHE A CD1 1 
ATOM   249  C  CD2 . PHE A 1 33  ? 0.726   -4.256  -5.134  1.00 21.72 ? 43  PHE A CD2 1 
ATOM   250  C  CE1 . PHE A 1 33  ? -0.913  -2.681  -6.739  1.00 23.12 ? 43  PHE A CE1 1 
ATOM   251  C  CE2 . PHE A 1 33  ? -0.148  -4.859  -6.062  1.00 21.80 ? 43  PHE A CE2 1 
ATOM   252  C  CZ  . PHE A 1 33  ? -0.962  -4.070  -6.864  1.00 21.13 ? 43  PHE A CZ  1 
ATOM   253  N  N   . PHE A 1 34  ? 4.780   -0.800  -3.636  1.00 20.11 ? 44  PHE A N   1 
ATOM   254  C  CA  . PHE A 1 34  ? 5.595   0.136   -2.878  1.00 21.06 ? 44  PHE A CA  1 
ATOM   255  C  C   . PHE A 1 34  ? 5.959   1.266   -3.852  1.00 19.86 ? 44  PHE A C   1 
ATOM   256  O  O   . PHE A 1 34  ? 5.899   2.443   -3.502  1.00 21.40 ? 44  PHE A O   1 
ATOM   257  C  CB  . PHE A 1 34  ? 6.888   -0.520  -2.393  1.00 20.37 ? 44  PHE A CB  1 
ATOM   258  C  CG  . PHE A 1 34  ? 7.926   0.477   -1.932  1.00 24.59 ? 44  PHE A CG  1 
ATOM   259  C  CD1 . PHE A 1 34  ? 7.837   1.062   -0.672  1.00 21.86 ? 44  PHE A CD1 1 
ATOM   260  C  CD2 . PHE A 1 34  ? 8.961   0.870   -2.785  1.00 24.88 ? 44  PHE A CD2 1 
ATOM   261  C  CE1 . PHE A 1 34  ? 8.761   2.026   -0.266  1.00 26.66 ? 44  PHE A CE1 1 
ATOM   262  C  CE2 . PHE A 1 34  ? 9.888   1.829   -2.395  1.00 24.60 ? 44  PHE A CE2 1 
ATOM   263  C  CZ  . PHE A 1 34  ? 9.792   2.412   -1.132  1.00 28.42 ? 44  PHE A CZ  1 
ATOM   264  N  N   . ASN A 1 35  ? 6.333   0.896   -5.077  1.00 20.93 ? 45  ASN A N   1 
ATOM   265  C  CA  . ASN A 1 35  ? 6.716   1.903   -6.076  1.00 22.78 ? 45  ASN A CA  1 
ATOM   266  C  C   . ASN A 1 35  ? 5.534   2.775   -6.491  1.00 20.96 ? 45  ASN A C   1 
ATOM   267  O  O   . ASN A 1 35  ? 5.672   3.994   -6.628  1.00 21.85 ? 45  ASN A O   1 
ATOM   268  C  CB  . ASN A 1 35  ? 7.330   1.233   -7.308  1.00 23.28 ? 45  ASN A CB  1 
ATOM   269  C  CG  . ASN A 1 35  ? 8.724   0.691   -7.038  1.00 23.97 ? 45  ASN A CG  1 
ATOM   270  O  OD1 . ASN A 1 35  ? 9.463   1.235   -6.222  1.00 25.41 ? 45  ASN A OD1 1 
ATOM   271  N  ND2 . ASN A 1 35  ? 9.095   -0.367  -7.738  1.00 20.65 ? 45  ASN A ND2 1 
ATOM   272  N  N   . GLN A 1 36  ? 4.373   2.155   -6.687  1.00 19.85 ? 46  GLN A N   1 
ATOM   273  C  CA  . GLN A 1 36  ? 3.188   2.907   -7.071  1.00 17.16 ? 46  GLN A CA  1 
ATOM   274  C  C   . GLN A 1 36  ? 2.837   3.923   -5.993  1.00 19.46 ? 46  GLN A C   1 
ATOM   275  O  O   . GLN A 1 36  ? 2.522   5.075   -6.297  1.00 19.68 ? 46  GLN A O   1 
ATOM   276  C  CB  . GLN A 1 36  ? 1.992   1.968   -7.290  1.00 19.85 ? 46  GLN A CB  1 
ATOM   277  C  CG  . GLN A 1 36  ? 2.098   1.072   -8.529  1.00 20.74 ? 46  GLN A CG  1 
ATOM   278  C  CD  . GLN A 1 36  ? 0.812   0.306   -8.793  1.00 23.08 ? 46  GLN A CD  1 
ATOM   279  O  OE1 . GLN A 1 36  ? -0.274  0.873   -8.728  1.00 22.76 ? 46  GLN A OE1 1 
ATOM   280  N  NE2 . GLN A 1 36  ? 0.932   -0.984  -9.101  1.00 22.91 ? 46  GLN A NE2 1 
ATOM   281  N  N   . ILE A 1 37  ? 2.904   3.505   -4.728  1.00 19.18 ? 47  ILE A N   1 
ATOM   282  C  CA  . ILE A 1 37  ? 2.571   4.403   -3.631  1.00 22.55 ? 47  ILE A CA  1 
ATOM   283  C  C   . ILE A 1 37  ? 3.633   5.487   -3.446  1.00 21.67 ? 47  ILE A C   1 
ATOM   284  O  O   . ILE A 1 37  ? 3.314   6.636   -3.126  1.00 23.29 ? 47  ILE A O   1 
ATOM   285  C  CB  . ILE A 1 37  ? 2.383   3.618   -2.305  1.00 23.27 ? 47  ILE A CB  1 
ATOM   286  C  CG1 . ILE A 1 37  ? 1.207   2.646   -2.455  1.00 27.35 ? 47  ILE A CG1 1 
ATOM   287  C  CG2 . ILE A 1 37  ? 2.117   4.584   -1.164  1.00 24.22 ? 47  ILE A CG2 1 
ATOM   288  C  CD1 . ILE A 1 37  ? 1.035   1.674   -1.276  1.00 26.01 ? 47  ILE A CD1 1 
ATOM   289  N  N   . ASN A 1 38  ? 4.894   5.116   -3.639  1.00 21.89 ? 48  ASN A N   1 
ATOM   290  C  CA  . ASN A 1 38  ? 5.981   6.077   -3.512  1.00 24.15 ? 48  ASN A CA  1 
ATOM   291  C  C   . ASN A 1 38  ? 5.746   7.162   -4.584  1.00 25.84 ? 48  ASN A C   1 
ATOM   292  O  O   . ASN A 1 38  ? 5.905   8.353   -4.328  1.00 24.25 ? 48  ASN A O   1 
ATOM   293  C  CB  . ASN A 1 38  ? 7.325   5.370   -3.743  1.00 25.18 ? 48  ASN A CB  1 
ATOM   294  C  CG  . ASN A 1 38  ? 8.520   6.291   -3.508  1.00 28.71 ? 48  ASN A CG  1 
ATOM   295  O  OD1 . ASN A 1 38  ? 8.477   7.154   -2.639  1.00 29.33 ? 48  ASN A OD1 1 
ATOM   296  N  ND2 . ASN A 1 38  ? 9.592   6.094   -4.270  1.00 25.49 ? 48  ASN A ND2 1 
ATOM   297  N  N   . MET A 1 39  ? 5.348   6.729   -5.777  1.00 20.30 ? 49  MET A N   1 
ATOM   298  C  CA  . MET A 1 39  ? 5.085   7.642   -6.889  1.00 23.88 ? 49  MET A CA  1 
ATOM   299  C  C   . MET A 1 39  ? 3.927   8.598   -6.577  1.00 25.09 ? 49  MET A C   1 
ATOM   300  O  O   . MET A 1 39  ? 4.040   9.833   -6.737  1.00 24.77 ? 49  MET A O   1 
ATOM   301  C  CB  . MET A 1 39  ? 4.760   6.835   -8.161  1.00 19.29 ? 49  MET A CB  1 
ATOM   302  C  CG  . MET A 1 39  ? 5.984   6.156   -8.794  1.00 22.17 ? 49  MET A CG  1 
ATOM   303  S  SD  . MET A 1 39  ? 5.574   5.084   -10.243 1.00 24.94 ? 49  MET A SD  1 
ATOM   304  C  CE  . MET A 1 39  ? 5.612   6.275   -11.446 1.00 29.91 ? 49  MET A CE  1 
ATOM   305  N  N   . LEU A 1 40  ? 2.821   8.020   -6.124  1.00 20.97 ? 50  LEU A N   1 
ATOM   306  C  CA  . LEU A 1 40  ? 1.633   8.801   -5.818  1.00 23.02 ? 50  LEU A CA  1 
ATOM   307  C  C   . LEU A 1 40  ? 1.847   9.765   -4.658  1.00 24.70 ? 50  LEU A C   1 
ATOM   308  O  O   . LEU A 1 40  ? 1.542   10.954  -4.774  1.00 25.40 ? 50  LEU A O   1 
ATOM   309  C  CB  . LEU A 1 40  ? 0.448   7.870   -5.532  1.00 19.78 ? 50  LEU A CB  1 
ATOM   310  C  CG  . LEU A 1 40  ? -0.124  7.139   -6.757  1.00 23.05 ? 50  LEU A CG  1 
ATOM   311  C  CD1 . LEU A 1 40  ? -1.051  6.019   -6.308  1.00 21.76 ? 50  LEU A CD1 1 
ATOM   312  C  CD2 . LEU A 1 40  ? -0.895  8.139   -7.648  1.00 18.88 ? 50  LEU A CD2 1 
ATOM   313  N  N   . TYR A 1 41  ? 2.387   9.269   -3.549  1.00 23.30 ? 51  TYR A N   1 
ATOM   314  C  CA  . TYR A 1 41  ? 2.595   10.136  -2.397  1.00 23.20 ? 51  TYR A CA  1 
ATOM   315  C  C   . TYR A 1 41  ? 3.546   11.276  -2.749  1.00 24.34 ? 51  TYR A C   1 
ATOM   316  O  O   . TYR A 1 41  ? 3.359   12.411  -2.310  1.00 22.83 ? 51  TYR A O   1 
ATOM   317  C  CB  . TYR A 1 41  ? 3.155   9.348   -1.210  1.00 21.32 ? 51  TYR A CB  1 
ATOM   318  C  CG  . TYR A 1 41  ? 3.246   10.188  0.049   1.00 25.74 ? 51  TYR A CG  1 
ATOM   319  C  CD1 . TYR A 1 41  ? 2.094   10.695  0.665   1.00 27.71 ? 51  TYR A CD1 1 
ATOM   320  C  CD2 . TYR A 1 41  ? 4.478   10.504  0.605   1.00 26.02 ? 51  TYR A CD2 1 
ATOM   321  C  CE1 . TYR A 1 41  ? 2.180   11.506  1.814   1.00 26.68 ? 51  TYR A CE1 1 
ATOM   322  C  CE2 . TYR A 1 41  ? 4.575   11.310  1.745   1.00 26.80 ? 51  TYR A CE2 1 
ATOM   323  C  CZ  . TYR A 1 41  ? 3.426   11.804  2.338   1.00 27.66 ? 51  TYR A CZ  1 
ATOM   324  O  OH  . TYR A 1 41  ? 3.543   12.584  3.464   1.00 31.01 ? 51  TYR A OH  1 
ATOM   325  N  N   . GLY A 1 42  ? 4.555   10.969  -3.555  1.00 22.68 ? 52  GLY A N   1 
ATOM   326  C  CA  . GLY A 1 42  ? 5.518   11.977  -3.949  1.00 24.57 ? 52  GLY A CA  1 
ATOM   327  C  C   . GLY A 1 42  ? 4.861   13.183  -4.582  1.00 28.36 ? 52  GLY A C   1 
ATOM   328  O  O   . GLY A 1 42  ? 5.295   14.315  -4.366  1.00 26.90 ? 52  GLY A O   1 
ATOM   329  N  N   . THR A 1 43  ? 3.792   12.962  -5.344  1.00 26.47 ? 53  THR A N   1 
ATOM   330  C  CA  . THR A 1 43  ? 3.139   14.078  -6.009  1.00 28.19 ? 53  THR A CA  1 
ATOM   331  C  C   . THR A 1 43  ? 2.476   15.069  -5.046  1.00 30.18 ? 53  THR A C   1 
ATOM   332  O  O   . THR A 1 43  ? 2.232   16.211  -5.413  1.00 27.49 ? 53  THR A O   1 
ATOM   333  C  CB  . THR A 1 43  ? 2.072   13.599  -7.023  1.00 25.27 ? 53  THR A CB  1 
ATOM   334  O  OG1 . THR A 1 43  ? 0.937   13.074  -6.328  1.00 24.82 ? 53  THR A OG1 1 
ATOM   335  C  CG2 . THR A 1 43  ? 2.638   12.521  -7.934  1.00 25.10 ? 53  THR A CG2 1 
ATOM   336  N  N   . ILE A 1 44  ? 2.181   14.650  -3.818  1.00 31.88 ? 54  ILE A N   1 
ATOM   337  C  CA  . ILE A 1 44  ? 1.515   15.570  -2.892  1.00 33.18 ? 54  ILE A CA  1 
ATOM   338  C  C   . ILE A 1 44  ? 2.255   15.883  -1.603  1.00 31.69 ? 54  ILE A C   1 
ATOM   339  O  O   . ILE A 1 44  ? 1.653   16.401  -0.663  1.00 33.31 ? 54  ILE A O   1 
ATOM   340  C  CB  . ILE A 1 44  ? 0.105   15.060  -2.501  1.00 33.41 ? 54  ILE A CB  1 
ATOM   341  C  CG1 . ILE A 1 44  ? 0.222   13.715  -1.781  1.00 32.34 ? 54  ILE A CG1 1 
ATOM   342  C  CG2 . ILE A 1 44  ? -0.785  14.949  -3.746  1.00 32.74 ? 54  ILE A CG2 1 
ATOM   343  C  CD1 . ILE A 1 44  ? -1.071  13.257  -1.168  1.00 42.74 ? 54  ILE A CD1 1 
ATOM   344  N  N   . THR A 1 45  ? 3.549   15.591  -1.548  1.00 33.65 ? 55  THR A N   1 
ATOM   345  C  CA  . THR A 1 45  ? 4.303   15.853  -0.329  1.00 37.88 ? 55  THR A CA  1 
ATOM   346  C  C   . THR A 1 45  ? 4.291   17.302  0.140   1.00 40.97 ? 55  THR A C   1 
ATOM   347  O  O   . THR A 1 45  ? 4.411   17.561  1.338   1.00 41.21 ? 55  THR A O   1 
ATOM   348  C  CB  . THR A 1 45  ? 5.778   15.415  -0.454  1.00 37.93 ? 55  THR A CB  1 
ATOM   349  O  OG1 . THR A 1 45  ? 6.375   16.052  -1.589  1.00 36.60 ? 55  THR A OG1 1 
ATOM   350  C  CG2 . THR A 1 45  ? 5.874   13.921  -0.607  1.00 37.24 ? 55  THR A CG2 1 
ATOM   351  N  N   . GLU A 1 46  ? 4.153   18.256  -0.776  1.00 39.59 ? 56  GLU A N   1 
ATOM   352  C  CA  . GLU A 1 46  ? 4.154   19.650  -0.345  1.00 42.14 ? 56  GLU A CA  1 
ATOM   353  C  C   . GLU A 1 46  ? 2.840   20.037  0.322   1.00 40.59 ? 56  GLU A C   1 
ATOM   354  O  O   . GLU A 1 46  ? 2.757   21.076  0.969   1.00 37.88 ? 56  GLU A O   1 
ATOM   355  C  CB  . GLU A 1 46  ? 4.435   20.591  -1.521  1.00 46.37 ? 56  GLU A CB  1 
ATOM   356  C  CG  . GLU A 1 46  ? 3.348   20.652  -2.564  1.00 50.07 ? 56  GLU A CG  1 
ATOM   357  C  CD  . GLU A 1 46  ? 3.720   21.564  -3.720  1.00 55.77 ? 56  GLU A CD  1 
ATOM   358  O  OE1 . GLU A 1 46  ? 3.693   22.805  -3.533  1.00 52.18 ? 56  GLU A OE1 1 
ATOM   359  O  OE2 . GLU A 1 46  ? 4.051   21.026  -4.806  1.00 55.55 ? 56  GLU A OE2 1 
ATOM   360  N  N   . PHE A 1 47  ? 1.825   19.189  0.172   1.00 38.34 ? 57  PHE A N   1 
ATOM   361  C  CA  . PHE A 1 47  ? 0.513   19.447  0.753   1.00 35.74 ? 57  PHE A CA  1 
ATOM   362  C  C   . PHE A 1 47  ? 0.275   18.622  2.023   1.00 35.56 ? 57  PHE A C   1 
ATOM   363  O  O   . PHE A 1 47  ? -0.734  18.798  2.708   1.00 32.15 ? 57  PHE A O   1 
ATOM   364  C  CB  . PHE A 1 47  ? -0.571  19.151  -0.286  1.00 37.30 ? 57  PHE A CB  1 
ATOM   365  C  CG  . PHE A 1 47  ? -0.317  19.805  -1.613  1.00 38.83 ? 57  PHE A CG  1 
ATOM   366  C  CD1 . PHE A 1 47  ? -0.320  21.194  -1.730  1.00 41.47 ? 57  PHE A CD1 1 
ATOM   367  C  CD2 . PHE A 1 47  ? -0.034  19.041  -2.738  1.00 39.84 ? 57  PHE A CD2 1 
ATOM   368  C  CE1 . PHE A 1 47  ? -0.042  21.812  -2.949  1.00 40.97 ? 57  PHE A CE1 1 
ATOM   369  C  CE2 . PHE A 1 47  ? 0.245   19.645  -3.961  1.00 41.42 ? 57  PHE A CE2 1 
ATOM   370  C  CZ  . PHE A 1 47  ? 0.241   21.037  -4.066  1.00 41.77 ? 57  PHE A CZ  1 
ATOM   371  N  N   . CYS A 1 48  ? 1.197   17.713  2.324   1.00 33.03 ? 58  CYS A N   1 
ATOM   372  C  CA  . CYS A 1 48  ? 1.091   16.901  3.537   1.00 33.29 ? 58  CYS A CA  1 
ATOM   373  C  C   . CYS A 1 48  ? 2.238   17.384  4.403   1.00 34.31 ? 58  CYS A C   1 
ATOM   374  O  O   . CYS A 1 48  ? 3.394   16.995  4.199   1.00 34.46 ? 58  CYS A O   1 
ATOM   375  C  CB  . CYS A 1 48  ? 1.249   15.398  3.238   1.00 33.15 ? 58  CYS A CB  1 
ATOM   376  S  SG  . CYS A 1 48  ? 0.925   14.346  4.699   1.00 29.79 ? 58  CYS A SG  1 
ATOM   377  N  N   . THR A 1 49  ? 1.904   18.239  5.368   1.00 34.37 ? 59  THR A N   1 
ATOM   378  C  CA  . THR A 1 49  ? 2.881   18.851  6.257   1.00 36.29 ? 59  THR A CA  1 
ATOM   379  C  C   . THR A 1 49  ? 2.623   18.637  7.748   1.00 36.64 ? 59  THR A C   1 
ATOM   380  O  O   . THR A 1 49  ? 1.636   18.017  8.144   1.00 35.68 ? 59  THR A O   1 
ATOM   381  C  CB  . THR A 1 49  ? 2.901   20.366  6.021   1.00 36.32 ? 59  THR A CB  1 
ATOM   382  O  OG1 . THR A 1 49  ? 1.620   20.907  6.376   1.00 33.49 ? 59  THR A OG1 1 
ATOM   383  C  CG2 . THR A 1 49  ? 3.161   20.667  4.553   1.00 39.19 ? 59  THR A CG2 1 
ATOM   384  N  N   . GLU A 1 50  ? 3.524   19.174  8.567   1.00 39.34 ? 60  GLU A N   1 
ATOM   385  C  CA  . GLU A 1 50  ? 3.399   19.094  10.021  1.00 42.11 ? 60  GLU A CA  1 
ATOM   386  C  C   . GLU A 1 50  ? 2.129   19.818  10.432  1.00 42.22 ? 60  GLU A C   1 
ATOM   387  O  O   . GLU A 1 50  ? 1.412   19.382  11.327  1.00 43.38 ? 60  GLU A O   1 
ATOM   388  C  CB  . GLU A 1 50  ? 4.582   19.780  10.706  1.00 45.06 ? 60  GLU A CB  1 
ATOM   389  C  CG  . GLU A 1 50  ? 5.907   19.086  10.532  1.00 49.63 ? 60  GLU A CG  1 
ATOM   390  C  CD  . GLU A 1 50  ? 5.955   17.766  11.266  1.00 52.48 ? 60  GLU A CD  1 
ATOM   391  O  OE1 . GLU A 1 50  ? 5.609   17.752  12.466  1.00 53.42 ? 60  GLU A OE1 1 
ATOM   392  O  OE2 . GLU A 1 50  ? 6.347   16.751  10.652  1.00 53.38 ? 60  GLU A OE2 1 
ATOM   393  N  N   . ALA A 1 51  ? 1.861   20.932  9.760   1.00 41.56 ? 61  ALA A N   1 
ATOM   394  C  CA  . ALA A 1 51  ? 0.694   21.754  10.050  1.00 41.78 ? 61  ALA A CA  1 
ATOM   395  C  C   . ALA A 1 51  ? -0.613  21.188  9.507   1.00 39.31 ? 61  ALA A C   1 
ATOM   396  O  O   . ALA A 1 51  ? -1.644  21.274  10.166  1.00 37.46 ? 61  ALA A O   1 
ATOM   397  C  CB  . ALA A 1 51  ? 0.911   23.173  9.506   1.00 41.02 ? 61  ALA A CB  1 
ATOM   398  N  N   . SER A 1 52  ? -0.588  20.611  8.309   1.00 38.73 ? 62  SER A N   1 
ATOM   399  C  CA  . SER A 1 52  ? -1.826  20.072  7.751   1.00 34.62 ? 62  SER A CA  1 
ATOM   400  C  C   . SER A 1 52  ? -2.193  18.735  8.390   1.00 35.08 ? 62  SER A C   1 
ATOM   401  O  O   . SER A 1 52  ? -3.373  18.417  8.548   1.00 35.24 ? 62  SER A O   1 
ATOM   402  C  CB  . SER A 1 52  ? -1.705  19.876  6.235   1.00 37.69 ? 62  SER A CB  1 
ATOM   403  O  OG  . SER A 1 52  ? -0.827  18.807  5.924   1.00 36.23 ? 62  SER A OG  1 
ATOM   404  N  N   . CYS A 1 53  ? -1.181  17.959  8.761   1.00 32.69 ? 63  CYS A N   1 
ATOM   405  C  CA  . CYS A 1 53  ? -1.408  16.638  9.342   1.00 33.81 ? 63  CYS A CA  1 
ATOM   406  C  C   . CYS A 1 53  ? -0.583  16.399  10.598  1.00 34.31 ? 63  CYS A C   1 
ATOM   407  O  O   . CYS A 1 53  ? 0.388   15.640  10.567  1.00 37.31 ? 63  CYS A O   1 
ATOM   408  C  CB  . CYS A 1 53  ? -1.071  15.575  8.290   1.00 32.22 ? 63  CYS A CB  1 
ATOM   409  S  SG  . CYS A 1 53  ? -2.025  15.826  6.771   1.00 31.71 ? 63  CYS A SG  1 
ATOM   410  N  N   . PRO A 1 54  ? -0.962  17.043  11.723  1.00 35.13 ? 64  PRO A N   1 
ATOM   411  C  CA  . PRO A 1 54  ? -0.244  16.893  12.995  1.00 35.82 ? 64  PRO A CA  1 
ATOM   412  C  C   . PRO A 1 54  ? -0.165  15.441  13.479  1.00 33.51 ? 64  PRO A C   1 
ATOM   413  O  O   . PRO A 1 54  ? 0.720   15.094  14.257  1.00 35.35 ? 64  PRO A O   1 
ATOM   414  C  CB  . PRO A 1 54  ? -1.018  17.815  13.946  1.00 36.58 ? 64  PRO A CB  1 
ATOM   415  C  CG  . PRO A 1 54  ? -2.407  17.807  13.387  1.00 35.16 ? 64  PRO A CG  1 
ATOM   416  C  CD  . PRO A 1 54  ? -2.149  17.901  11.890  1.00 34.87 ? 64  PRO A CD  1 
ATOM   417  N  N   . VAL A 1 55  ? -1.093  14.596  13.033  1.00 35.03 ? 65  VAL A N   1 
ATOM   418  C  CA  . VAL A 1 55  ? -1.050  13.170  13.389  1.00 33.66 ? 65  VAL A CA  1 
ATOM   419  C  C   . VAL A 1 55  ? -1.373  12.341  12.145  1.00 35.82 ? 65  VAL A C   1 
ATOM   420  O  O   . VAL A 1 55  ? -1.982  12.850  11.196  1.00 33.46 ? 65  VAL A O   1 
ATOM   421  C  CB  . VAL A 1 55  ? -2.077  12.792  14.497  1.00 35.22 ? 65  VAL A CB  1 
ATOM   422  C  CG1 . VAL A 1 55  ? -1.866  13.654  15.726  1.00 40.14 ? 65  VAL A CG1 1 
ATOM   423  C  CG2 . VAL A 1 55  ? -3.499  12.938  13.975  1.00 36.68 ? 65  VAL A CG2 1 
ATOM   424  N  N   . MET A 1 56  ? -0.957  11.074  12.143  1.00 33.99 ? 66  MET A N   1 
ATOM   425  C  CA  . MET A 1 56  ? -1.257  10.193  11.014  1.00 32.60 ? 66  MET A CA  1 
ATOM   426  C  C   . MET A 1 56  ? -2.666  9.635   11.191  1.00 33.37 ? 66  MET A C   1 
ATOM   427  O  O   . MET A 1 56  ? -2.958  8.993   12.206  1.00 30.92 ? 66  MET A O   1 
ATOM   428  C  CB  . MET A 1 56  ? -0.267  9.030   10.942  1.00 28.18 ? 66  MET A CB  1 
ATOM   429  C  CG  . MET A 1 56  ? -0.584  8.036   9.816   1.00 28.17 ? 66  MET A CG  1 
ATOM   430  S  SD  . MET A 1 56  ? -0.412  8.734   8.117   1.00 21.05 ? 66  MET A SD  1 
ATOM   431  C  CE  . MET A 1 56  ? -0.680  7.177   7.145   1.00 28.87 ? 66  MET A CE  1 
ATOM   432  N  N   . SER A 1 57  ? -3.540  9.885   10.217  1.00 30.98 ? 67  SER A N   1 
ATOM   433  C  CA  . SER A 1 57  ? -4.905  9.386   10.291  1.00 32.96 ? 67  SER A CA  1 
ATOM   434  C  C   . SER A 1 57  ? -5.533  9.114   8.927   1.00 31.14 ? 67  SER A C   1 
ATOM   435  O  O   . SER A 1 57  ? -5.008  9.517   7.883   1.00 32.42 ? 67  SER A O   1 
ATOM   436  C  CB  . SER A 1 57  ? -5.792  10.384  11.030  1.00 33.98 ? 67  SER A CB  1 
ATOM   437  O  OG  . SER A 1 57  ? -6.039  11.505  10.204  1.00 36.11 ? 67  SER A OG  1 
ATOM   438  N  N   . ALA A 1 58  ? -6.670  8.429   8.962   1.00 26.11 ? 68  ALA A N   1 
ATOM   439  C  CA  . ALA A 1 58  ? -7.458  8.098   7.775   1.00 28.17 ? 68  ALA A CA  1 
ATOM   440  C  C   . ALA A 1 58  ? -8.881  8.365   8.255   1.00 31.21 ? 68  ALA A C   1 
ATOM   441  O  O   . ALA A 1 58  ? -9.736  7.475   8.296   1.00 31.45 ? 68  ALA A O   1 
ATOM   442  C  CB  . ALA A 1 58  ? -7.274  6.624   7.401   1.00 24.51 ? 68  ALA A CB  1 
ATOM   443  N  N   . GLY A 1 59  ? -9.121  9.624   8.607   1.00 31.81 ? 69  GLY A N   1 
ATOM   444  C  CA  . GLY A 1 59  ? -10.401 10.009  9.159   1.00 32.27 ? 69  GLY A CA  1 
ATOM   445  C  C   . GLY A 1 59  ? -10.070 10.111  10.640  1.00 31.75 ? 69  GLY A C   1 
ATOM   446  O  O   . GLY A 1 59  ? -9.143  9.433   11.094  1.00 32.10 ? 69  GLY A O   1 
ATOM   447  N  N   . PRO A 1 60  ? -10.794 10.933  11.421  1.00 34.86 ? 70  PRO A N   1 
ATOM   448  C  CA  . PRO A 1 60  ? -10.573 11.132  12.859  1.00 33.84 ? 70  PRO A CA  1 
ATOM   449  C  C   . PRO A 1 60  ? -10.478 9.884   13.736  1.00 36.41 ? 70  PRO A C   1 
ATOM   450  O  O   . PRO A 1 60  ? -9.635  9.815   14.630  1.00 40.94 ? 70  PRO A O   1 
ATOM   451  C  CB  . PRO A 1 60  ? -11.758 12.004  13.275  1.00 38.47 ? 70  PRO A CB  1 
ATOM   452  C  CG  . PRO A 1 60  ? -12.141 12.710  12.011  1.00 41.28 ? 70  PRO A CG  1 
ATOM   453  C  CD  . PRO A 1 60  ? -12.012 11.631  10.982  1.00 35.55 ? 70  PRO A CD  1 
ATOM   454  N  N   . ARG A 1 61  ? -11.344 8.904   13.489  1.00 35.01 ? 71  ARG A N   1 
ATOM   455  C  CA  . ARG A 1 61  ? -11.377 7.695   14.301  1.00 33.03 ? 71  ARG A CA  1 
ATOM   456  C  C   . ARG A 1 61  ? -10.335 6.634   13.988  1.00 33.84 ? 71  ARG A C   1 
ATOM   457  O  O   . ARG A 1 61  ? -10.230 5.639   14.695  1.00 34.05 ? 71  ARG A O   1 
ATOM   458  C  CB  . ARG A 1 61  ? -12.790 7.112   14.254  1.00 35.40 ? 71  ARG A CB  1 
ATOM   459  C  CG  . ARG A 1 61  ? -13.816 8.124   14.758  1.00 36.16 ? 71  ARG A CG  1 
ATOM   460  C  CD  . ARG A 1 61  ? -15.231 7.606   14.734  1.00 34.57 ? 71  ARG A CD  1 
ATOM   461  N  NE  . ARG A 1 61  ? -15.419 6.463   15.620  1.00 27.72 ? 71  ARG A NE  1 
ATOM   462  C  CZ  . ARG A 1 61  ? -16.571 5.808   15.732  1.00 29.27 ? 71  ARG A CZ  1 
ATOM   463  N  NH1 . ARG A 1 61  ? -17.618 6.189   15.021  1.00 29.82 ? 71  ARG A NH1 1 
ATOM   464  N  NH2 . ARG A 1 61  ? -16.673 4.777   16.555  1.00 32.19 ? 71  ARG A NH2 1 
ATOM   465  N  N   . TYR A 1 62  ? -9.544  6.845   12.942  1.00 32.19 ? 72  TYR A N   1 
ATOM   466  C  CA  . TYR A 1 62  ? -8.495  5.889   12.605  1.00 31.29 ? 72  TYR A CA  1 
ATOM   467  C  C   . TYR A 1 62  ? -7.152  6.616   12.608  1.00 32.80 ? 72  TYR A C   1 
ATOM   468  O  O   . TYR A 1 62  ? -6.728  7.176   11.601  1.00 35.07 ? 72  TYR A O   1 
ATOM   469  C  CB  . TYR A 1 62  ? -8.793  5.233   11.250  1.00 31.35 ? 72  TYR A CB  1 
ATOM   470  C  CG  . TYR A 1 62  ? -9.893  4.190   11.353  1.00 33.98 ? 72  TYR A CG  1 
ATOM   471  C  CD1 . TYR A 1 62  ? -9.655  2.969   11.976  1.00 35.34 ? 72  TYR A CD1 1 
ATOM   472  C  CD2 . TYR A 1 62  ? -11.188 4.455   10.901  1.00 36.80 ? 72  TYR A CD2 1 
ATOM   473  C  CE1 . TYR A 1 62  ? -10.678 2.035   12.161  1.00 38.61 ? 72  TYR A CE1 1 
ATOM   474  C  CE2 . TYR A 1 62  ? -12.229 3.522   11.080  1.00 35.80 ? 72  TYR A CE2 1 
ATOM   475  C  CZ  . TYR A 1 62  ? -11.961 2.319   11.718  1.00 38.35 ? 72  TYR A CZ  1 
ATOM   476  O  OH  . TYR A 1 62  ? -12.981 1.411   11.962  1.00 40.84 ? 72  TYR A OH  1 
ATOM   477  N  N   . GLU A 1 63  ? -6.500  6.608   13.768  1.00 31.75 ? 73  GLU A N   1 
ATOM   478  C  CA  . GLU A 1 63  ? -5.223  7.280   13.957  1.00 32.16 ? 73  GLU A CA  1 
ATOM   479  C  C   . GLU A 1 63  ? -4.135  6.225   14.059  1.00 34.20 ? 73  GLU A C   1 
ATOM   480  O  O   . GLU A 1 63  ? -4.358  5.154   14.612  1.00 32.78 ? 73  GLU A O   1 
ATOM   481  C  CB  . GLU A 1 63  ? -5.283  8.138   15.233  1.00 34.36 ? 73  GLU A CB  1 
ATOM   482  C  CG  . GLU A 1 63  ? -4.103  9.080   15.443  1.00 37.21 ? 73  GLU A CG  1 
ATOM   483  C  CD  . GLU A 1 63  ? -4.287  9.991   16.653  1.00 41.63 ? 73  GLU A CD  1 
ATOM   484  O  OE1 . GLU A 1 63  ? -5.288  10.745  16.688  1.00 36.83 ? 73  GLU A OE1 1 
ATOM   485  O  OE2 . GLU A 1 63  ? -3.431  9.953   17.568  1.00 42.86 ? 73  GLU A OE2 1 
ATOM   486  N  N   . TYR A 1 64  ? -2.953  6.529   13.534  1.00 32.69 ? 74  TYR A N   1 
ATOM   487  C  CA  . TYR A 1 64  ? -1.850  5.574   13.529  1.00 31.49 ? 74  TYR A CA  1 
ATOM   488  C  C   . TYR A 1 64  ? -0.581  6.139   14.164  1.00 32.71 ? 74  TYR A C   1 
ATOM   489  O  O   . TYR A 1 64  ? -0.169  7.265   13.859  1.00 30.27 ? 74  TYR A O   1 
ATOM   490  C  CB  . TYR A 1 64  ? -1.544  5.159   12.080  1.00 28.14 ? 74  TYR A CB  1 
ATOM   491  C  CG  . TYR A 1 64  ? -2.735  4.623   11.318  1.00 31.74 ? 74  TYR A CG  1 
ATOM   492  C  CD1 . TYR A 1 64  ? -3.046  3.261   11.337  1.00 28.75 ? 74  TYR A CD1 1 
ATOM   493  C  CD2 . TYR A 1 64  ? -3.540  5.472   10.556  1.00 28.06 ? 74  TYR A CD2 1 
ATOM   494  C  CE1 . TYR A 1 64  ? -4.128  2.752   10.606  1.00 30.65 ? 74  TYR A CE1 1 
ATOM   495  C  CE2 . TYR A 1 64  ? -4.632  4.976   9.823   1.00 30.68 ? 74  TYR A CE2 1 
ATOM   496  C  CZ  . TYR A 1 64  ? -4.914  3.615   9.854   1.00 32.60 ? 74  TYR A CZ  1 
ATOM   497  O  OH  . TYR A 1 64  ? -5.979  3.116   9.140   1.00 37.76 ? 74  TYR A OH  1 
ATOM   498  N  N   . HIS A 1 65  ? 0.037   5.339   15.026  1.00 30.79 ? 75  HIS A N   1 
ATOM   499  C  CA  . HIS A 1 65  ? 1.266   5.718   15.716  1.00 33.23 ? 75  HIS A CA  1 
ATOM   500  C  C   . HIS A 1 65  ? 2.318   4.715   15.291  1.00 33.10 ? 75  HIS A C   1 
ATOM   501  O  O   . HIS A 1 65  ? 2.090   3.505   15.336  1.00 33.66 ? 75  HIS A O   1 
ATOM   502  C  CB  . HIS A 1 65  ? 1.043   5.681   17.231  1.00 36.42 ? 75  HIS A CB  1 
ATOM   503  C  CG  . HIS A 1 65  ? -0.034  6.612   17.690  1.00 38.95 ? 75  HIS A CG  1 
ATOM   504  N  ND1 . HIS A 1 65  ? -0.680  6.472   18.900  1.00 39.80 ? 75  HIS A ND1 1 
ATOM   505  C  CD2 . HIS A 1 65  ? -0.613  7.671   17.076  1.00 36.89 ? 75  HIS A CD2 1 
ATOM   506  C  CE1 . HIS A 1 65  ? -1.615  7.399   19.006  1.00 41.35 ? 75  HIS A CE1 1 
ATOM   507  N  NE2 . HIS A 1 65  ? -1.596  8.139   17.912  1.00 40.59 ? 75  HIS A NE2 1 
ATOM   508  N  N   . TRP A 1 66  ? 3.475   5.214   14.884  1.00 30.43 ? 76  TRP A N   1 
ATOM   509  C  CA  . TRP A 1 66  ? 4.529   4.346   14.387  1.00 31.94 ? 76  TRP A CA  1 
ATOM   510  C  C   . TRP A 1 66  ? 5.379   3.572   15.373  1.00 35.84 ? 76  TRP A C   1 
ATOM   511  O  O   . TRP A 1 66  ? 5.867   4.117   16.363  1.00 32.80 ? 76  TRP A O   1 
ATOM   512  C  CB  . TRP A 1 66  ? 5.474   5.130   13.473  1.00 28.38 ? 76  TRP A CB  1 
ATOM   513  C  CG  . TRP A 1 66  ? 6.550   4.256   12.894  1.00 30.85 ? 76  TRP A CG  1 
ATOM   514  C  CD1 . TRP A 1 66  ? 7.858   4.197   13.276  1.00 30.94 ? 76  TRP A CD1 1 
ATOM   515  C  CD2 . TRP A 1 66  ? 6.381   3.249   11.889  1.00 30.61 ? 76  TRP A CD2 1 
ATOM   516  N  NE1 . TRP A 1 66  ? 8.515   3.209   12.577  1.00 29.70 ? 76  TRP A NE1 1 
ATOM   517  C  CE2 . TRP A 1 66  ? 7.634   2.612   11.718  1.00 28.52 ? 76  TRP A CE2 1 
ATOM   518  C  CE3 . TRP A 1 66  ? 5.289   2.819   11.116  1.00 28.61 ? 76  TRP A CE3 1 
ATOM   519  C  CZ2 . TRP A 1 66  ? 7.830   1.565   10.804  1.00 29.95 ? 76  TRP A CZ2 1 
ATOM   520  C  CZ3 . TRP A 1 66  ? 5.481   1.778   10.207  1.00 28.69 ? 76  TRP A CZ3 1 
ATOM   521  C  CH2 . TRP A 1 66  ? 6.749   1.163   10.060  1.00 29.79 ? 76  TRP A CH2 1 
ATOM   522  N  N   . ALA A 1 67  ? 5.584   2.299   15.043  1.00 35.84 ? 77  ALA A N   1 
ATOM   523  C  CA  . ALA A 1 67  ? 6.416   1.385   15.819  1.00 41.71 ? 77  ALA A CA  1 
ATOM   524  C  C   . ALA A 1 67  ? 6.738   0.221   14.888  1.00 43.56 ? 77  ALA A C   1 
ATOM   525  O  O   . ALA A 1 67  ? 5.902   -0.163  14.080  1.00 41.69 ? 77  ALA A O   1 
ATOM   526  C  CB  . ALA A 1 67  ? 5.662   0.888   17.041  1.00 39.37 ? 77  ALA A CB  1 
ATOM   527  N  N   . ASP A 1 68  ? 7.947   -0.324  14.975  1.00 48.59 ? 78  ASP A N   1 
ATOM   528  C  CA  . ASP A 1 68  ? 8.312   -1.456  14.129  1.00 53.94 ? 78  ASP A CA  1 
ATOM   529  C  C   . ASP A 1 68  ? 8.747   -2.663  14.961  1.00 56.87 ? 78  ASP A C   1 
ATOM   530  O  O   . ASP A 1 68  ? 9.211   -3.669  14.419  1.00 58.13 ? 78  ASP A O   1 
ATOM   531  C  CB  . ASP A 1 68  ? 9.427   -1.077  13.149  1.00 56.06 ? 78  ASP A CB  1 
ATOM   532  C  CG  . ASP A 1 68  ? 10.665  -0.557  13.841  1.00 59.19 ? 78  ASP A CG  1 
ATOM   533  O  OD1 . ASP A 1 68  ? 10.915  -0.953  15.001  1.00 61.06 ? 78  ASP A OD1 1 
ATOM   534  O  OD2 . ASP A 1 68  ? 11.402  0.236   13.215  1.00 59.05 ? 78  ASP A OD2 1 
ATOM   535  N  N   . GLY A 1 69  ? 8.599   -2.552  16.277  1.00 57.23 ? 79  GLY A N   1 
ATOM   536  C  CA  . GLY A 1 69  ? 8.957   -3.647  17.165  1.00 59.64 ? 79  GLY A CA  1 
ATOM   537  C  C   . GLY A 1 69  ? 10.435  -3.994  17.253  1.00 60.65 ? 79  GLY A C   1 
ATOM   538  O  O   . GLY A 1 69  ? 10.795  -5.002  17.859  1.00 63.04 ? 79  GLY A O   1 
ATOM   539  N  N   . THR A 1 70  ? 11.291  -3.169  16.656  1.00 62.03 ? 80  THR A N   1 
ATOM   540  C  CA  . THR A 1 70  ? 12.735  -3.397  16.681  1.00 61.51 ? 80  THR A CA  1 
ATOM   541  C  C   . THR A 1 70  ? 13.468  -2.110  17.051  1.00 62.12 ? 80  THR A C   1 
ATOM   542  O  O   . THR A 1 70  ? 13.944  -1.955  18.178  1.00 62.71 ? 80  THR A O   1 
ATOM   543  C  CB  . THR A 1 70  ? 13.246  -3.880  15.311  1.00 62.47 ? 80  THR A CB  1 
ATOM   544  O  OG1 . THR A 1 70  ? 12.855  -2.944  14.300  1.00 63.67 ? 80  THR A OG1 1 
ATOM   545  C  CG2 . THR A 1 70  ? 12.670  -5.245  14.979  1.00 62.46 ? 80  THR A CG2 1 
ATOM   546  N  N   . ASN A 1 71  ? 13.565  -1.187  16.099  1.00 61.59 ? 81  ASN A N   1 
ATOM   547  C  CA  . ASN A 1 71  ? 14.221  0.085   16.350  1.00 61.93 ? 81  ASN A CA  1 
ATOM   548  C  C   . ASN A 1 71  ? 13.317  0.950   17.216  1.00 61.65 ? 81  ASN A C   1 
ATOM   549  O  O   . ASN A 1 71  ? 13.780  1.642   18.126  1.00 62.21 ? 81  ASN A O   1 
ATOM   550  C  CB  . ASN A 1 71  ? 14.508  0.810   15.035  1.00 63.69 ? 81  ASN A CB  1 
ATOM   551  C  CG  . ASN A 1 71  ? 15.533  0.089   14.185  1.00 66.44 ? 81  ASN A CG  1 
ATOM   552  O  OD1 . ASN A 1 71  ? 16.654  -0.175  14.633  1.00 66.40 ? 81  ASN A OD1 1 
ATOM   553  N  ND2 . ASN A 1 71  ? 15.159  -0.230  12.948  1.00 66.92 ? 81  ASN A ND2 1 
ATOM   554  N  N   . ILE A 1 72  ? 12.020  0.906   16.927  1.00 58.66 ? 82  ILE A N   1 
ATOM   555  C  CA  . ILE A 1 72  ? 11.048  1.691   17.679  1.00 57.55 ? 82  ILE A CA  1 
ATOM   556  C  C   . ILE A 1 72  ? 9.966   0.788   18.260  1.00 56.66 ? 82  ILE A C   1 
ATOM   557  O  O   . ILE A 1 72  ? 9.154   0.226   17.525  1.00 55.85 ? 82  ILE A O   1 
ATOM   558  C  CB  . ILE A 1 72  ? 10.404  2.760   16.780  1.00 55.46 ? 82  ILE A CB  1 
ATOM   559  C  CG1 . ILE A 1 72  ? 11.498  3.652   16.188  1.00 55.79 ? 82  ILE A CG1 1 
ATOM   560  C  CG2 . ILE A 1 72  ? 9.416   3.587   17.574  1.00 53.84 ? 82  ILE A CG2 1 
ATOM   561  C  CD1 . ILE A 1 72  ? 10.988  4.769   15.310  1.00 56.24 ? 82  ILE A CD1 1 
ATOM   562  N  N   . LYS A 1 73  ? 9.968   0.647   19.584  1.00 55.64 ? 83  LYS A N   1 
ATOM   563  C  CA  . LYS A 1 73  ? 8.996   -0.199  20.272  1.00 56.54 ? 83  LYS A CA  1 
ATOM   564  C  C   . LYS A 1 73  ? 7.821   0.614   20.812  1.00 55.43 ? 83  LYS A C   1 
ATOM   565  O  O   . LYS A 1 73  ? 6.661   0.257   20.599  1.00 53.32 ? 83  LYS A O   1 
ATOM   566  C  CB  . LYS A 1 73  ? 9.693   -0.969  21.397  1.00 60.34 ? 83  LYS A CB  1 
ATOM   567  C  CG  . LYS A 1 73  ? 10.809  -1.873  20.878  1.00 63.29 ? 83  LYS A CG  1 
ATOM   568  C  CD  . LYS A 1 73  ? 11.559  -2.593  21.985  1.00 65.91 ? 83  LYS A CD  1 
ATOM   569  C  CE  . LYS A 1 73  ? 12.694  -3.433  21.403  1.00 66.37 ? 83  LYS A CE  1 
ATOM   570  N  NZ  . LYS A 1 73  ? 13.476  -4.145  22.457  1.00 70.34 ? 83  LYS A NZ  1 
ATOM   571  N  N   . LYS A 1 74  ? 8.123   1.706   21.505  1.00 53.46 ? 84  LYS A N   1 
ATOM   572  C  CA  . LYS A 1 74  ? 7.085   2.582   22.038  1.00 54.55 ? 84  LYS A CA  1 
ATOM   573  C  C   . LYS A 1 74  ? 6.496   3.349   20.846  1.00 52.45 ? 84  LYS A C   1 
ATOM   574  O  O   . LYS A 1 74  ? 7.172   4.191   20.248  1.00 51.30 ? 84  LYS A O   1 
ATOM   575  C  CB  . LYS A 1 74  ? 7.692   3.575   23.030  1.00 57.83 ? 84  LYS A CB  1 
ATOM   576  C  CG  . LYS A 1 74  ? 8.493   2.936   24.154  1.00 64.18 ? 84  LYS A CG  1 
ATOM   577  C  CD  . LYS A 1 74  ? 9.359   3.973   24.868  1.00 67.63 ? 84  LYS A CD  1 
ATOM   578  C  CE  . LYS A 1 74  ? 9.948   3.427   26.165  1.00 69.07 ? 84  LYS A CE  1 
ATOM   579  N  NZ  . LYS A 1 74  ? 8.885   3.162   27.181  1.00 69.09 ? 84  LYS A NZ  1 
ATOM   580  N  N   . PRO A 1 75  ? 5.233   3.069   20.490  1.00 49.36 ? 85  PRO A N   1 
ATOM   581  C  CA  . PRO A 1 75  ? 4.572   3.737   19.366  1.00 47.19 ? 85  PRO A CA  1 
ATOM   582  C  C   . PRO A 1 75  ? 4.737   5.252   19.397  1.00 46.62 ? 85  PRO A C   1 
ATOM   583  O  O   . PRO A 1 75  ? 4.495   5.888   20.418  1.00 44.16 ? 85  PRO A O   1 
ATOM   584  C  CB  . PRO A 1 75  ? 3.117   3.312   19.526  1.00 48.96 ? 85  PRO A CB  1 
ATOM   585  C  CG  . PRO A 1 75  ? 3.242   1.938   20.091  1.00 48.41 ? 85  PRO A CG  1 
ATOM   586  C  CD  . PRO A 1 75  ? 4.309   2.126   21.145  1.00 49.87 ? 85  PRO A CD  1 
ATOM   587  N  N   . ILE A 1 76  ? 5.139   5.827   18.270  1.00 42.67 ? 86  ILE A N   1 
ATOM   588  C  CA  . ILE A 1 76  ? 5.335   7.268   18.186  1.00 42.33 ? 86  ILE A CA  1 
ATOM   589  C  C   . ILE A 1 76  ? 4.149   7.986   17.541  1.00 41.93 ? 86  ILE A C   1 
ATOM   590  O  O   . ILE A 1 76  ? 3.741   7.655   16.423  1.00 39.53 ? 86  ILE A O   1 
ATOM   591  C  CB  . ILE A 1 76  ? 6.608   7.590   17.379  1.00 44.69 ? 86  ILE A CB  1 
ATOM   592  C  CG1 . ILE A 1 76  ? 7.813   6.932   18.048  1.00 45.15 ? 86  ILE A CG1 1 
ATOM   593  C  CG2 . ILE A 1 76  ? 6.799   9.100   17.272  1.00 45.06 ? 86  ILE A CG2 1 
ATOM   594  C  CD1 . ILE A 1 76  ? 9.083   6.998   17.227  1.00 47.97 ? 86  ILE A CD1 1 
ATOM   595  N  N   . LYS A 1 77  ? 3.593   8.966   18.248  1.00 39.26 ? 87  LYS A N   1 
ATOM   596  C  CA  . LYS A 1 77  ? 2.478   9.739   17.719  1.00 40.07 ? 87  LYS A CA  1 
ATOM   597  C  C   . LYS A 1 77  ? 3.076   10.946  16.997  1.00 42.79 ? 87  LYS A C   1 
ATOM   598  O  O   . LYS A 1 77  ? 3.274   12.005  17.591  1.00 43.43 ? 87  LYS A O   1 
ATOM   599  C  CB  . LYS A 1 77  ? 1.552   10.203  18.849  1.00 41.98 ? 87  LYS A CB  1 
ATOM   600  C  CG  . LYS A 1 77  ? 0.364   11.022  18.365  1.00 43.97 ? 87  LYS A CG  1 
ATOM   601  C  CD  . LYS A 1 77  ? -0.541  11.458  19.513  1.00 46.43 ? 87  LYS A CD  1 
ATOM   602  C  CE  . LYS A 1 77  ? -1.684  12.315  18.992  1.00 46.79 ? 87  LYS A CE  1 
ATOM   603  N  NZ  . LYS A 1 77  ? -2.675  12.682  20.041  1.00 48.81 ? 87  LYS A NZ  1 
ATOM   604  N  N   . CYS A 1 78  ? 3.373   10.773  15.713  1.00 41.94 ? 88  CYS A N   1 
ATOM   605  C  CA  . CYS A 1 78  ? 3.970   11.835  14.911  1.00 38.16 ? 88  CYS A CA  1 
ATOM   606  C  C   . CYS A 1 78  ? 3.063   12.281  13.782  1.00 37.49 ? 88  CYS A C   1 
ATOM   607  O  O   . CYS A 1 78  ? 1.985   11.718  13.577  1.00 33.60 ? 88  CYS A O   1 
ATOM   608  C  CB  . CYS A 1 78  ? 5.301   11.355  14.337  1.00 39.58 ? 88  CYS A CB  1 
ATOM   609  S  SG  . CYS A 1 78  ? 5.215   9.750   13.481  1.00 37.84 ? 88  CYS A SG  1 
ATOM   610  N  N   . SER A 1 79  ? 3.500   13.307  13.056  1.00 33.10 ? 89  SER A N   1 
ATOM   611  C  CA  . SER A 1 79  ? 2.731   13.838  11.931  1.00 31.83 ? 89  SER A CA  1 
ATOM   612  C  C   . SER A 1 79  ? 2.678   12.789  10.817  1.00 26.55 ? 89  SER A C   1 
ATOM   613  O  O   . SER A 1 79  ? 3.514   11.891  10.762  1.00 25.87 ? 89  SER A O   1 
ATOM   614  C  CB  . SER A 1 79  ? 3.417   15.086  11.377  1.00 30.40 ? 89  SER A CB  1 
ATOM   615  O  OG  . SER A 1 79  ? 4.682   14.724  10.845  1.00 28.95 ? 89  SER A OG  1 
ATOM   616  N  N   . ALA A 1 80  ? 1.714   12.929  9.918   1.00 26.30 ? 90  ALA A N   1 
ATOM   617  C  CA  . ALA A 1 80  ? 1.587   11.991  8.810   1.00 28.92 ? 90  ALA A CA  1 
ATOM   618  C  C   . ALA A 1 80  ? 2.884   11.934  8.000   1.00 28.97 ? 90  ALA A C   1 
ATOM   619  O  O   . ALA A 1 80  ? 3.399   10.855  7.716   1.00 30.08 ? 90  ALA A O   1 
ATOM   620  C  CB  . ALA A 1 80  ? 0.417   12.399  7.918   1.00 28.26 ? 90  ALA A CB  1 
ATOM   621  N  N   . PRO A 1 81  ? 3.439   13.100  7.617   1.00 31.74 ? 91  PRO A N   1 
ATOM   622  C  CA  . PRO A 1 81  ? 4.682   13.052  6.842   1.00 29.14 ? 91  PRO A CA  1 
ATOM   623  C  C   . PRO A 1 81  ? 5.793   12.249  7.510   1.00 31.40 ? 91  PRO A C   1 
ATOM   624  O  O   . PRO A 1 81  ? 6.499   11.487  6.847   1.00 25.64 ? 91  PRO A O   1 
ATOM   625  C  CB  . PRO A 1 81  ? 5.040   14.535  6.648   1.00 34.31 ? 91  PRO A CB  1 
ATOM   626  C  CG  . PRO A 1 81  ? 4.281   15.247  7.731   1.00 32.28 ? 91  PRO A CG  1 
ATOM   627  C  CD  . PRO A 1 81  ? 2.986   14.490  7.796   1.00 33.19 ? 91  PRO A CD  1 
ATOM   628  N  N   . LYS A 1 82  ? 5.949   12.393  8.823   1.00 29.89 ? 92  LYS A N   1 
ATOM   629  C  CA  . LYS A 1 82  ? 7.000   11.645  9.503   1.00 33.26 ? 92  LYS A CA  1 
ATOM   630  C  C   . LYS A 1 82  ? 6.603   10.179  9.624   1.00 31.62 ? 92  LYS A C   1 
ATOM   631  O  O   . LYS A 1 82  ? 7.446   9.287   9.508   1.00 30.26 ? 92  LYS A O   1 
ATOM   632  C  CB  . LYS A 1 82  ? 7.275   12.232  10.889  1.00 38.27 ? 92  LYS A CB  1 
ATOM   633  C  CG  . LYS A 1 82  ? 7.833   13.641  10.849  1.00 42.64 ? 92  LYS A CG  1 
ATOM   634  C  CD  . LYS A 1 82  ? 8.248   14.115  12.238  1.00 51.43 ? 92  LYS A CD  1 
ATOM   635  C  CE  . LYS A 1 82  ? 8.903   15.493  12.184  1.00 52.41 ? 92  LYS A CE  1 
ATOM   636  N  NZ  . LYS A 1 82  ? 9.400   15.930  13.521  1.00 55.97 ? 92  LYS A NZ  1 
ATOM   637  N  N   . TYR A 1 83  ? 5.319   9.929   9.860   1.00 31.76 ? 93  TYR A N   1 
ATOM   638  C  CA  . TYR A 1 83  ? 4.856   8.554   9.982   1.00 31.21 ? 93  TYR A CA  1 
ATOM   639  C  C   . TYR A 1 83  ? 5.112   7.850   8.650   1.00 26.39 ? 93  TYR A C   1 
ATOM   640  O  O   . TYR A 1 83  ? 5.706   6.779   8.608   1.00 25.93 ? 93  TYR A O   1 
ATOM   641  C  CB  . TYR A 1 83  ? 3.359   8.517   10.319  1.00 28.97 ? 93  TYR A CB  1 
ATOM   642  C  CG  . TYR A 1 83  ? 2.780   7.111   10.409  1.00 29.25 ? 93  TYR A CG  1 
ATOM   643  C  CD1 . TYR A 1 83  ? 2.447   6.395   9.255   1.00 26.29 ? 93  TYR A CD1 1 
ATOM   644  C  CD2 . TYR A 1 83  ? 2.584   6.492   11.646  1.00 25.34 ? 93  TYR A CD2 1 
ATOM   645  C  CE1 . TYR A 1 83  ? 1.935   5.107   9.326   1.00 30.16 ? 93  TYR A CE1 1 
ATOM   646  C  CE2 . TYR A 1 83  ? 2.066   5.185   11.734  1.00 27.95 ? 93  TYR A CE2 1 
ATOM   647  C  CZ  . TYR A 1 83  ? 1.746   4.501   10.561  1.00 28.52 ? 93  TYR A CZ  1 
ATOM   648  O  OH  . TYR A 1 83  ? 1.247   3.215   10.601  1.00 27.85 ? 93  TYR A OH  1 
ATOM   649  N  N   . ILE A 1 84  ? 4.674   8.465   7.559   1.00 26.15 ? 94  ILE A N   1 
ATOM   650  C  CA  . ILE A 1 84  ? 4.861   7.850   6.242   1.00 26.71 ? 94  ILE A CA  1 
ATOM   651  C  C   . ILE A 1 84  ? 6.336   7.682   5.879   1.00 26.88 ? 94  ILE A C   1 
ATOM   652  O  O   . ILE A 1 84  ? 6.711   6.715   5.218   1.00 27.04 ? 94  ILE A O   1 
ATOM   653  C  CB  . ILE A 1 84  ? 4.076   8.644   5.164   1.00 24.00 ? 94  ILE A CB  1 
ATOM   654  C  CG1 . ILE A 1 84  ? 2.575   8.504   5.461   1.00 21.55 ? 94  ILE A CG1 1 
ATOM   655  C  CG2 . ILE A 1 84  ? 4.411   8.129   3.754   1.00 23.84 ? 94  ILE A CG2 1 
ATOM   656  C  CD1 . ILE A 1 84  ? 1.649   9.462   4.684   1.00 26.62 ? 94  ILE A CD1 1 
ATOM   657  N  N   . ASP A 1 85  ? 7.188   8.586   6.346   1.00 28.40 ? 95  ASP A N   1 
ATOM   658  C  CA  . ASP A 1 85  ? 8.611   8.463   6.048   1.00 28.47 ? 95  ASP A CA  1 
ATOM   659  C  C   . ASP A 1 85  ? 9.127   7.232   6.784   1.00 30.28 ? 95  ASP A C   1 
ATOM   660  O  O   . ASP A 1 85  ? 9.842   6.399   6.214   1.00 27.38 ? 95  ASP A O   1 
ATOM   661  C  CB  . ASP A 1 85  ? 9.366   9.717   6.502   1.00 37.40 ? 95  ASP A CB  1 
ATOM   662  C  CG  . ASP A 1 85  ? 10.807  9.737   6.017   1.00 41.35 ? 95  ASP A CG  1 
ATOM   663  O  OD1 . ASP A 1 85  ? 11.035  9.497   4.813   1.00 48.45 ? 95  ASP A OD1 1 
ATOM   664  O  OD2 . ASP A 1 85  ? 11.711  9.999   6.831   1.00 48.77 ? 95  ASP A OD2 1 
ATOM   665  N  N   . TYR A 1 86  ? 8.771   7.122   8.062   1.00 30.96 ? 96  TYR A N   1 
ATOM   666  C  CA  . TYR A 1 86  ? 9.163   5.964   8.863   1.00 29.73 ? 96  TYR A CA  1 
ATOM   667  C  C   . TYR A 1 86  ? 8.703   4.689   8.138   1.00 25.56 ? 96  TYR A C   1 
ATOM   668  O  O   . TYR A 1 86  ? 9.474   3.753   7.934   1.00 26.64 ? 96  TYR A O   1 
ATOM   669  C  CB  . TYR A 1 86  ? 8.464   5.983   10.227  1.00 33.23 ? 96  TYR A CB  1 
ATOM   670  C  CG  . TYR A 1 86  ? 9.160   6.756   11.330  1.00 37.22 ? 96  TYR A CG  1 
ATOM   671  C  CD1 . TYR A 1 86  ? 10.463  6.449   11.710  1.00 38.70 ? 96  TYR A CD1 1 
ATOM   672  C  CD2 . TYR A 1 86  ? 8.490   7.755   12.028  1.00 36.58 ? 96  TYR A CD2 1 
ATOM   673  C  CE1 . TYR A 1 86  ? 11.086  7.122   12.771  1.00 42.44 ? 96  TYR A CE1 1 
ATOM   674  C  CE2 . TYR A 1 86  ? 9.098   8.433   13.083  1.00 44.00 ? 96  TYR A CE2 1 
ATOM   675  C  CZ  . TYR A 1 86  ? 10.395  8.110   13.450  1.00 42.81 ? 96  TYR A CZ  1 
ATOM   676  O  OH  . TYR A 1 86  ? 10.989  8.779   14.496  1.00 47.68 ? 96  TYR A OH  1 
ATOM   677  N  N   . LEU A 1 87  ? 7.431   4.680   7.757   1.00 24.68 ? 97  LEU A N   1 
ATOM   678  C  CA  . LEU A 1 87  ? 6.818   3.528   7.109   1.00 26.13 ? 97  LEU A CA  1 
ATOM   679  C  C   . LEU A 1 87  ? 7.482   3.126   5.803   1.00 26.39 ? 97  LEU A C   1 
ATOM   680  O  O   . LEU A 1 87  ? 7.879   1.970   5.635   1.00 24.24 ? 97  LEU A O   1 
ATOM   681  C  CB  . LEU A 1 87  ? 5.326   3.794   6.882   1.00 23.96 ? 97  LEU A CB  1 
ATOM   682  C  CG  . LEU A 1 87  ? 4.413   2.662   6.376   1.00 29.75 ? 97  LEU A CG  1 
ATOM   683  C  CD1 . LEU A 1 87  ? 2.953   2.930   6.812   1.00 25.82 ? 97  LEU A CD1 1 
ATOM   684  C  CD2 . LEU A 1 87  ? 4.512   2.545   4.856   1.00 24.01 ? 97  LEU A CD2 1 
ATOM   685  N  N   . MET A 1 88  ? 7.594   4.067   4.873   1.00 25.05 ? 98  MET A N   1 
ATOM   686  C  CA  . MET A 1 88  ? 8.203   3.753   3.588   1.00 24.83 ? 98  MET A CA  1 
ATOM   687  C  C   . MET A 1 88  ? 9.677   3.394   3.729   1.00 26.23 ? 98  MET A C   1 
ATOM   688  O  O   . MET A 1 88  ? 10.189  2.570   2.982   1.00 27.87 ? 98  MET A O   1 
ATOM   689  C  CB  . MET A 1 88  ? 8.006   4.921   2.619   1.00 25.66 ? 98  MET A CB  1 
ATOM   690  C  CG  . MET A 1 88  ? 6.519   5.184   2.304   1.00 25.71 ? 98  MET A CG  1 
ATOM   691  S  SD  . MET A 1 88  ? 5.691   3.810   1.424   1.00 19.47 ? 98  MET A SD  1 
ATOM   692  C  CE  . MET A 1 88  ? 6.000   4.325   -0.318  1.00 30.27 ? 98  MET A CE  1 
ATOM   693  N  N   . THR A 1 89  ? 10.370  3.998   4.686   1.00 26.78 ? 99  THR A N   1 
ATOM   694  C  CA  . THR A 1 89  ? 11.778  3.663   4.874   1.00 27.32 ? 99  THR A CA  1 
ATOM   695  C  C   . THR A 1 89  ? 11.858  2.237   5.388   1.00 25.57 ? 99  THR A C   1 
ATOM   696  O  O   . THR A 1 89  ? 12.730  1.458   4.984   1.00 26.04 ? 99  THR A O   1 
ATOM   697  C  CB  . THR A 1 89  ? 12.460  4.591   5.894   1.00 29.30 ? 99  THR A CB  1 
ATOM   698  O  OG1 . THR A 1 89  ? 12.424  5.935   5.406   1.00 28.85 ? 99  THR A OG1 1 
ATOM   699  C  CG2 . THR A 1 89  ? 13.913  4.168   6.111   1.00 31.35 ? 99  THR A CG2 1 
ATOM   700  N  N   . TRP A 1 90  ? 10.937  1.886   6.280   1.00 25.79 ? 100 TRP A N   1 
ATOM   701  C  CA  . TRP A 1 90  ? 10.922  0.541   6.827   1.00 24.20 ? 100 TRP A CA  1 
ATOM   702  C  C   . TRP A 1 90  ? 10.608  -0.491  5.729   1.00 26.28 ? 100 TRP A C   1 
ATOM   703  O  O   . TRP A 1 90  ? 11.271  -1.524  5.628   1.00 25.36 ? 100 TRP A O   1 
ATOM   704  C  CB  . TRP A 1 90  ? 9.888   0.434   7.943   1.00 25.13 ? 100 TRP A CB  1 
ATOM   705  C  CG  . TRP A 1 90  ? 9.825   -0.939  8.521   1.00 24.79 ? 100 TRP A CG  1 
ATOM   706  C  CD1 . TRP A 1 90  ? 10.629  -1.460  9.497   1.00 27.55 ? 100 TRP A CD1 1 
ATOM   707  C  CD2 . TRP A 1 90  ? 8.956   -1.995  8.104   1.00 25.78 ? 100 TRP A CD2 1 
ATOM   708  N  NE1 . TRP A 1 90  ? 10.311  -2.782  9.712   1.00 29.83 ? 100 TRP A NE1 1 
ATOM   709  C  CE2 . TRP A 1 90  ? 9.289   -3.136  8.866   1.00 28.94 ? 100 TRP A CE2 1 
ATOM   710  C  CE3 . TRP A 1 90  ? 7.929   -2.088  7.152   1.00 25.55 ? 100 TRP A CE3 1 
ATOM   711  C  CZ2 . TRP A 1 90  ? 8.630   -4.363  8.709   1.00 29.21 ? 100 TRP A CZ2 1 
ATOM   712  C  CZ3 . TRP A 1 90  ? 7.272   -3.305  6.996   1.00 28.88 ? 100 TRP A CZ3 1 
ATOM   713  C  CH2 . TRP A 1 90  ? 7.627   -4.426  7.771   1.00 29.09 ? 100 TRP A CH2 1 
ATOM   714  N  N   . VAL A 1 91  ? 9.596   -0.222  4.909   1.00 25.71 ? 101 VAL A N   1 
ATOM   715  C  CA  . VAL A 1 91  ? 9.258   -1.159  3.842   1.00 24.05 ? 101 VAL A CA  1 
ATOM   716  C  C   . VAL A 1 91  ? 10.449  -1.337  2.907   1.00 24.65 ? 101 VAL A C   1 
ATOM   717  O  O   . VAL A 1 91  ? 10.812  -2.463  2.567   1.00 25.11 ? 101 VAL A O   1 
ATOM   718  C  CB  . VAL A 1 91  ? 8.045   -0.672  3.029   1.00 27.35 ? 101 VAL A CB  1 
ATOM   719  C  CG1 . VAL A 1 91  ? 7.850   -1.559  1.778   1.00 21.78 ? 101 VAL A CG1 1 
ATOM   720  C  CG2 . VAL A 1 91  ? 6.795   -0.694  3.913   1.00 19.21 ? 101 VAL A CG2 1 
ATOM   721  N  N   . GLN A 1 92  ? 11.063  -0.227  2.499   1.00 27.51 ? 102 GLN A N   1 
ATOM   722  C  CA  . GLN A 1 92  ? 12.209  -0.293  1.602   1.00 28.64 ? 102 GLN A CA  1 
ATOM   723  C  C   . GLN A 1 92  ? 13.357  -1.122  2.199   1.00 29.59 ? 102 GLN A C   1 
ATOM   724  O  O   . GLN A 1 92  ? 14.022  -1.882  1.481   1.00 26.75 ? 102 GLN A O   1 
ATOM   725  C  CB  . GLN A 1 92  ? 12.700  1.117   1.245   1.00 33.14 ? 102 GLN A CB  1 
ATOM   726  C  CG  . GLN A 1 92  ? 13.933  1.097   0.362   1.00 38.69 ? 102 GLN A CG  1 
ATOM   727  C  CD  . GLN A 1 92  ? 13.824  2.019   -0.833  1.00 47.08 ? 102 GLN A CD  1 
ATOM   728  O  OE1 . GLN A 1 92  ? 13.774  3.245   -0.689  1.00 48.40 ? 102 GLN A OE1 1 
ATOM   729  N  NE2 . GLN A 1 92  ? 13.781  1.432   -2.030  1.00 47.10 ? 102 GLN A NE2 1 
ATOM   730  N  N   . ASP A 1 93  ? 13.584  -0.985  3.505   1.00 28.61 ? 103 ASP A N   1 
ATOM   731  C  CA  . ASP A 1 93  ? 14.635  -1.755  4.170   1.00 31.17 ? 103 ASP A CA  1 
ATOM   732  C  C   . ASP A 1 93  ? 14.335  -3.256  4.043   1.00 29.15 ? 103 ASP A C   1 
ATOM   733  O  O   . ASP A 1 93  ? 15.246  -4.060  3.877   1.00 31.63 ? 103 ASP A O   1 
ATOM   734  C  CB  . ASP A 1 93  ? 14.732  -1.394  5.662   1.00 31.90 ? 103 ASP A CB  1 
ATOM   735  C  CG  . ASP A 1 93  ? 15.365  -0.024  5.910   1.00 37.12 ? 103 ASP A CG  1 
ATOM   736  O  OD1 . ASP A 1 93  ? 16.012  0.533   4.997   1.00 32.73 ? 103 ASP A OD1 1 
ATOM   737  O  OD2 . ASP A 1 93  ? 15.223  0.488   7.041   1.00 38.56 ? 103 ASP A OD2 1 
ATOM   738  N  N   . GLN A 1 94  ? 13.063  -3.642  4.130   1.00 27.42 ? 104 GLN A N   1 
ATOM   739  C  CA  . GLN A 1 94  ? 12.713  -5.061  4.002   1.00 26.97 ? 104 GLN A CA  1 
ATOM   740  C  C   . GLN A 1 94  ? 12.982  -5.525  2.566   1.00 27.52 ? 104 GLN A C   1 
ATOM   741  O  O   . GLN A 1 94  ? 13.563  -6.594  2.344   1.00 25.60 ? 104 GLN A O   1 
ATOM   742  C  CB  . GLN A 1 94  ? 11.230  -5.296  4.331   1.00 25.36 ? 104 GLN A CB  1 
ATOM   743  C  CG  . GLN A 1 94  ? 10.759  -4.621  5.609   1.00 28.62 ? 104 GLN A CG  1 
ATOM   744  C  CD  . GLN A 1 94  ? 11.755  -4.791  6.749   1.00 34.62 ? 104 GLN A CD  1 
ATOM   745  O  OE1 . GLN A 1 94  ? 12.221  -3.809  7.332   1.00 38.42 ? 104 GLN A OE1 1 
ATOM   746  N  NE2 . GLN A 1 94  ? 12.088  -6.031  7.064   1.00 26.15 ? 104 GLN A NE2 1 
ATOM   747  N  N   . LEU A 1 95  ? 12.542  -4.721  1.594   1.00 27.96 ? 105 LEU A N   1 
ATOM   748  C  CA  . LEU A 1 95  ? 12.715  -5.049  0.176   1.00 28.92 ? 105 LEU A CA  1 
ATOM   749  C  C   . LEU A 1 95  ? 14.184  -5.206  -0.185  1.00 31.25 ? 105 LEU A C   1 
ATOM   750  O  O   . LEU A 1 95  ? 14.522  -6.021  -1.038  1.00 32.83 ? 105 LEU A O   1 
ATOM   751  C  CB  . LEU A 1 95  ? 12.083  -3.966  -0.729  1.00 29.83 ? 105 LEU A CB  1 
ATOM   752  C  CG  . LEU A 1 95  ? 10.577  -3.694  -0.571  1.00 28.53 ? 105 LEU A CG  1 
ATOM   753  C  CD1 . LEU A 1 95  ? 10.112  -2.653  -1.591  1.00 28.70 ? 105 LEU A CD1 1 
ATOM   754  C  CD2 . LEU A 1 95  ? 9.807   -4.995  -0.746  1.00 26.31 ? 105 LEU A CD2 1 
ATOM   755  N  N   . ASP A 1 96  ? 15.053  -4.424  0.456   1.00 31.79 ? 106 ASP A N   1 
ATOM   756  C  CA  . ASP A 1 96  ? 16.482  -4.511  0.184   1.00 37.75 ? 106 ASP A CA  1 
ATOM   757  C  C   . ASP A 1 96  ? 17.150  -5.571  1.061   1.00 40.23 ? 106 ASP A C   1 
ATOM   758  O  O   . ASP A 1 96  ? 18.366  -5.727  1.023   1.00 39.74 ? 106 ASP A O   1 
ATOM   759  C  CB  . ASP A 1 96  ? 17.179  -3.160  0.417   1.00 42.44 ? 106 ASP A CB  1 
ATOM   760  C  CG  . ASP A 1 96  ? 16.679  -2.066  -0.517  1.00 44.01 ? 106 ASP A CG  1 
ATOM   761  O  OD1 . ASP A 1 96  ? 16.181  -2.389  -1.615  1.00 50.56 ? 106 ASP A OD1 1 
ATOM   762  O  OD2 . ASP A 1 96  ? 16.798  -0.877  -0.154  1.00 49.58 ? 106 ASP A OD2 1 
ATOM   763  N  N   . ASP A 1 97  ? 16.364  -6.292  1.856   1.00 38.26 ? 107 ASP A N   1 
ATOM   764  C  CA  . ASP A 1 97  ? 16.932  -7.328  2.714   1.00 38.01 ? 107 ASP A CA  1 
ATOM   765  C  C   . ASP A 1 97  ? 17.084  -8.627  1.936   1.00 37.61 ? 107 ASP A C   1 
ATOM   766  O  O   . ASP A 1 97  ? 16.100  -9.322  1.672   1.00 32.41 ? 107 ASP A O   1 
ATOM   767  C  CB  . ASP A 1 97  ? 16.047  -7.580  3.931   1.00 36.32 ? 107 ASP A CB  1 
ATOM   768  C  CG  . ASP A 1 97  ? 16.732  -8.438  4.977   1.00 36.84 ? 107 ASP A CG  1 
ATOM   769  O  OD1 . ASP A 1 97  ? 17.525  -9.321  4.594   1.00 35.35 ? 107 ASP A OD1 1 
ATOM   770  O  OD2 . ASP A 1 97  ? 16.470  -8.240  6.179   1.00 37.54 ? 107 ASP A OD2 1 
ATOM   771  N  N   . GLU A 1 98  ? 18.327  -8.949  1.589   1.00 40.39 ? 108 GLU A N   1 
ATOM   772  C  CA  . GLU A 1 98  ? 18.663  -10.149 0.823   1.00 43.23 ? 108 GLU A CA  1 
ATOM   773  C  C   . GLU A 1 98  ? 18.131  -11.449 1.422   1.00 39.82 ? 108 GLU A C   1 
ATOM   774  O  O   . GLU A 1 98  ? 17.885  -12.410 0.702   1.00 39.51 ? 108 GLU A O   1 
ATOM   775  C  CB  . GLU A 1 98  ? 20.182  -10.258 0.677   1.00 50.19 ? 108 GLU A CB  1 
ATOM   776  C  CG  . GLU A 1 98  ? 20.827  -9.084  -0.026  1.00 58.49 ? 108 GLU A CG  1 
ATOM   777  C  CD  . GLU A 1 98  ? 20.573  -9.087  -1.522  1.00 64.13 ? 108 GLU A CD  1 
ATOM   778  O  OE1 . GLU A 1 98  ? 19.392  -9.140  -1.929  1.00 65.48 ? 108 GLU A OE1 1 
ATOM   779  O  OE2 . GLU A 1 98  ? 21.563  -9.031  -2.289  1.00 66.89 ? 108 GLU A OE2 1 
ATOM   780  N  N   . THR A 1 99  ? 17.964  -11.487 2.736   1.00 37.65 ? 109 THR A N   1 
ATOM   781  C  CA  . THR A 1 99  ? 17.466  -12.696 3.370   1.00 38.34 ? 109 THR A CA  1 
ATOM   782  C  C   . THR A 1 99  ? 15.944  -12.826 3.267   1.00 36.52 ? 109 THR A C   1 
ATOM   783  O  O   . THR A 1 99  ? 15.418  -13.925 3.408   1.00 34.20 ? 109 THR A O   1 
ATOM   784  C  CB  . THR A 1 99  ? 17.853  -12.752 4.862   1.00 37.26 ? 109 THR A CB  1 
ATOM   785  O  OG1 . THR A 1 99  ? 17.134  -11.748 5.579   1.00 40.90 ? 109 THR A OG1 1 
ATOM   786  C  CG2 . THR A 1 99  ? 19.349  -12.516 5.034   1.00 42.17 ? 109 THR A CG2 1 
ATOM   787  N  N   . LEU A 1 100 ? 15.248  -11.711 3.020   1.00 33.34 ? 110 LEU A N   1 
ATOM   788  C  CA  . LEU A 1 100 ? 13.784  -11.719 2.914   1.00 30.83 ? 110 LEU A CA  1 
ATOM   789  C  C   . LEU A 1 100 ? 13.324  -11.762 1.452   1.00 27.61 ? 110 LEU A C   1 
ATOM   790  O  O   . LEU A 1 100 ? 12.455  -12.552 1.102   1.00 30.22 ? 110 LEU A O   1 
ATOM   791  C  CB  . LEU A 1 100 ? 13.199  -10.490 3.624   1.00 32.52 ? 110 LEU A CB  1 
ATOM   792  C  CG  . LEU A 1 100 ? 13.515  -10.375 5.125   1.00 36.82 ? 110 LEU A CG  1 
ATOM   793  C  CD1 . LEU A 1 100 ? 12.934  -9.093  5.695   1.00 38.72 ? 110 LEU A CD1 1 
ATOM   794  C  CD2 . LEU A 1 100 ? 12.942  -11.579 5.857   1.00 41.77 ? 110 LEU A CD2 1 
ATOM   795  N  N   . PHE A 1 101 ? 13.897  -10.897 0.617   1.00 28.10 ? 111 PHE A N   1 
ATOM   796  C  CA  . PHE A 1 101 ? 13.604  -10.847 -0.821  1.00 29.36 ? 111 PHE A CA  1 
ATOM   797  C  C   . PHE A 1 101 ? 14.931  -11.210 -1.509  1.00 31.76 ? 111 PHE A C   1 
ATOM   798  O  O   . PHE A 1 101 ? 15.660  -10.340 -1.983  1.00 34.04 ? 111 PHE A O   1 
ATOM   799  C  CB  . PHE A 1 101 ? 13.156  -9.438  -1.238  1.00 28.96 ? 111 PHE A CB  1 
ATOM   800  C  CG  . PHE A 1 101 ? 11.786  -9.057  -0.716  1.00 28.68 ? 111 PHE A CG  1 
ATOM   801  C  CD1 . PHE A 1 101 ? 11.583  -8.808  0.636   1.00 29.35 ? 111 PHE A CD1 1 
ATOM   802  C  CD2 . PHE A 1 101 ? 10.697  -9.001  -1.576  1.00 28.86 ? 111 PHE A CD2 1 
ATOM   803  C  CE1 . PHE A 1 101 ? 10.305  -8.509  1.133   1.00 30.75 ? 111 PHE A CE1 1 
ATOM   804  C  CE2 . PHE A 1 101 ? 9.418   -8.705  -1.097  1.00 32.11 ? 111 PHE A CE2 1 
ATOM   805  C  CZ  . PHE A 1 101 ? 9.222   -8.461  0.262   1.00 31.37 ? 111 PHE A CZ  1 
ATOM   806  N  N   . PRO A 1 102 ? 15.252  -12.512 -1.564  1.00 33.47 ? 112 PRO A N   1 
ATOM   807  C  CA  . PRO A 1 102 ? 16.481  -13.062 -2.159  1.00 33.98 ? 112 PRO A CA  1 
ATOM   808  C  C   . PRO A 1 102 ? 16.854  -12.504 -3.531  1.00 39.17 ? 112 PRO A C   1 
ATOM   809  O  O   . PRO A 1 102 ? 16.049  -12.516 -4.449  1.00 38.52 ? 112 PRO A O   1 
ATOM   810  C  CB  . PRO A 1 102 ? 16.200  -14.564 -2.226  1.00 33.02 ? 112 PRO A CB  1 
ATOM   811  C  CG  . PRO A 1 102 ? 15.197  -14.794 -1.155  1.00 36.65 ? 112 PRO A CG  1 
ATOM   812  C  CD  . PRO A 1 102 ? 14.297  -13.587 -1.248  1.00 29.83 ? 112 PRO A CD  1 
ATOM   813  N  N   . SER A 1 103 ? 18.090  -12.032 -3.661  1.00 44.06 ? 113 SER A N   1 
ATOM   814  C  CA  . SER A 1 103 ? 18.570  -11.491 -4.925  1.00 51.02 ? 113 SER A CA  1 
ATOM   815  C  C   . SER A 1 103 ? 19.266  -12.585 -5.741  1.00 52.42 ? 113 SER A C   1 
ATOM   816  O  O   . SER A 1 103 ? 19.662  -12.358 -6.884  1.00 56.15 ? 113 SER A O   1 
ATOM   817  C  CB  . SER A 1 103 ? 19.548  -10.345 -4.660  1.00 53.43 ? 113 SER A CB  1 
ATOM   818  O  OG  . SER A 1 103 ? 20.643  -10.799 -3.881  1.00 56.81 ? 113 SER A OG  1 
ATOM   819  N  N   . LYS A 1 104 ? 19.410  -13.767 -5.146  1.00 49.68 ? 114 LYS A N   1 
ATOM   820  C  CA  . LYS A 1 104 ? 20.055  -14.898 -5.811  1.00 47.04 ? 114 LYS A CA  1 
ATOM   821  C  C   . LYS A 1 104 ? 19.106  -16.080 -5.971  1.00 43.12 ? 114 LYS A C   1 
ATOM   822  O  O   . LYS A 1 104 ? 18.386  -16.445 -5.045  1.00 43.50 ? 114 LYS A O   1 
ATOM   823  C  CB  . LYS A 1 104 ? 21.294  -15.317 -5.020  1.00 46.11 ? 114 LYS A CB  1 
ATOM   824  C  CG  . LYS A 1 104 ? 22.359  -14.242 -4.983  1.00 50.03 ? 114 LYS A CG  1 
ATOM   825  C  CD  . LYS A 1 104 ? 23.553  -14.649 -4.137  1.00 51.93 ? 114 LYS A CD  1 
ATOM   826  C  CE  . LYS A 1 104 ? 24.633  -13.575 -4.177  1.00 55.18 ? 114 LYS A CE  1 
ATOM   827  N  NZ  . LYS A 1 104 ? 25.807  -13.900 -3.304  1.00 56.29 ? 114 LYS A NZ  1 
ATOM   828  N  N   . ILE A 1 105 ? 19.109  -16.690 -7.149  1.00 39.89 ? 115 ILE A N   1 
ATOM   829  C  CA  . ILE A 1 105 ? 18.223  -17.819 -7.408  1.00 38.91 ? 115 ILE A CA  1 
ATOM   830  C  C   . ILE A 1 105 ? 18.501  -19.077 -6.578  1.00 39.43 ? 115 ILE A C   1 
ATOM   831  O  O   . ILE A 1 105 ? 17.624  -19.928 -6.418  1.00 39.32 ? 115 ILE A O   1 
ATOM   832  C  CB  . ILE A 1 105 ? 18.239  -18.189 -8.907  1.00 42.03 ? 115 ILE A CB  1 
ATOM   833  C  CG1 . ILE A 1 105 ? 19.681  -18.398 -9.381  1.00 40.20 ? 115 ILE A CG1 1 
ATOM   834  C  CG2 . ILE A 1 105 ? 17.573  -17.079 -9.714  1.00 41.19 ? 115 ILE A CG2 1 
ATOM   835  C  CD1 . ILE A 1 105 ? 19.789  -18.873 -10.813 1.00 41.60 ? 115 ILE A CD1 1 
ATOM   836  N  N   . GLY A 1 106 ? 19.711  -19.201 -6.051  1.00 38.66 ? 116 GLY A N   1 
ATOM   837  C  CA  . GLY A 1 106 ? 20.025  -20.368 -5.241  1.00 39.11 ? 116 GLY A CA  1 
ATOM   838  C  C   . GLY A 1 106 ? 19.563  -20.229 -3.797  1.00 39.42 ? 116 GLY A C   1 
ATOM   839  O  O   . GLY A 1 106 ? 19.797  -21.117 -2.981  1.00 39.62 ? 116 GLY A O   1 
ATOM   840  N  N   . VAL A 1 107 ? 18.894  -19.123 -3.484  1.00 36.24 ? 117 VAL A N   1 
ATOM   841  C  CA  . VAL A 1 107 ? 18.411  -18.858 -2.127  1.00 34.51 ? 117 VAL A CA  1 
ATOM   842  C  C   . VAL A 1 107 ? 16.881  -18.826 -2.099  1.00 35.44 ? 117 VAL A C   1 
ATOM   843  O  O   . VAL A 1 107 ? 16.258  -18.012 -2.781  1.00 32.79 ? 117 VAL A O   1 
ATOM   844  C  CB  . VAL A 1 107 ? 18.922  -17.491 -1.621  1.00 33.50 ? 117 VAL A CB  1 
ATOM   845  C  CG1 . VAL A 1 107 ? 18.435  -17.243 -0.206  1.00 36.74 ? 117 VAL A CG1 1 
ATOM   846  C  CG2 . VAL A 1 107 ? 20.432  -17.443 -1.688  1.00 35.71 ? 117 VAL A CG2 1 
ATOM   847  N  N   . PRO A 1 108 ? 16.258  -19.700 -1.292  1.00 34.37 ? 118 PRO A N   1 
ATOM   848  C  CA  . PRO A 1 108 ? 14.799  -19.736 -1.208  1.00 32.75 ? 118 PRO A CA  1 
ATOM   849  C  C   . PRO A 1 108 ? 14.259  -18.592 -0.355  1.00 30.90 ? 118 PRO A C   1 
ATOM   850  O  O   . PRO A 1 108 ? 15.001  -17.950 0.388   1.00 27.57 ? 118 PRO A O   1 
ATOM   851  C  CB  . PRO A 1 108 ? 14.537  -21.089 -0.563  1.00 37.04 ? 118 PRO A CB  1 
ATOM   852  C  CG  . PRO A 1 108 ? 15.653  -21.169 0.437   1.00 37.91 ? 118 PRO A CG  1 
ATOM   853  C  CD  . PRO A 1 108 ? 16.860  -20.673 -0.358  1.00 37.64 ? 118 PRO A CD  1 
ATOM   854  N  N   . PHE A 1 109 ? 12.964  -18.334 -0.475  1.00 28.59 ? 119 PHE A N   1 
ATOM   855  C  CA  . PHE A 1 109 ? 12.339  -17.305 0.334   1.00 31.26 ? 119 PHE A CA  1 
ATOM   856  C  C   . PHE A 1 109 ? 12.301  -17.846 1.759   1.00 32.66 ? 119 PHE A C   1 
ATOM   857  O  O   . PHE A 1 109 ? 12.075  -19.035 1.963   1.00 30.81 ? 119 PHE A O   1 
ATOM   858  C  CB  . PHE A 1 109 ? 10.918  -17.036 -0.148  1.00 28.69 ? 119 PHE A CB  1 
ATOM   859  C  CG  . PHE A 1 109 ? 10.854  -16.186 -1.381  1.00 31.12 ? 119 PHE A CG  1 
ATOM   860  C  CD1 . PHE A 1 109 ? 10.752  -16.766 -2.645  1.00 30.05 ? 119 PHE A CD1 1 
ATOM   861  C  CD2 . PHE A 1 109 ? 10.913  -14.797 -1.281  1.00 30.00 ? 119 PHE A CD2 1 
ATOM   862  C  CE1 . PHE A 1 109 ? 10.708  -15.967 -3.796  1.00 29.24 ? 119 PHE A CE1 1 
ATOM   863  C  CE2 . PHE A 1 109 ? 10.870  -13.995 -2.421  1.00 28.65 ? 119 PHE A CE2 1 
ATOM   864  C  CZ  . PHE A 1 109 ? 10.768  -14.583 -3.681  1.00 27.40 ? 119 PHE A CZ  1 
ATOM   865  N  N   . PRO A 1 110 ? 12.533  -16.988 2.761   1.00 34.18 ? 120 PRO A N   1 
ATOM   866  C  CA  . PRO A 1 110 ? 12.504  -17.466 4.148   1.00 37.02 ? 120 PRO A CA  1 
ATOM   867  C  C   . PRO A 1 110 ? 11.132  -17.988 4.566   1.00 38.93 ? 120 PRO A C   1 
ATOM   868  O  O   . PRO A 1 110 ? 10.123  -17.750 3.889   1.00 31.96 ? 120 PRO A O   1 
ATOM   869  C  CB  . PRO A 1 110 ? 12.929  -16.235 4.945   1.00 38.13 ? 120 PRO A CB  1 
ATOM   870  C  CG  . PRO A 1 110 ? 12.384  -15.107 4.123   1.00 37.64 ? 120 PRO A CG  1 
ATOM   871  C  CD  . PRO A 1 110 ? 12.775  -15.535 2.716   1.00 36.84 ? 120 PRO A CD  1 
ATOM   872  N  N   . LYS A 1 111 ? 11.105  -18.707 5.685   1.00 38.75 ? 121 LYS A N   1 
ATOM   873  C  CA  . LYS A 1 111 ? 9.870   -19.280 6.205   1.00 42.54 ? 121 LYS A CA  1 
ATOM   874  C  C   . LYS A 1 111 ? 8.848   -18.217 6.598   1.00 39.03 ? 121 LYS A C   1 
ATOM   875  O  O   . LYS A 1 111 ? 7.648   -18.421 6.452   1.00 40.16 ? 121 LYS A O   1 
ATOM   876  C  CB  . LYS A 1 111 ? 10.168  -20.169 7.418   1.00 45.21 ? 121 LYS A CB  1 
ATOM   877  C  CG  . LYS A 1 111 ? 11.074  -21.358 7.111   1.00 52.15 ? 121 LYS A CG  1 
ATOM   878  C  CD  . LYS A 1 111 ? 12.381  -21.305 7.922   1.00 56.45 ? 121 LYS A CD  1 
ATOM   879  C  CE  . LYS A 1 111 ? 13.157  -19.999 7.690   1.00 56.93 ? 121 LYS A CE  1 
ATOM   880  N  NZ  . LYS A 1 111 ? 13.532  -19.787 6.263   1.00 49.42 ? 121 LYS A NZ  1 
ATOM   881  N  N   . ASN A 1 112 ? 9.329   -17.084 7.095   1.00 37.69 ? 122 ASN A N   1 
ATOM   882  C  CA  . ASN A 1 112 ? 8.448   -16.000 7.517   1.00 37.62 ? 122 ASN A CA  1 
ATOM   883  C  C   . ASN A 1 112 ? 8.141   -15.011 6.391   1.00 38.22 ? 122 ASN A C   1 
ATOM   884  O  O   . ASN A 1 112 ? 7.627   -13.922 6.652   1.00 36.21 ? 122 ASN A O   1 
ATOM   885  C  CB  . ASN A 1 112 ? 9.087   -15.231 8.674   1.00 39.87 ? 122 ASN A CB  1 
ATOM   886  C  CG  . ASN A 1 112 ? 10.361  -14.511 8.262   1.00 46.50 ? 122 ASN A CG  1 
ATOM   887  O  OD1 . ASN A 1 112 ? 11.113  -14.992 7.414   1.00 48.05 ? 122 ASN A OD1 1 
ATOM   888  N  ND2 . ASN A 1 112 ? 10.621  -13.362 8.879   1.00 45.98 ? 122 ASN A ND2 1 
ATOM   889  N  N   . PHE A 1 113 ? 8.440   -15.382 5.146   1.00 36.31 ? 123 PHE A N   1 
ATOM   890  C  CA  . PHE A 1 113 ? 8.208   -14.468 4.031   1.00 30.81 ? 123 PHE A CA  1 
ATOM   891  C  C   . PHE A 1 113 ? 6.794   -13.915 3.940   1.00 28.43 ? 123 PHE A C   1 
ATOM   892  O  O   . PHE A 1 113 ? 6.599   -12.699 3.947   1.00 30.33 ? 123 PHE A O   1 
ATOM   893  C  CB  . PHE A 1 113 ? 8.535   -15.110 2.685   1.00 29.99 ? 123 PHE A CB  1 
ATOM   894  C  CG  . PHE A 1 113 ? 8.260   -14.200 1.530   1.00 25.41 ? 123 PHE A CG  1 
ATOM   895  C  CD1 . PHE A 1 113 ? 9.025   -13.057 1.347   1.00 27.88 ? 123 PHE A CD1 1 
ATOM   896  C  CD2 . PHE A 1 113 ? 7.171   -14.426 0.694   1.00 26.03 ? 123 PHE A CD2 1 
ATOM   897  C  CE1 . PHE A 1 113 ? 8.708   -12.132 0.343   1.00 29.30 ? 123 PHE A CE1 1 
ATOM   898  C  CE2 . PHE A 1 113 ? 6.839   -13.514 -0.312  1.00 25.98 ? 123 PHE A CE2 1 
ATOM   899  C  CZ  . PHE A 1 113 ? 7.604   -12.366 -0.488  1.00 23.15 ? 123 PHE A CZ  1 
ATOM   900  N  N   . MET A 1 114 ? 5.814   -14.806 3.840   1.00 28.35 ? 124 MET A N   1 
ATOM   901  C  CA  . MET A 1 114 ? 4.419   -14.396 3.723   1.00 32.24 ? 124 MET A CA  1 
ATOM   902  C  C   . MET A 1 114 ? 4.030   -13.428 4.835   1.00 33.05 ? 124 MET A C   1 
ATOM   903  O  O   . MET A 1 114 ? 3.380   -12.411 4.590   1.00 31.10 ? 124 MET A O   1 
ATOM   904  C  CB  . MET A 1 114 ? 3.505   -15.620 3.740   1.00 34.55 ? 124 MET A CB  1 
ATOM   905  C  CG  . MET A 1 114 ? 2.078   -15.322 3.332   1.00 38.08 ? 124 MET A CG  1 
ATOM   906  S  SD  . MET A 1 114 ? 1.969   -14.617 1.656   1.00 37.32 ? 124 MET A SD  1 
ATOM   907  C  CE  . MET A 1 114 ? 2.646   -15.986 0.669   1.00 34.39 ? 124 MET A CE  1 
ATOM   908  N  N   . SER A 1 115 ? 4.428   -13.748 6.060   1.00 30.93 ? 125 SER A N   1 
ATOM   909  C  CA  . SER A 1 115 ? 4.151   -12.889 7.203   1.00 33.93 ? 125 SER A CA  1 
ATOM   910  C  C   . SER A 1 115 ? 4.752   -11.492 6.982   1.00 29.72 ? 125 SER A C   1 
ATOM   911  O  O   . SER A 1 115 ? 4.110   -10.471 7.241   1.00 29.56 ? 125 SER A O   1 
ATOM   912  C  CB  . SER A 1 115 ? 4.748   -13.512 8.471   1.00 35.76 ? 125 SER A CB  1 
ATOM   913  O  OG  . SER A 1 115 ? 4.764   -12.560 9.518   1.00 43.49 ? 125 SER A OG  1 
ATOM   914  N  N   . VAL A 1 116 ? 5.993   -11.441 6.514   1.00 28.44 ? 126 VAL A N   1 
ATOM   915  C  CA  . VAL A 1 116 ? 6.626   -10.153 6.255   1.00 27.21 ? 126 VAL A CA  1 
ATOM   916  C  C   . VAL A 1 116 ? 5.893   -9.429  5.118   1.00 26.35 ? 126 VAL A C   1 
ATOM   917  O  O   . VAL A 1 116 ? 5.646   -8.222  5.194   1.00 25.53 ? 126 VAL A O   1 
ATOM   918  C  CB  . VAL A 1 116 ? 8.106   -10.324 5.870   1.00 31.82 ? 126 VAL A CB  1 
ATOM   919  C  CG1 . VAL A 1 116 ? 8.709   -8.964  5.496   1.00 34.15 ? 126 VAL A CG1 1 
ATOM   920  C  CG2 . VAL A 1 116 ? 8.876   -10.938 7.054   1.00 38.09 ? 126 VAL A CG2 1 
ATOM   921  N  N   . ALA A 1 117 ? 5.547   -10.166 4.064   1.00 25.10 ? 127 ALA A N   1 
ATOM   922  C  CA  . ALA A 1 117 ? 4.830   -9.563  2.942   1.00 23.69 ? 127 ALA A CA  1 
ATOM   923  C  C   . ALA A 1 117 ? 3.495   -8.970  3.420   1.00 22.97 ? 127 ALA A C   1 
ATOM   924  O  O   . ALA A 1 117 ? 3.143   -7.835  3.086   1.00 22.09 ? 127 ALA A O   1 
ATOM   925  C  CB  . ALA A 1 117 ? 4.579   -10.598 1.866   1.00 20.84 ? 127 ALA A CB  1 
ATOM   926  N  N   . LYS A 1 118 ? 2.743   -9.741  4.193   1.00 21.55 ? 128 LYS A N   1 
ATOM   927  C  CA  . LYS A 1 118 ? 1.469   -9.259  4.702   1.00 24.87 ? 128 LYS A CA  1 
ATOM   928  C  C   . LYS A 1 118 ? 1.647   -8.009  5.568   1.00 23.71 ? 128 LYS A C   1 
ATOM   929  O  O   . LYS A 1 118 ? 0.828   -7.090  5.520   1.00 24.01 ? 128 LYS A O   1 
ATOM   930  C  CB  . LYS A 1 118 ? 0.776   -10.339 5.532   1.00 28.31 ? 128 LYS A CB  1 
ATOM   931  C  CG  . LYS A 1 118 ? 0.282   -11.546 4.753   1.00 31.99 ? 128 LYS A CG  1 
ATOM   932  C  CD  . LYS A 1 118 ? -0.494  -12.465 5.697   1.00 39.55 ? 128 LYS A CD  1 
ATOM   933  C  CE  . LYS A 1 118 ? -0.850  -13.781 5.044   1.00 41.25 ? 128 LYS A CE  1 
ATOM   934  N  NZ  . LYS A 1 118 ? -1.547  -13.552 3.763   1.00 48.75 ? 128 LYS A NZ  1 
ATOM   935  N  N   . THR A 1 119 ? 2.706   -7.974  6.370   1.00 23.04 ? 129 THR A N   1 
ATOM   936  C  CA  . THR A 1 119 ? 2.931   -6.812  7.232   1.00 25.75 ? 129 THR A CA  1 
ATOM   937  C  C   . THR A 1 119 ? 3.208   -5.589  6.355   1.00 23.80 ? 129 THR A C   1 
ATOM   938  O  O   . THR A 1 119 ? 2.685   -4.502  6.604   1.00 24.45 ? 129 THR A O   1 
ATOM   939  C  CB  . THR A 1 119 ? 4.123   -7.058  8.209   1.00 27.90 ? 129 THR A CB  1 
ATOM   940  O  OG1 . THR A 1 119 ? 3.812   -8.173  9.050   1.00 28.80 ? 129 THR A OG1 1 
ATOM   941  C  CG2 . THR A 1 119 ? 4.377   -5.841  9.092   1.00 27.85 ? 129 THR A CG2 1 
ATOM   942  N  N   . ILE A 1 120 ? 4.008   -5.775  5.313   1.00 22.17 ? 130 ILE A N   1 
ATOM   943  C  CA  . ILE A 1 120 ? 4.322   -4.670  4.412   1.00 21.55 ? 130 ILE A CA  1 
ATOM   944  C  C   . ILE A 1 120 ? 3.044   -4.154  3.766   1.00 21.11 ? 130 ILE A C   1 
ATOM   945  O  O   . ILE A 1 120 ? 2.774   -2.951  3.744   1.00 21.62 ? 130 ILE A O   1 
ATOM   946  C  CB  . ILE A 1 120 ? 5.271   -5.117  3.276   1.00 23.61 ? 130 ILE A CB  1 
ATOM   947  C  CG1 . ILE A 1 120 ? 6.649   -5.465  3.851   1.00 23.31 ? 130 ILE A CG1 1 
ATOM   948  C  CG2 . ILE A 1 120 ? 5.381   -3.992  2.206   1.00 22.64 ? 130 ILE A CG2 1 
ATOM   949  C  CD1 . ILE A 1 120 ? 7.637   -6.012  2.818   1.00 23.26 ? 130 ILE A CD1 1 
ATOM   950  N  N   . LEU A 1 121 ? 2.246   -5.082  3.251   1.00 20.14 ? 131 LEU A N   1 
ATOM   951  C  CA  . LEU A 1 121 ? 1.035   -4.707  2.551   1.00 21.80 ? 131 LEU A CA  1 
ATOM   952  C  C   . LEU A 1 121 ? 0.016   -3.993  3.427   1.00 23.88 ? 131 LEU A C   1 
ATOM   953  O  O   . LEU A 1 121 ? -0.587  -3.005  2.996   1.00 22.07 ? 131 LEU A O   1 
ATOM   954  C  CB  . LEU A 1 121 ? 0.418   -5.939  1.883   1.00 16.64 ? 131 LEU A CB  1 
ATOM   955  C  CG  . LEU A 1 121 ? 1.211   -6.528  0.713   1.00 20.91 ? 131 LEU A CG  1 
ATOM   956  C  CD1 . LEU A 1 121 ? 0.648   -7.918  0.367   1.00 17.85 ? 131 LEU A CD1 1 
ATOM   957  C  CD2 . LEU A 1 121 ? 1.143   -5.573  -0.513  1.00 20.22 ? 131 LEU A CD2 1 
ATOM   958  N  N   . LYS A 1 122 ? -0.181  -4.463  4.656   1.00 21.17 ? 132 LYS A N   1 
ATOM   959  C  CA  . LYS A 1 122 ? -1.156  -3.796  5.513   1.00 20.43 ? 132 LYS A CA  1 
ATOM   960  C  C   . LYS A 1 122 ? -0.697  -2.372  5.824   1.00 23.14 ? 132 LYS A C   1 
ATOM   961  O  O   . LYS A 1 122 ? -1.514  -1.455  5.951   1.00 23.03 ? 132 LYS A O   1 
ATOM   962  C  CB  . LYS A 1 122 ? -1.378  -4.589  6.815   1.00 28.48 ? 132 LYS A CB  1 
ATOM   963  C  CG  . LYS A 1 122 ? -0.360  -4.347  7.911   1.00 31.92 ? 132 LYS A CG  1 
ATOM   964  C  CD  . LYS A 1 122 ? -0.797  -5.040  9.219   1.00 35.21 ? 132 LYS A CD  1 
ATOM   965  C  CE  . LYS A 1 122 ? 0.210   -4.824  10.338  1.00 35.39 ? 132 LYS A CE  1 
ATOM   966  N  NZ  . LYS A 1 122 ? -0.160  -5.629  11.554  1.00 34.80 ? 132 LYS A NZ  1 
ATOM   967  N  N   . ARG A 1 123 ? 0.611   -2.179  5.943   1.00 20.09 ? 133 ARG A N   1 
ATOM   968  C  CA  . ARG A 1 123 ? 1.132   -0.846  6.214   1.00 23.77 ? 133 ARG A CA  1 
ATOM   969  C  C   . ARG A 1 123 ? 1.039   0.069   4.990   1.00 23.00 ? 133 ARG A C   1 
ATOM   970  O  O   . ARG A 1 123 ? 0.686   1.239   5.116   1.00 22.31 ? 133 ARG A O   1 
ATOM   971  C  CB  . ARG A 1 123 ? 2.570   -0.940  6.731   1.00 23.37 ? 133 ARG A CB  1 
ATOM   972  C  CG  . ARG A 1 123 ? 2.615   -1.490  8.159   1.00 25.47 ? 133 ARG A CG  1 
ATOM   973  C  CD  . ARG A 1 123 ? 4.035   -1.680  8.672   1.00 28.59 ? 133 ARG A CD  1 
ATOM   974  N  NE  . ARG A 1 123 ? 4.033   -2.106  10.068  1.00 27.99 ? 133 ARG A NE  1 
ATOM   975  C  CZ  . ARG A 1 123 ? 5.113   -2.510  10.733  1.00 33.50 ? 133 ARG A CZ  1 
ATOM   976  N  NH1 . ARG A 1 123 ? 6.300   -2.545  10.134  1.00 33.36 ? 133 ARG A NH1 1 
ATOM   977  N  NH2 . ARG A 1 123 ? 5.005   -2.889  12.001  1.00 34.29 ? 133 ARG A NH2 1 
ATOM   978  N  N   . LEU A 1 124 ? 1.344   -0.458  3.805   1.00 23.24 ? 134 LEU A N   1 
ATOM   979  C  CA  . LEU A 1 124 ? 1.238   0.349   2.582   1.00 23.31 ? 134 LEU A CA  1 
ATOM   980  C  C   . LEU A 1 124 ? -0.203  0.846   2.415   1.00 21.24 ? 134 LEU A C   1 
ATOM   981  O  O   . LEU A 1 124 ? -0.437  1.964   1.967   1.00 20.86 ? 134 LEU A O   1 
ATOM   982  C  CB  . LEU A 1 124 ? 1.633   -0.477  1.345   1.00 21.57 ? 134 LEU A CB  1 
ATOM   983  C  CG  . LEU A 1 124 ? 3.110   -0.828  1.185   1.00 21.74 ? 134 LEU A CG  1 
ATOM   984  C  CD1 . LEU A 1 124 ? 3.298   -1.627  -0.110  1.00 22.97 ? 134 LEU A CD1 1 
ATOM   985  C  CD2 . LEU A 1 124 ? 3.936   0.487   1.150   1.00 21.37 ? 134 LEU A CD2 1 
ATOM   986  N  N   . PHE A 1 125 ? -1.169  0.002   2.769   1.00 19.80 ? 135 PHE A N   1 
ATOM   987  C  CA  . PHE A 1 125 ? -2.586  0.374   2.668   1.00 19.67 ? 135 PHE A CA  1 
ATOM   988  C  C   . PHE A 1 125 ? -2.860  1.684   3.398   1.00 21.40 ? 135 PHE A C   1 
ATOM   989  O  O   . PHE A 1 125 ? -3.694  2.478   2.968   1.00 21.94 ? 135 PHE A O   1 
ATOM   990  C  CB  . PHE A 1 125 ? -3.485  -0.699  3.296   1.00 16.71 ? 135 PHE A CB  1 
ATOM   991  C  CG  . PHE A 1 125 ? -4.901  -0.228  3.522   1.00 17.82 ? 135 PHE A CG  1 
ATOM   992  C  CD1 . PHE A 1 125 ? -5.817  -0.205  2.474   1.00 18.57 ? 135 PHE A CD1 1 
ATOM   993  C  CD2 . PHE A 1 125 ? -5.304  0.222   4.780   1.00 19.91 ? 135 PHE A CD2 1 
ATOM   994  C  CE1 . PHE A 1 125 ? -7.108  0.257   2.670   1.00 22.84 ? 135 PHE A CE1 1 
ATOM   995  C  CE2 . PHE A 1 125 ? -6.595  0.690   4.992   1.00 21.53 ? 135 PHE A CE2 1 
ATOM   996  C  CZ  . PHE A 1 125 ? -7.507  0.710   3.938   1.00 19.76 ? 135 PHE A CZ  1 
ATOM   997  N  N   . ARG A 1 126 ? -2.165  1.904   4.509   1.00 22.03 ? 136 ARG A N   1 
ATOM   998  C  CA  . ARG A 1 126 ? -2.392  3.121   5.285   1.00 24.71 ? 136 ARG A CA  1 
ATOM   999  C  C   . ARG A 1 126 ? -2.033  4.407   4.560   1.00 25.12 ? 136 ARG A C   1 
ATOM   1000 O  O   . ARG A 1 126 ? -2.604  5.467   4.863   1.00 24.50 ? 136 ARG A O   1 
ATOM   1001 C  CB  . ARG A 1 126 ? -1.647  3.040   6.606   1.00 24.87 ? 136 ARG A CB  1 
ATOM   1002 C  CG  . ARG A 1 126 ? -2.174  1.904   7.480   1.00 25.77 ? 136 ARG A CG  1 
ATOM   1003 C  CD  . ARG A 1 126 ? -1.241  1.619   8.642   1.00 24.53 ? 136 ARG A CD  1 
ATOM   1004 N  NE  . ARG A 1 126 ? -1.613  0.378   9.313   1.00 25.19 ? 136 ARG A NE  1 
ATOM   1005 C  CZ  . ARG A 1 126 ? -0.854  -0.234  10.214  1.00 29.58 ? 136 ARG A CZ  1 
ATOM   1006 N  NH1 . ARG A 1 126 ? 0.319   0.285   10.557  1.00 26.37 ? 136 ARG A NH1 1 
ATOM   1007 N  NH2 . ARG A 1 126 ? -1.267  -1.372  10.762  1.00 30.07 ? 136 ARG A NH2 1 
ATOM   1008 N  N   . VAL A 1 127 ? -1.088  4.331   3.623   1.00 21.59 ? 137 VAL A N   1 
ATOM   1009 C  CA  . VAL A 1 127 ? -0.726  5.527   2.871   1.00 23.72 ? 137 VAL A CA  1 
ATOM   1010 C  C   . VAL A 1 127 ? -1.892  5.856   1.928   1.00 21.70 ? 137 VAL A C   1 
ATOM   1011 O  O   . VAL A 1 127 ? -2.260  7.023   1.772   1.00 22.66 ? 137 VAL A O   1 
ATOM   1012 C  CB  . VAL A 1 127 ? 0.568   5.330   2.051   1.00 24.77 ? 137 VAL A CB  1 
ATOM   1013 C  CG1 . VAL A 1 127 ? 0.902   6.621   1.305   1.00 21.73 ? 137 VAL A CG1 1 
ATOM   1014 C  CG2 . VAL A 1 127 ? 1.717   4.940   2.972   1.00 28.34 ? 137 VAL A CG2 1 
ATOM   1015 N  N   . TYR A 1 128 ? -2.474  4.838   1.285   1.00 24.11 ? 138 TYR A N   1 
ATOM   1016 C  CA  . TYR A 1 128 ? -3.627  5.100   0.409   1.00 23.53 ? 138 TYR A CA  1 
ATOM   1017 C  C   . TYR A 1 128 ? -4.737  5.726   1.256   1.00 24.89 ? 138 TYR A C   1 
ATOM   1018 O  O   . TYR A 1 128 ? -5.361  6.709   0.858   1.00 22.44 ? 138 TYR A O   1 
ATOM   1019 C  CB  . TYR A 1 128 ? -4.199  3.815   -0.196  1.00 23.82 ? 138 TYR A CB  1 
ATOM   1020 C  CG  . TYR A 1 128 ? -3.428  3.200   -1.346  1.00 23.83 ? 138 TYR A CG  1 
ATOM   1021 C  CD1 . TYR A 1 128 ? -3.404  3.799   -2.616  1.00 21.23 ? 138 TYR A CD1 1 
ATOM   1022 C  CD2 . TYR A 1 128 ? -2.767  1.981   -1.181  1.00 26.80 ? 138 TYR A CD2 1 
ATOM   1023 C  CE1 . TYR A 1 128 ? -2.740  3.180   -3.689  1.00 22.28 ? 138 TYR A CE1 1 
ATOM   1024 C  CE2 . TYR A 1 128 ? -2.111  1.365   -2.236  1.00 24.00 ? 138 TYR A CE2 1 
ATOM   1025 C  CZ  . TYR A 1 128 ? -2.099  1.962   -3.481  1.00 25.07 ? 138 TYR A CZ  1 
ATOM   1026 O  OH  . TYR A 1 128 ? -1.439  1.320   -4.500  1.00 23.73 ? 138 TYR A OH  1 
ATOM   1027 N  N   . ALA A 1 129 ? -4.989  5.137   2.425   1.00 22.36 ? 139 ALA A N   1 
ATOM   1028 C  CA  . ALA A 1 129 ? -6.059  5.632   3.284   1.00 22.73 ? 139 ALA A CA  1 
ATOM   1029 C  C   . ALA A 1 129 ? -5.838  7.088   3.684   1.00 23.36 ? 139 ALA A C   1 
ATOM   1030 O  O   . ALA A 1 129 ? -6.786  7.874   3.666   1.00 25.12 ? 139 ALA A O   1 
ATOM   1031 C  CB  . ALA A 1 129 ? -6.195  4.761   4.521   1.00 21.44 ? 139 ALA A CB  1 
ATOM   1032 N  N   . HIS A 1 130 ? -4.605  7.454   4.044   1.00 23.95 ? 140 HIS A N   1 
ATOM   1033 C  CA  . HIS A 1 130 ? -4.352  8.840   4.426   1.00 24.30 ? 140 HIS A CA  1 
ATOM   1034 C  C   . HIS A 1 130 ? -4.545  9.772   3.228   1.00 28.40 ? 140 HIS A C   1 
ATOM   1035 O  O   . HIS A 1 130 ? -5.156  10.845  3.345   1.00 24.58 ? 140 HIS A O   1 
ATOM   1036 C  CB  . HIS A 1 130 ? -2.935  9.030   4.980   1.00 24.61 ? 140 HIS A CB  1 
ATOM   1037 C  CG  . HIS A 1 130 ? -2.640  10.448  5.370   1.00 27.88 ? 140 HIS A CG  1 
ATOM   1038 N  ND1 . HIS A 1 130 ? -3.283  11.079  6.414   1.00 25.71 ? 140 HIS A ND1 1 
ATOM   1039 C  CD2 . HIS A 1 130 ? -1.806  11.370  4.831   1.00 28.50 ? 140 HIS A CD2 1 
ATOM   1040 C  CE1 . HIS A 1 130 ? -2.852  12.327  6.505   1.00 29.16 ? 140 HIS A CE1 1 
ATOM   1041 N  NE2 . HIS A 1 130 ? -1.957  12.528  5.556   1.00 30.64 ? 140 HIS A NE2 1 
ATOM   1042 N  N   . ILE A 1 131 ? -4.032  9.360   2.071   1.00 24.23 ? 141 ILE A N   1 
ATOM   1043 C  CA  . ILE A 1 131 ? -4.164  10.176  0.868   1.00 26.18 ? 141 ILE A CA  1 
ATOM   1044 C  C   . ILE A 1 131 ? -5.626  10.451  0.541   1.00 25.54 ? 141 ILE A C   1 
ATOM   1045 O  O   . ILE A 1 131 ? -6.010  11.603  0.335   1.00 25.02 ? 141 ILE A O   1 
ATOM   1046 C  CB  . ILE A 1 131 ? -3.494  9.508   -0.361  1.00 23.69 ? 141 ILE A CB  1 
ATOM   1047 C  CG1 . ILE A 1 131 ? -1.979  9.461   -0.153  1.00 21.28 ? 141 ILE A CG1 1 
ATOM   1048 C  CG2 . ILE A 1 131 ? -3.864  10.288  -1.639  1.00 21.40 ? 141 ILE A CG2 1 
ATOM   1049 C  CD1 . ILE A 1 131 ? -1.207  8.787   -1.290  1.00 21.75 ? 141 ILE A CD1 1 
ATOM   1050 N  N   . TYR A 1 132 ? -6.445  9.399   0.503   1.00 25.09 ? 142 TYR A N   1 
ATOM   1051 C  CA  . TYR A 1 132 ? -7.866  9.555   0.197   1.00 27.04 ? 142 TYR A CA  1 
ATOM   1052 C  C   . TYR A 1 132 ? -8.625  10.437  1.186   1.00 28.47 ? 142 TYR A C   1 
ATOM   1053 O  O   . TYR A 1 132 ? -9.432  11.287  0.796   1.00 26.20 ? 142 TYR A O   1 
ATOM   1054 C  CB  . TYR A 1 132 ? -8.571  8.195   0.149   1.00 26.77 ? 142 TYR A CB  1 
ATOM   1055 C  CG  . TYR A 1 132 ? -8.554  7.522   -1.197  1.00 25.91 ? 142 TYR A CG  1 
ATOM   1056 C  CD1 . TYR A 1 132 ? -7.767  6.395   -1.425  1.00 25.99 ? 142 TYR A CD1 1 
ATOM   1057 C  CD2 . TYR A 1 132 ? -9.371  7.975   -2.230  1.00 25.73 ? 142 TYR A CD2 1 
ATOM   1058 C  CE1 . TYR A 1 132 ? -7.800  5.729   -2.650  1.00 24.05 ? 142 TYR A CE1 1 
ATOM   1059 C  CE2 . TYR A 1 132 ? -9.414  7.312   -3.457  1.00 26.53 ? 142 TYR A CE2 1 
ATOM   1060 C  CZ  . TYR A 1 132 ? -8.627  6.188   -3.653  1.00 23.73 ? 142 TYR A CZ  1 
ATOM   1061 O  OH  . TYR A 1 132 ? -8.703  5.504   -4.845  1.00 24.18 ? 142 TYR A OH  1 
ATOM   1062 N  N   . HIS A 1 133 ? -8.376  10.208  2.466   1.00 27.63 ? 143 HIS A N   1 
ATOM   1063 C  CA  . HIS A 1 133 ? -9.044  10.941  3.535   1.00 28.63 ? 143 HIS A CA  1 
ATOM   1064 C  C   . HIS A 1 133 ? -8.605  12.384  3.739   1.00 25.80 ? 143 HIS A C   1 
ATOM   1065 O  O   . HIS A 1 133 ? -9.422  13.256  4.019   1.00 27.42 ? 143 HIS A O   1 
ATOM   1066 C  CB  . HIS A 1 133 ? -8.860  10.177  4.853   1.00 27.14 ? 143 HIS A CB  1 
ATOM   1067 C  CG  . HIS A 1 133 ? -9.818  9.041   5.020   1.00 30.33 ? 143 HIS A CG  1 
ATOM   1068 N  ND1 . HIS A 1 133 ? -11.124 9.225   5.422   1.00 28.45 ? 143 HIS A ND1 1 
ATOM   1069 C  CD2 . HIS A 1 133 ? -9.683  7.716   4.767   1.00 27.95 ? 143 HIS A CD2 1 
ATOM   1070 C  CE1 . HIS A 1 133 ? -11.754 8.064   5.404   1.00 31.53 ? 143 HIS A CE1 1 
ATOM   1071 N  NE2 . HIS A 1 133 ? -10.903 7.133   5.009   1.00 27.61 ? 143 HIS A NE2 1 
ATOM   1072 N  N   . GLN A 1 134 ? -7.319  12.644  3.592   1.00 26.66 ? 144 GLN A N   1 
ATOM   1073 C  CA  . GLN A 1 134 ? -6.816  13.975  3.842   1.00 28.33 ? 144 GLN A CA  1 
ATOM   1074 C  C   . GLN A 1 134 ? -6.354  14.770  2.630   1.00 30.08 ? 144 GLN A C   1 
ATOM   1075 O  O   . GLN A 1 134 ? -6.253  15.984  2.710   1.00 29.39 ? 144 GLN A O   1 
ATOM   1076 C  CB  . GLN A 1 134 ? -5.667  13.895  4.856   1.00 29.24 ? 144 GLN A CB  1 
ATOM   1077 C  CG  . GLN A 1 134 ? -6.047  13.195  6.155   1.00 39.19 ? 144 GLN A CG  1 
ATOM   1078 C  CD  . GLN A 1 134 ? -7.263  13.823  6.822   1.00 42.06 ? 144 GLN A CD  1 
ATOM   1079 O  OE1 . GLN A 1 134 ? -7.276  15.019  7.119   1.00 42.32 ? 144 GLN A OE1 1 
ATOM   1080 N  NE2 . GLN A 1 134 ? -8.289  13.016  7.058   1.00 42.51 ? 144 GLN A NE2 1 
ATOM   1081 N  N   . HIS A 1 135 ? -6.102  14.113  1.505   1.00 28.06 ? 145 HIS A N   1 
ATOM   1082 C  CA  . HIS A 1 135 ? -5.573  14.857  0.370   1.00 29.00 ? 145 HIS A CA  1 
ATOM   1083 C  C   . HIS A 1 135 ? -6.217  14.635  -0.982  1.00 29.75 ? 145 HIS A C   1 
ATOM   1084 O  O   . HIS A 1 135 ? -5.597  14.905  -2.015  1.00 28.38 ? 145 HIS A O   1 
ATOM   1085 C  CB  . HIS A 1 135 ? -4.078  14.566  0.268   1.00 27.20 ? 145 HIS A CB  1 
ATOM   1086 C  CG  . HIS A 1 135 ? -3.320  14.892  1.516   1.00 30.84 ? 145 HIS A CG  1 
ATOM   1087 N  ND1 . HIS A 1 135 ? -3.131  16.186  1.955   1.00 28.30 ? 145 HIS A ND1 1 
ATOM   1088 C  CD2 . HIS A 1 135 ? -2.720  14.092  2.433   1.00 29.54 ? 145 HIS A CD2 1 
ATOM   1089 C  CE1 . HIS A 1 135 ? -2.443  16.170  3.085   1.00 31.18 ? 145 HIS A CE1 1 
ATOM   1090 N  NE2 . HIS A 1 135 ? -2.182  14.911  3.398   1.00 29.86 ? 145 HIS A NE2 1 
ATOM   1091 N  N   . PHE A 1 136 ? -7.459  14.174  -1.002  1.00 28.26 ? 146 PHE A N   1 
ATOM   1092 C  CA  . PHE A 1 136 ? -8.079  13.922  -2.286  1.00 30.48 ? 146 PHE A CA  1 
ATOM   1093 C  C   . PHE A 1 136 ? -8.245  15.226  -3.055  1.00 33.51 ? 146 PHE A C   1 
ATOM   1094 O  O   . PHE A 1 136 ? -8.319  15.221  -4.280  1.00 29.51 ? 146 PHE A O   1 
ATOM   1095 C  CB  . PHE A 1 136 ? -9.426  13.227  -2.119  1.00 30.60 ? 146 PHE A CB  1 
ATOM   1096 C  CG  . PHE A 1 136 ? -9.910  12.566  -3.375  1.00 33.53 ? 146 PHE A CG  1 
ATOM   1097 C  CD1 . PHE A 1 136 ? -9.270  11.429  -3.865  1.00 30.87 ? 146 PHE A CD1 1 
ATOM   1098 C  CD2 . PHE A 1 136 ? -10.983 13.094  -4.090  1.00 32.47 ? 146 PHE A CD2 1 
ATOM   1099 C  CE1 . PHE A 1 136 ? -9.693  10.829  -5.049  1.00 33.04 ? 146 PHE A CE1 1 
ATOM   1100 C  CE2 . PHE A 1 136 ? -11.410 12.500  -5.274  1.00 33.97 ? 146 PHE A CE2 1 
ATOM   1101 C  CZ  . PHE A 1 136 ? -10.763 11.365  -5.754  1.00 32.40 ? 146 PHE A CZ  1 
ATOM   1102 N  N   . ASP A 1 137 ? -8.305  16.341  -2.327  1.00 34.13 ? 147 ASP A N   1 
ATOM   1103 C  CA  . ASP A 1 137 ? -8.445  17.652  -2.959  1.00 36.78 ? 147 ASP A CA  1 
ATOM   1104 C  C   . ASP A 1 137 ? -7.204  17.969  -3.799  1.00 32.73 ? 147 ASP A C   1 
ATOM   1105 O  O   . ASP A 1 137 ? -7.319  18.431  -4.934  1.00 34.66 ? 147 ASP A O   1 
ATOM   1106 C  CB  . ASP A 1 137 ? -8.678  18.740  -1.893  1.00 38.85 ? 147 ASP A CB  1 
ATOM   1107 C  CG  . ASP A 1 137 ? -7.616  18.740  -0.795  1.00 43.77 ? 147 ASP A CG  1 
ATOM   1108 O  OD1 . ASP A 1 137 ? -6.885  17.736  -0.646  1.00 43.80 ? 147 ASP A OD1 1 
ATOM   1109 O  OD2 . ASP A 1 137 ? -7.524  19.752  -0.067  1.00 46.99 ? 147 ASP A OD2 1 
ATOM   1110 N  N   . SER A 1 138 ? -6.020  17.716  -3.248  1.00 29.81 ? 148 SER A N   1 
ATOM   1111 C  CA  . SER A 1 138 ? -4.786  17.963  -3.986  1.00 30.42 ? 148 SER A CA  1 
ATOM   1112 C  C   . SER A 1 138 ? -4.688  16.976  -5.160  1.00 32.07 ? 148 SER A C   1 
ATOM   1113 O  O   . SER A 1 138 ? -4.190  17.315  -6.236  1.00 30.39 ? 148 SER A O   1 
ATOM   1114 C  CB  . SER A 1 138 ? -3.573  17.813  -3.067  1.00 30.94 ? 148 SER A CB  1 
ATOM   1115 O  OG  . SER A 1 138 ? -3.598  18.788  -2.038  1.00 31.69 ? 148 SER A OG  1 
ATOM   1116 N  N   . VAL A 1 139 ? -5.167  15.753  -4.959  1.00 27.63 ? 149 VAL A N   1 
ATOM   1117 C  CA  . VAL A 1 139 ? -5.144  14.772  -6.032  1.00 25.03 ? 149 VAL A CA  1 
ATOM   1118 C  C   . VAL A 1 139 ? -6.023  15.289  -7.169  1.00 27.39 ? 149 VAL A C   1 
ATOM   1119 O  O   . VAL A 1 139 ? -5.614  15.264  -8.331  1.00 25.18 ? 149 VAL A O   1 
ATOM   1120 C  CB  . VAL A 1 139 ? -5.654  13.386  -5.556  1.00 26.63 ? 149 VAL A CB  1 
ATOM   1121 C  CG1 . VAL A 1 139 ? -5.850  12.453  -6.760  1.00 23.37 ? 149 VAL A CG1 1 
ATOM   1122 C  CG2 . VAL A 1 139 ? -4.631  12.767  -4.578  1.00 23.41 ? 149 VAL A CG2 1 
ATOM   1123 N  N   . MET A 1 140 ? -7.214  15.786  -6.843  1.00 28.29 ? 150 MET A N   1 
ATOM   1124 C  CA  . MET A 1 140 ? -8.115  16.307  -7.877  1.00 31.26 ? 150 MET A CA  1 
ATOM   1125 C  C   . MET A 1 140 ? -7.526  17.534  -8.574  1.00 30.16 ? 150 MET A C   1 
ATOM   1126 O  O   . MET A 1 140 ? -7.720  17.721  -9.770  1.00 31.87 ? 150 MET A O   1 
ATOM   1127 C  CB  . MET A 1 140 ? -9.482  16.689  -7.290  1.00 35.80 ? 150 MET A CB  1 
ATOM   1128 C  CG  . MET A 1 140 ? -10.405 15.525  -6.937  1.00 39.91 ? 150 MET A CG  1 
ATOM   1129 S  SD  . MET A 1 140 ? -11.995 16.128  -6.234  1.00 45.11 ? 150 MET A SD  1 
ATOM   1130 C  CE  . MET A 1 140 ? -11.393 17.009  -4.811  1.00 40.91 ? 150 MET A CE  1 
ATOM   1131 N  N   . GLN A 1 141 ? -6.821  18.372  -7.823  1.00 32.39 ? 151 GLN A N   1 
ATOM   1132 C  CA  . GLN A 1 141 ? -6.217  19.567  -8.397  1.00 33.62 ? 151 GLN A CA  1 
ATOM   1133 C  C   . GLN A 1 141 ? -5.177  19.184  -9.452  1.00 36.02 ? 151 GLN A C   1 
ATOM   1134 O  O   . GLN A 1 141 ? -5.033  19.858  -10.474 1.00 29.19 ? 151 GLN A O   1 
ATOM   1135 C  CB  . GLN A 1 141 ? -5.563  20.418  -7.308  1.00 40.17 ? 151 GLN A CB  1 
ATOM   1136 C  CG  . GLN A 1 141 ? -4.748  21.583  -7.867  1.00 48.47 ? 151 GLN A CG  1 
ATOM   1137 C  CD  . GLN A 1 141 ? -5.545  22.450  -8.836  1.00 54.38 ? 151 GLN A CD  1 
ATOM   1138 O  OE1 . GLN A 1 141 ? -4.976  23.130  -9.696  1.00 55.93 ? 151 GLN A OE1 1 
ATOM   1139 N  NE2 . GLN A 1 141 ? -6.868  22.436  -8.696  1.00 56.60 ? 151 GLN A NE2 1 
ATOM   1140 N  N   . LEU A 1 142 ? -4.447  18.102  -9.195  1.00 30.93 ? 152 LEU A N   1 
ATOM   1141 C  CA  . LEU A 1 142 ? -3.443  17.621  -10.132 1.00 30.64 ? 152 LEU A CA  1 
ATOM   1142 C  C   . LEU A 1 142 ? -4.088  16.832  -11.266 1.00 28.62 ? 152 LEU A C   1 
ATOM   1143 O  O   . LEU A 1 142 ? -3.418  16.431  -12.216 1.00 27.48 ? 152 LEU A O   1 
ATOM   1144 C  CB  . LEU A 1 142 ? -2.437  16.736  -9.401  1.00 31.31 ? 152 LEU A CB  1 
ATOM   1145 C  CG  . LEU A 1 142 ? -1.448  17.479  -8.502  1.00 33.87 ? 152 LEU A CG  1 
ATOM   1146 C  CD1 . LEU A 1 142 ? -0.699  16.487  -7.622  1.00 33.80 ? 152 LEU A CD1 1 
ATOM   1147 C  CD2 . LEU A 1 142 ? -0.473  18.281  -9.379  1.00 35.02 ? 152 LEU A CD2 1 
ATOM   1148 N  N   . GLN A 1 143 ? -5.396  16.620  -11.166 1.00 27.37 ? 153 GLN A N   1 
ATOM   1149 C  CA  . GLN A 1 143 ? -6.138  15.849  -12.169 1.00 26.73 ? 153 GLN A CA  1 
ATOM   1150 C  C   . GLN A 1 143 ? -5.557  14.435  -12.309 1.00 27.82 ? 153 GLN A C   1 
ATOM   1151 O  O   . GLN A 1 143 ? -5.550  13.850  -13.406 1.00 22.93 ? 153 GLN A O   1 
ATOM   1152 C  CB  . GLN A 1 143 ? -6.108  16.560  -13.529 1.00 29.75 ? 153 GLN A CB  1 
ATOM   1153 C  CG  . GLN A 1 143 ? -6.476  18.034  -13.461 1.00 30.97 ? 153 GLN A CG  1 
ATOM   1154 C  CD  . GLN A 1 143 ? -6.502  18.690  -14.835 1.00 33.58 ? 153 GLN A CD  1 
ATOM   1155 O  OE1 . GLN A 1 143 ? -7.374  18.402  -15.639 1.00 32.69 ? 153 GLN A OE1 1 
ATOM   1156 N  NE2 . GLN A 1 143 ? -5.525  19.555  -15.113 1.00 29.45 ? 153 GLN A NE2 1 
ATOM   1157 N  N   . GLU A 1 144 ? -5.071  13.888  -11.196 1.00 25.17 ? 154 GLU A N   1 
ATOM   1158 C  CA  . GLU A 1 144 ? -4.488  12.546  -11.207 1.00 26.80 ? 154 GLU A CA  1 
ATOM   1159 C  C   . GLU A 1 144 ? -5.345  11.524  -10.468 1.00 27.31 ? 154 GLU A C   1 
ATOM   1160 O  O   . GLU A 1 144 ? -4.845  10.459  -10.076 1.00 27.85 ? 154 GLU A O   1 
ATOM   1161 C  CB  . GLU A 1 144 ? -3.080  12.565  -10.583 1.00 25.74 ? 154 GLU A CB  1 
ATOM   1162 C  CG  . GLU A 1 144 ? -3.029  13.015  -9.121  1.00 25.43 ? 154 GLU A CG  1 
ATOM   1163 C  CD  . GLU A 1 144 ? -1.618  12.990  -8.530  1.00 25.07 ? 154 GLU A CD  1 
ATOM   1164 O  OE1 . GLU A 1 144 ? -0.632  13.137  -9.284  1.00 26.11 ? 154 GLU A OE1 1 
ATOM   1165 O  OE2 . GLU A 1 144 ? -1.484  12.835  -7.299  1.00 24.37 ? 154 GLU A OE2 1 
ATOM   1166 N  N   . GLU A 1 145 ? -6.626  11.821  -10.270 1.00 24.52 ? 155 GLU A N   1 
ATOM   1167 C  CA  . GLU A 1 145 ? -7.472  10.868  -9.562  1.00 27.55 ? 155 GLU A CA  1 
ATOM   1168 C  C   . GLU A 1 145 ? -7.493  9.493   -10.231 1.00 25.58 ? 155 GLU A C   1 
ATOM   1169 O  O   . GLU A 1 145 ? -7.547  8.483   -9.547  1.00 24.86 ? 155 GLU A O   1 
ATOM   1170 C  CB  . GLU A 1 145 ? -8.911  11.396  -9.375  1.00 30.20 ? 155 GLU A CB  1 
ATOM   1171 C  CG  . GLU A 1 145 ? -9.582  11.947  -10.604 1.00 37.40 ? 155 GLU A CG  1 
ATOM   1172 C  CD  . GLU A 1 145 ? -9.366  13.441  -10.743 1.00 39.74 ? 155 GLU A CD  1 
ATOM   1173 O  OE1 . GLU A 1 145 ? -8.198  13.867  -10.846 1.00 34.28 ? 155 GLU A OE1 1 
ATOM   1174 O  OE2 . GLU A 1 145 ? -10.368 14.190  -10.738 1.00 44.14 ? 155 GLU A OE2 1 
ATOM   1175 N  N   . ALA A 1 146 ? -7.448  9.437   -11.555 1.00 22.00 ? 156 ALA A N   1 
ATOM   1176 C  CA  . ALA A 1 146 ? -7.445  8.147   -12.227 1.00 21.87 ? 156 ALA A CA  1 
ATOM   1177 C  C   . ALA A 1 146 ? -6.253  7.292   -11.765 1.00 22.82 ? 156 ALA A C   1 
ATOM   1178 O  O   . ALA A 1 146 ? -6.367  6.067   -11.625 1.00 24.76 ? 156 ALA A O   1 
ATOM   1179 C  CB  . ALA A 1 146 ? -7.384  8.341   -13.737 1.00 22.51 ? 156 ALA A CB  1 
ATOM   1180 N  N   . HIS A 1 147 ? -5.111  7.937   -11.544 1.00 22.63 ? 157 HIS A N   1 
ATOM   1181 C  CA  . HIS A 1 147 ? -3.912  7.219   -11.135 1.00 23.30 ? 157 HIS A CA  1 
ATOM   1182 C  C   . HIS A 1 147 ? -4.051  6.667   -9.731  1.00 22.88 ? 157 HIS A C   1 
ATOM   1183 O  O   . HIS A 1 147 ? -3.712  5.510   -9.485  1.00 22.80 ? 157 HIS A O   1 
ATOM   1184 C  CB  . HIS A 1 147 ? -2.681  8.119   -11.264 1.00 23.37 ? 157 HIS A CB  1 
ATOM   1185 C  CG  . HIS A 1 147 ? -2.244  8.318   -12.686 1.00 24.52 ? 157 HIS A CG  1 
ATOM   1186 N  ND1 . HIS A 1 147 ? -1.480  7.392   -13.366 1.00 24.80 ? 157 HIS A ND1 1 
ATOM   1187 C  CD2 . HIS A 1 147 ? -2.537  9.291   -13.581 1.00 24.60 ? 157 HIS A CD2 1 
ATOM   1188 C  CE1 . HIS A 1 147 ? -1.322  7.785   -14.618 1.00 24.09 ? 157 HIS A CE1 1 
ATOM   1189 N  NE2 . HIS A 1 147 ? -1.955  8.934   -14.774 1.00 23.84 ? 157 HIS A NE2 1 
ATOM   1190 N  N   . LEU A 1 148 ? -4.567  7.482   -8.817  1.00 22.95 ? 158 LEU A N   1 
ATOM   1191 C  CA  . LEU A 1 148 ? -4.778  7.034   -7.439  1.00 21.21 ? 158 LEU A CA  1 
ATOM   1192 C  C   . LEU A 1 148 ? -5.810  5.901   -7.422  1.00 21.83 ? 158 LEU A C   1 
ATOM   1193 O  O   . LEU A 1 148 ? -5.570  4.859   -6.829  1.00 19.88 ? 158 LEU A O   1 
ATOM   1194 C  CB  . LEU A 1 148 ? -5.293  8.183   -6.571  1.00 19.07 ? 158 LEU A CB  1 
ATOM   1195 C  CG  . LEU A 1 148 ? -5.759  7.760   -5.172  1.00 22.34 ? 158 LEU A CG  1 
ATOM   1196 C  CD1 . LEU A 1 148 ? -4.562  7.167   -4.397  1.00 20.32 ? 158 LEU A CD1 1 
ATOM   1197 C  CD2 . LEU A 1 148 ? -6.369  8.953   -4.436  1.00 22.06 ? 158 LEU A CD2 1 
ATOM   1198 N  N   . ASN A 1 149 ? -6.952  6.107   -8.082  1.00 21.62 ? 159 ASN A N   1 
ATOM   1199 C  CA  . ASN A 1 149 ? -8.016  5.091   -8.102  1.00 22.34 ? 159 ASN A CA  1 
ATOM   1200 C  C   . ASN A 1 149 ? -7.623  3.769   -8.744  1.00 21.42 ? 159 ASN A C   1 
ATOM   1201 O  O   . ASN A 1 149 ? -7.977  2.707   -8.232  1.00 20.66 ? 159 ASN A O   1 
ATOM   1202 C  CB  . ASN A 1 149 ? -9.275  5.620   -8.802  1.00 21.86 ? 159 ASN A CB  1 
ATOM   1203 C  CG  . ASN A 1 149 ? -9.955  6.738   -8.020  1.00 27.17 ? 159 ASN A CG  1 
ATOM   1204 O  OD1 . ASN A 1 149 ? -9.946  6.739   -6.794  1.00 27.05 ? 159 ASN A OD1 1 
ATOM   1205 N  ND2 . ASN A 1 149 ? -10.571 7.677   -8.731  1.00 25.52 ? 159 ASN A ND2 1 
ATOM   1206 N  N   . THR A 1 150 ? -6.911  3.831   -9.871  1.00 21.93 ? 160 THR A N   1 
ATOM   1207 C  CA  . THR A 1 150 ? -6.478  2.616   -10.581 1.00 18.78 ? 160 THR A CA  1 
ATOM   1208 C  C   . THR A 1 150 ? -5.442  1.866   -9.748  1.00 19.75 ? 160 THR A C   1 
ATOM   1209 O  O   . THR A 1 150 ? -5.486  0.635   -9.663  1.00 21.14 ? 160 THR A O   1 
ATOM   1210 C  CB  . THR A 1 150 ? -5.851  2.956   -11.959 1.00 19.87 ? 160 THR A CB  1 
ATOM   1211 O  OG1 . THR A 1 150 ? -6.849  3.584   -12.779 1.00 23.04 ? 160 THR A OG1 1 
ATOM   1212 C  CG2 . THR A 1 150 ? -5.332  1.673   -12.665 1.00 15.97 ? 160 THR A CG2 1 
ATOM   1213 N  N   . SER A 1 151 ? -4.510  2.609   -9.143  1.00 17.76 ? 161 SER A N   1 
ATOM   1214 C  CA  . SER A 1 151 ? -3.486  1.982   -8.302  1.00 20.80 ? 161 SER A CA  1 
ATOM   1215 C  C   . SER A 1 151 ? -4.156  1.288   -7.115  1.00 19.28 ? 161 SER A C   1 
ATOM   1216 O  O   . SER A 1 151 ? -3.836  0.151   -6.784  1.00 20.67 ? 161 SER A O   1 
ATOM   1217 C  CB  . SER A 1 151 ? -2.504  3.020   -7.756  1.00 18.31 ? 161 SER A CB  1 
ATOM   1218 O  OG  . SER A 1 151 ? -1.520  2.396   -6.936  1.00 22.16 ? 161 SER A OG  1 
ATOM   1219 N  N   . PHE A 1 152 ? -5.072  1.998   -6.466  1.00 19.80 ? 162 PHE A N   1 
ATOM   1220 C  CA  . PHE A 1 152 ? -5.771  1.439   -5.317  1.00 20.76 ? 162 PHE A CA  1 
ATOM   1221 C  C   . PHE A 1 152 ? -6.582  0.206   -5.727  1.00 19.21 ? 162 PHE A C   1 
ATOM   1222 O  O   . PHE A 1 152 ? -6.594  -0.799  -5.033  1.00 20.73 ? 162 PHE A O   1 
ATOM   1223 C  CB  . PHE A 1 152 ? -6.706  2.481   -4.692  1.00 22.10 ? 162 PHE A CB  1 
ATOM   1224 C  CG  . PHE A 1 152 ? -7.406  1.988   -3.449  1.00 23.34 ? 162 PHE A CG  1 
ATOM   1225 C  CD1 . PHE A 1 152 ? -6.674  1.664   -2.307  1.00 21.08 ? 162 PHE A CD1 1 
ATOM   1226 C  CD2 . PHE A 1 152 ? -8.786  1.822   -3.431  1.00 21.47 ? 162 PHE A CD2 1 
ATOM   1227 C  CE1 . PHE A 1 152 ? -7.319  1.174   -1.148  1.00 22.42 ? 162 PHE A CE1 1 
ATOM   1228 C  CE2 . PHE A 1 152 ? -9.443  1.333   -2.285  1.00 22.93 ? 162 PHE A CE2 1 
ATOM   1229 C  CZ  . PHE A 1 152 ? -8.703  1.011   -1.142  1.00 19.13 ? 162 PHE A CZ  1 
ATOM   1230 N  N   . LYS A 1 153 ? -7.273  0.291   -6.856  1.00 20.30 ? 163 LYS A N   1 
ATOM   1231 C  CA  . LYS A 1 153 ? -8.063  -0.846  -7.325  1.00 18.89 ? 163 LYS A CA  1 
ATOM   1232 C  C   . LYS A 1 153 ? -7.143  -2.047  -7.586  1.00 19.87 ? 163 LYS A C   1 
ATOM   1233 O  O   . LYS A 1 153 ? -7.456  -3.171  -7.216  1.00 19.93 ? 163 LYS A O   1 
ATOM   1234 C  CB  . LYS A 1 153 ? -8.801  -0.455  -8.606  1.00 19.22 ? 163 LYS A CB  1 
ATOM   1235 C  CG  . LYS A 1 153 ? -9.593  -1.571  -9.255  1.00 25.32 ? 163 LYS A CG  1 
ATOM   1236 C  CD  . LYS A 1 153 ? -10.430 -0.982  -10.400 1.00 25.05 ? 163 LYS A CD  1 
ATOM   1237 C  CE  . LYS A 1 153 ? -11.315 -2.019  -11.042 1.00 34.10 ? 163 LYS A CE  1 
ATOM   1238 N  NZ  . LYS A 1 153 ? -12.151 -1.418  -12.126 1.00 41.84 ? 163 LYS A NZ  1 
ATOM   1239 N  N   . HIS A 1 154 ? -6.012  -1.794  -8.241  1.00 18.55 ? 164 HIS A N   1 
ATOM   1240 C  CA  . HIS A 1 154 ? -5.033  -2.839  -8.544  1.00 22.26 ? 164 HIS A CA  1 
ATOM   1241 C  C   . HIS A 1 154 ? -4.577  -3.495  -7.217  1.00 18.84 ? 164 HIS A C   1 
ATOM   1242 O  O   . HIS A 1 154 ? -4.565  -4.721  -7.074  1.00 19.94 ? 164 HIS A O   1 
ATOM   1243 C  CB  . HIS A 1 154 ? -3.828  -2.200  -9.279  1.00 20.82 ? 164 HIS A CB  1 
ATOM   1244 C  CG  . HIS A 1 154 ? -2.835  -3.190  -9.807  1.00 20.72 ? 164 HIS A CG  1 
ATOM   1245 N  ND1 . HIS A 1 154 ? -1.667  -2.809  -10.436 1.00 20.28 ? 164 HIS A ND1 1 
ATOM   1246 C  CD2 . HIS A 1 154 ? -2.841  -4.544  -9.817  1.00 21.31 ? 164 HIS A CD2 1 
ATOM   1247 C  CE1 . HIS A 1 154 ? -0.999  -3.886  -10.812 1.00 23.86 ? 164 HIS A CE1 1 
ATOM   1248 N  NE2 . HIS A 1 154 ? -1.688  -4.952  -10.448 1.00 22.30 ? 164 HIS A NE2 1 
ATOM   1249 N  N   . PHE A 1 155 ? -4.234  -2.652  -6.248  1.00 20.46 ? 165 PHE A N   1 
ATOM   1250 C  CA  . PHE A 1 155 ? -3.760  -3.092  -4.932  1.00 19.66 ? 165 PHE A CA  1 
ATOM   1251 C  C   . PHE A 1 155 ? -4.794  -3.967  -4.230  1.00 21.96 ? 165 PHE A C   1 
ATOM   1252 O  O   . PHE A 1 155 ? -4.473  -5.052  -3.719  1.00 19.71 ? 165 PHE A O   1 
ATOM   1253 C  CB  . PHE A 1 155 ? -3.447  -1.865  -4.069  1.00 20.11 ? 165 PHE A CB  1 
ATOM   1254 C  CG  . PHE A 1 155 ? -3.041  -2.191  -2.651  1.00 22.13 ? 165 PHE A CG  1 
ATOM   1255 C  CD1 . PHE A 1 155 ? -1.728  -2.525  -2.342  1.00 23.68 ? 165 PHE A CD1 1 
ATOM   1256 C  CD2 . PHE A 1 155 ? -3.978  -2.127  -1.615  1.00 24.14 ? 165 PHE A CD2 1 
ATOM   1257 C  CE1 . PHE A 1 155 ? -1.346  -2.783  -1.013  1.00 22.99 ? 165 PHE A CE1 1 
ATOM   1258 C  CE2 . PHE A 1 155 ? -3.613  -2.381  -0.292  1.00 20.64 ? 165 PHE A CE2 1 
ATOM   1259 C  CZ  . PHE A 1 155 ? -2.291  -2.709  0.011   1.00 24.85 ? 165 PHE A CZ  1 
ATOM   1260 N  N   . ILE A 1 156 ? -6.035  -3.493  -4.204  1.00 18.42 ? 166 ILE A N   1 
ATOM   1261 C  CA  . ILE A 1 156 ? -7.101  -4.244  -3.554  1.00 18.88 ? 166 ILE A CA  1 
ATOM   1262 C  C   . ILE A 1 156 ? -7.396  -5.567  -4.286  1.00 22.06 ? 166 ILE A C   1 
ATOM   1263 O  O   . ILE A 1 156 ? -7.602  -6.608  -3.650  1.00 21.46 ? 166 ILE A O   1 
ATOM   1264 C  CB  . ILE A 1 156 ? -8.382  -3.375  -3.438  1.00 23.00 ? 166 ILE A CB  1 
ATOM   1265 C  CG1 . ILE A 1 156 ? -8.130  -2.216  -2.466  1.00 24.82 ? 166 ILE A CG1 1 
ATOM   1266 C  CG2 . ILE A 1 156 ? -9.564  -4.219  -2.981  1.00 19.95 ? 166 ILE A CG2 1 
ATOM   1267 C  CD1 . ILE A 1 156 ? -7.877  -2.643  -1.014  1.00 24.84 ? 166 ILE A CD1 1 
ATOM   1268 N  N   . PHE A 1 157 ? -7.412  -5.556  -5.616  1.00 18.13 ? 167 PHE A N   1 
ATOM   1269 C  CA  . PHE A 1 157 ? -7.669  -6.818  -6.323  1.00 18.22 ? 167 PHE A CA  1 
ATOM   1270 C  C   . PHE A 1 157 ? -6.568  -7.833  -5.989  1.00 18.59 ? 167 PHE A C   1 
ATOM   1271 O  O   . PHE A 1 157 ? -6.821  -9.033  -5.833  1.00 20.10 ? 167 PHE A O   1 
ATOM   1272 C  CB  . PHE A 1 157 ? -7.720  -6.591  -7.832  1.00 22.27 ? 167 PHE A CB  1 
ATOM   1273 C  CG  . PHE A 1 157 ? -8.999  -5.945  -8.305  1.00 25.88 ? 167 PHE A CG  1 
ATOM   1274 C  CD1 . PHE A 1 157 ? -9.990  -5.576  -7.393  1.00 29.29 ? 167 PHE A CD1 1 
ATOM   1275 C  CD2 . PHE A 1 157 ? -9.210  -5.705  -9.657  1.00 28.92 ? 167 PHE A CD2 1 
ATOM   1276 C  CE1 . PHE A 1 157 ? -11.173 -4.977  -7.825  1.00 31.72 ? 167 PHE A CE1 1 
ATOM   1277 C  CE2 . PHE A 1 157 ? -10.396 -5.103  -10.102 1.00 30.31 ? 167 PHE A CE2 1 
ATOM   1278 C  CZ  . PHE A 1 157 ? -11.373 -4.741  -9.181  1.00 28.84 ? 167 PHE A CZ  1 
ATOM   1279 N  N   . PHE A 1 158 ? -5.347  -7.337  -5.880  1.00 18.87 ? 168 PHE A N   1 
ATOM   1280 C  CA  . PHE A 1 158 ? -4.208  -8.177  -5.551  1.00 20.73 ? 168 PHE A CA  1 
ATOM   1281 C  C   . PHE A 1 158 ? -4.365  -8.763  -4.146  1.00 22.28 ? 168 PHE A C   1 
ATOM   1282 O  O   . PHE A 1 158 ? -4.277  -9.980  -3.969  1.00 23.30 ? 168 PHE A O   1 
ATOM   1283 C  CB  . PHE A 1 158 ? -2.910  -7.359  -5.637  1.00 19.81 ? 168 PHE A CB  1 
ATOM   1284 C  CG  . PHE A 1 158 ? -1.704  -8.085  -5.119  1.00 23.14 ? 168 PHE A CG  1 
ATOM   1285 C  CD1 . PHE A 1 158 ? -1.253  -9.242  -5.735  1.00 21.26 ? 168 PHE A CD1 1 
ATOM   1286 C  CD2 . PHE A 1 158 ? -1.047  -7.634  -3.985  1.00 25.63 ? 168 PHE A CD2 1 
ATOM   1287 C  CE1 . PHE A 1 158 ? -0.164  -9.947  -5.222  1.00 25.57 ? 168 PHE A CE1 1 
ATOM   1288 C  CE2 . PHE A 1 158 ? 0.046   -8.334  -3.466  1.00 26.63 ? 168 PHE A CE2 1 
ATOM   1289 C  CZ  . PHE A 1 158 ? 0.478   -9.488  -4.088  1.00 23.25 ? 168 PHE A CZ  1 
ATOM   1290 N  N   . VAL A 1 159 ? -4.607  -7.924  -3.141  1.00 19.86 ? 169 VAL A N   1 
ATOM   1291 C  CA  . VAL A 1 159 ? -4.750  -8.483  -1.802  1.00 22.84 ? 169 VAL A CA  1 
ATOM   1292 C  C   . VAL A 1 159 ? -5.974  -9.388  -1.669  1.00 23.30 ? 169 VAL A C   1 
ATOM   1293 O  O   . VAL A 1 159 ? -5.921  -10.388 -0.948  1.00 22.73 ? 169 VAL A O   1 
ATOM   1294 C  CB  . VAL A 1 159 ? -4.744  -7.388  -0.693  1.00 24.04 ? 169 VAL A CB  1 
ATOM   1295 C  CG1 . VAL A 1 159 ? -3.418  -6.628  -0.744  1.00 22.66 ? 169 VAL A CG1 1 
ATOM   1296 C  CG2 . VAL A 1 159 ? -5.911  -6.459  -0.852  1.00 31.80 ? 169 VAL A CG2 1 
ATOM   1297 N  N   . GLN A 1 160 ? -7.061  -9.074  -2.367  1.00 24.12 ? 170 GLN A N   1 
ATOM   1298 C  CA  . GLN A 1 160 ? -8.254  -9.934  -2.303  1.00 25.33 ? 170 GLN A CA  1 
ATOM   1299 C  C   . GLN A 1 160 ? -7.966  -11.285 -2.971  1.00 27.13 ? 170 GLN A C   1 
ATOM   1300 O  O   . GLN A 1 160 ? -8.440  -12.335 -2.523  1.00 26.63 ? 170 GLN A O   1 
ATOM   1301 C  CB  . GLN A 1 160 ? -9.453  -9.302  -3.029  1.00 28.59 ? 170 GLN A CB  1 
ATOM   1302 C  CG  . GLN A 1 160 ? -10.002 -8.011  -2.422  1.00 29.34 ? 170 GLN A CG  1 
ATOM   1303 C  CD  . GLN A 1 160 ? -11.192 -7.462  -3.208  1.00 30.44 ? 170 GLN A CD  1 
ATOM   1304 O  OE1 . GLN A 1 160 ? -11.207 -7.492  -4.438  1.00 31.89 ? 170 GLN A OE1 1 
ATOM   1305 N  NE2 . GLN A 1 160 ? -12.184 -6.943  -2.498  1.00 31.31 ? 170 GLN A NE2 1 
ATOM   1306 N  N   . GLU A 1 161 ? -7.195  -11.254 -4.052  1.00 22.76 ? 171 GLU A N   1 
ATOM   1307 C  CA  . GLU A 1 161 ? -6.876  -12.472 -4.790  1.00 24.99 ? 171 GLU A CA  1 
ATOM   1308 C  C   . GLU A 1 161 ? -6.163  -13.489 -3.910  1.00 23.07 ? 171 GLU A C   1 
ATOM   1309 O  O   . GLU A 1 161 ? -6.375  -14.692 -4.042  1.00 22.54 ? 171 GLU A O   1 
ATOM   1310 C  CB  . GLU A 1 161 ? -5.993  -12.131 -6.000  1.00 27.71 ? 171 GLU A CB  1 
ATOM   1311 C  CG  . GLU A 1 161 ? -5.549  -13.325 -6.856  1.00 28.42 ? 171 GLU A CG  1 
ATOM   1312 C  CD  . GLU A 1 161 ? -6.670  -13.906 -7.706  1.00 31.83 ? 171 GLU A CD  1 
ATOM   1313 O  OE1 . GLU A 1 161 ? -7.648  -13.184 -7.999  1.00 31.99 ? 171 GLU A OE1 1 
ATOM   1314 O  OE2 . GLU A 1 161 ? -6.560  -15.087 -8.098  1.00 34.91 ? 171 GLU A OE2 1 
ATOM   1315 N  N   . PHE A 1 162 ? -5.322  -13.009 -3.004  1.00 20.20 ? 172 PHE A N   1 
ATOM   1316 C  CA  . PHE A 1 162 ? -4.564  -13.922 -2.154  1.00 25.85 ? 172 PHE A CA  1 
ATOM   1317 C  C   . PHE A 1 162 ? -4.845  -13.768 -0.660  1.00 26.55 ? 172 PHE A C   1 
ATOM   1318 O  O   . PHE A 1 162 ? -4.091  -14.284 0.164   1.00 27.76 ? 172 PHE A O   1 
ATOM   1319 C  CB  . PHE A 1 162 ? -3.060  -13.744 -2.447  1.00 24.35 ? 172 PHE A CB  1 
ATOM   1320 C  CG  . PHE A 1 162 ? -2.706  -13.940 -3.903  1.00 25.12 ? 172 PHE A CG  1 
ATOM   1321 C  CD1 . PHE A 1 162 ? -2.783  -15.203 -4.488  1.00 26.23 ? 172 PHE A CD1 1 
ATOM   1322 C  CD2 . PHE A 1 162 ? -2.344  -12.851 -4.700  1.00 24.24 ? 172 PHE A CD2 1 
ATOM   1323 C  CE1 . PHE A 1 162 ? -2.508  -15.382 -5.848  1.00 25.25 ? 172 PHE A CE1 1 
ATOM   1324 C  CE2 . PHE A 1 162 ? -2.068  -13.016 -6.051  1.00 21.87 ? 172 PHE A CE2 1 
ATOM   1325 C  CZ  . PHE A 1 162 ? -2.152  -14.284 -6.630  1.00 29.16 ? 172 PHE A CZ  1 
ATOM   1326 N  N   . ASN A 1 163 ? -5.929  -13.067 -0.330  1.00 26.96 ? 173 ASN A N   1 
ATOM   1327 C  CA  . ASN A 1 163 ? -6.345  -12.818 1.063   1.00 29.43 ? 173 ASN A CA  1 
ATOM   1328 C  C   . ASN A 1 163 ? -5.162  -12.377 1.922   1.00 27.58 ? 173 ASN A C   1 
ATOM   1329 O  O   . ASN A 1 163 ? -4.876  -12.975 2.960   1.00 26.97 ? 173 ASN A O   1 
ATOM   1330 C  CB  . ASN A 1 163 ? -6.978  -14.084 1.662   1.00 31.17 ? 173 ASN A CB  1 
ATOM   1331 C  CG  . ASN A 1 163 ? -7.525  -13.857 3.073   1.00 40.29 ? 173 ASN A CG  1 
ATOM   1332 O  OD1 . ASN A 1 163 ? -8.145  -12.827 3.358   1.00 43.41 ? 173 ASN A OD1 1 
ATOM   1333 N  ND2 . ASN A 1 163 ? -7.304  -14.826 3.956   1.00 41.86 ? 173 ASN A ND2 1 
ATOM   1334 N  N   . LEU A 1 164 ? -4.511  -11.295 1.512   1.00 26.79 ? 174 LEU A N   1 
ATOM   1335 C  CA  . LEU A 1 164 ? -3.314  -10.802 2.194   1.00 23.88 ? 174 LEU A CA  1 
ATOM   1336 C  C   . LEU A 1 164 ? -3.494  -9.788  3.323   1.00 26.99 ? 174 LEU A C   1 
ATOM   1337 O  O   . LEU A 1 164 ? -2.526  -9.451  4.013   1.00 25.77 ? 174 LEU A O   1 
ATOM   1338 C  CB  . LEU A 1 164 ? -2.348  -10.241 1.135   1.00 25.48 ? 174 LEU A CB  1 
ATOM   1339 C  CG  . LEU A 1 164 ? -2.040  -11.242 0.008   1.00 25.63 ? 174 LEU A CG  1 
ATOM   1340 C  CD1 . LEU A 1 164 ? -1.247  -10.551 -1.112  1.00 23.82 ? 174 LEU A CD1 1 
ATOM   1341 C  CD2 . LEU A 1 164 ? -1.259  -12.437 0.571   1.00 27.73 ? 174 LEU A CD2 1 
ATOM   1342 N  N   . ILE A 1 165 ? -4.712  -9.280  3.499   1.00 23.99 ? 175 ILE A N   1 
ATOM   1343 C  CA  . ILE A 1 165 ? -4.984  -8.320  4.570   1.00 26.36 ? 175 ILE A CA  1 
ATOM   1344 C  C   . ILE A 1 165 ? -6.370  -8.644  5.117   1.00 31.92 ? 175 ILE A C   1 
ATOM   1345 O  O   . ILE A 1 165 ? -7.292  -8.882  4.339   1.00 30.32 ? 175 ILE A O   1 
ATOM   1346 C  CB  . ILE A 1 165 ? -5.019  -6.862  4.060   1.00 22.45 ? 175 ILE A CB  1 
ATOM   1347 C  CG1 . ILE A 1 165 ? -3.677  -6.493  3.413   1.00 26.51 ? 175 ILE A CG1 1 
ATOM   1348 C  CG2 . ILE A 1 165 ? -5.345  -5.909  5.233   1.00 22.79 ? 175 ILE A CG2 1 
ATOM   1349 C  CD1 . ILE A 1 165 ? -3.591  -5.029  2.925   1.00 23.17 ? 175 ILE A CD1 1 
ATOM   1350 N  N   . ASP A 1 166 ? -6.537  -8.643  6.436   1.00 35.07 ? 176 ASP A N   1 
ATOM   1351 C  CA  . ASP A 1 166 ? -7.860  -8.956  6.970   1.00 39.63 ? 176 ASP A CA  1 
ATOM   1352 C  C   . ASP A 1 166 ? -8.803  -7.755  6.854   1.00 36.87 ? 176 ASP A C   1 
ATOM   1353 O  O   . ASP A 1 166 ? -8.383  -6.596  6.954   1.00 32.25 ? 176 ASP A O   1 
ATOM   1354 C  CB  . ASP A 1 166 ? -7.765  -9.451  8.416   1.00 47.11 ? 176 ASP A CB  1 
ATOM   1355 C  CG  . ASP A 1 166 ? -7.559  -8.339  9.398   1.00 53.11 ? 176 ASP A CG  1 
ATOM   1356 O  OD1 . ASP A 1 166 ? -6.628  -7.534  9.194   1.00 58.31 ? 176 ASP A OD1 1 
ATOM   1357 O  OD2 . ASP A 1 166 ? -8.330  -8.277  10.380  1.00 59.39 ? 176 ASP A OD2 1 
ATOM   1358 N  N   . ARG A 1 167 ? -10.076 -8.053  6.624   1.00 36.28 ? 177 ARG A N   1 
ATOM   1359 C  CA  . ARG A 1 167 ? -11.107 -7.034  6.447   1.00 36.45 ? 177 ARG A CA  1 
ATOM   1360 C  C   . ARG A 1 167 ? -11.029 -5.861  7.418   1.00 35.01 ? 177 ARG A C   1 
ATOM   1361 O  O   . ARG A 1 167 ? -11.115 -4.707  7.009   1.00 31.00 ? 177 ARG A O   1 
ATOM   1362 C  CB  . ARG A 1 167 ? -12.487 -7.688  6.524   1.00 37.11 ? 177 ARG A CB  1 
ATOM   1363 C  CG  . ARG A 1 167 ? -13.642 -6.774  6.171   1.00 40.89 ? 177 ARG A CG  1 
ATOM   1364 C  CD  . ARG A 1 167 ? -14.962 -7.546  6.121   1.00 44.58 ? 177 ARG A CD  1 
ATOM   1365 N  NE  . ARG A 1 167 ? -15.582 -7.469  4.800   1.00 45.40 ? 177 ARG A NE  1 
ATOM   1366 C  CZ  . ARG A 1 167 ? -15.549 -8.437  3.891   1.00 42.13 ? 177 ARG A CZ  1 
ATOM   1367 N  NH1 . ARG A 1 167 ? -14.930 -9.586  4.144   1.00 39.34 ? 177 ARG A NH1 1 
ATOM   1368 N  NH2 . ARG A 1 167 ? -16.124 -8.243  2.712   1.00 45.39 ? 177 ARG A NH2 1 
ATOM   1369 N  N   . ARG A 1 168 ? -10.846 -6.154  8.700   1.00 33.75 ? 178 ARG A N   1 
ATOM   1370 C  CA  . ARG A 1 168 ? -10.782 -5.110  9.720   1.00 35.01 ? 178 ARG A CA  1 
ATOM   1371 C  C   . ARG A 1 168 ? -9.727  -4.019  9.490   1.00 34.48 ? 178 ARG A C   1 
ATOM   1372 O  O   . ARG A 1 168 ? -9.967  -2.850  9.790   1.00 33.20 ? 178 ARG A O   1 
ATOM   1373 C  CB  . ARG A 1 168 ? -10.566 -5.752  11.089  1.00 39.32 ? 178 ARG A CB  1 
ATOM   1374 C  CG  . ARG A 1 168 ? -10.708 -4.794  12.230  1.00 45.48 ? 178 ARG A CG  1 
ATOM   1375 C  CD  . ARG A 1 168 ? -12.169 -4.469  12.526  1.00 47.68 ? 178 ARG A CD  1 
ATOM   1376 N  NE  . ARG A 1 168 ? -12.265 -3.326  13.432  1.00 49.49 ? 178 ARG A NE  1 
ATOM   1377 C  CZ  . ARG A 1 168 ? -12.639 -2.107  13.057  1.00 51.36 ? 178 ARG A CZ  1 
ATOM   1378 N  NH1 . ARG A 1 168 ? -12.970 -1.877  11.796  1.00 50.62 ? 178 ARG A NH1 1 
ATOM   1379 N  NH2 . ARG A 1 168 ? -12.646 -1.111  13.934  1.00 49.31 ? 178 ARG A NH2 1 
ATOM   1380 N  N   . GLU A 1 169 ? -8.556  -4.388  8.978   1.00 31.33 ? 179 GLU A N   1 
ATOM   1381 C  CA  . GLU A 1 169 ? -7.498  -3.407  8.714   1.00 32.92 ? 179 GLU A CA  1 
ATOM   1382 C  C   . GLU A 1 169 ? -7.927  -2.409  7.636   1.00 30.57 ? 179 GLU A C   1 
ATOM   1383 O  O   . GLU A 1 169 ? -7.477  -1.264  7.619   1.00 31.90 ? 179 GLU A O   1 
ATOM   1384 C  CB  . GLU A 1 169 ? -6.225  -4.105  8.218   1.00 38.77 ? 179 GLU A CB  1 
ATOM   1385 C  CG  . GLU A 1 169 ? -5.451  -4.897  9.251   1.00 43.90 ? 179 GLU A CG  1 
ATOM   1386 C  CD  . GLU A 1 169 ? -4.688  -4.007  10.211  1.00 48.77 ? 179 GLU A CD  1 
ATOM   1387 O  OE1 . GLU A 1 169 ? -4.085  -2.997  9.759   1.00 40.56 ? 179 GLU A OE1 1 
ATOM   1388 O  OE2 . GLU A 1 169 ? -4.682  -4.329  11.419  1.00 53.94 ? 179 GLU A OE2 1 
ATOM   1389 N  N   . LEU A 1 170 ? -8.816  -2.844  6.752   1.00 25.34 ? 180 LEU A N   1 
ATOM   1390 C  CA  . LEU A 1 170 ? -9.264  -2.017  5.630   1.00 24.61 ? 180 LEU A CA  1 
ATOM   1391 C  C   . LEU A 1 170 ? -10.410 -1.043  5.931   1.00 28.16 ? 180 LEU A C   1 
ATOM   1392 O  O   . LEU A 1 170 ? -10.831 -0.272  5.060   1.00 25.70 ? 180 LEU A O   1 
ATOM   1393 C  CB  . LEU A 1 170 ? -9.661  -2.947  4.474   1.00 25.08 ? 180 LEU A CB  1 
ATOM   1394 C  CG  . LEU A 1 170 ? -8.581  -3.966  4.074   1.00 23.06 ? 180 LEU A CG  1 
ATOM   1395 C  CD1 . LEU A 1 170 ? -9.142  -4.941  3.037   1.00 27.94 ? 180 LEU A CD1 1 
ATOM   1396 C  CD2 . LEU A 1 170 ? -7.364  -3.245  3.518   1.00 25.42 ? 180 LEU A CD2 1 
ATOM   1397 N  N   . ALA A 1 171 ? -10.882 -1.060  7.172   1.00 24.91 ? 181 ALA A N   1 
ATOM   1398 C  CA  . ALA A 1 171 ? -11.991 -0.228  7.607   1.00 22.42 ? 181 ALA A CA  1 
ATOM   1399 C  C   . ALA A 1 171 ? -12.118 1.183   6.999   1.00 24.12 ? 181 ALA A C   1 
ATOM   1400 O  O   . ALA A 1 171 ? -13.157 1.518   6.426   1.00 24.45 ? 181 ALA A O   1 
ATOM   1401 C  CB  . ALA A 1 171 ? -11.988 -0.135  9.167   1.00 27.48 ? 181 ALA A CB  1 
ATOM   1402 N  N   . PRO A 1 172 ? -11.068 2.019   7.096   1.00 25.49 ? 182 PRO A N   1 
ATOM   1403 C  CA  . PRO A 1 172 ? -11.178 3.373   6.536   1.00 26.49 ? 182 PRO A CA  1 
ATOM   1404 C  C   . PRO A 1 172 ? -11.507 3.534   5.051   1.00 26.59 ? 182 PRO A C   1 
ATOM   1405 O  O   . PRO A 1 172 ? -11.891 4.625   4.625   1.00 26.49 ? 182 PRO A O   1 
ATOM   1406 C  CB  . PRO A 1 172 ? -9.846  4.026   6.919   1.00 27.27 ? 182 PRO A CB  1 
ATOM   1407 C  CG  . PRO A 1 172 ? -8.907  2.869   7.069   1.00 31.27 ? 182 PRO A CG  1 
ATOM   1408 C  CD  . PRO A 1 172 ? -9.735  1.784   7.679   1.00 25.94 ? 182 PRO A CD  1 
ATOM   1409 N  N   . LEU A 1 173 ? -11.354 2.475   4.256   1.00 22.32 ? 183 LEU A N   1 
ATOM   1410 C  CA  . LEU A 1 173 ? -11.675 2.565   2.832   1.00 24.38 ? 183 LEU A CA  1 
ATOM   1411 C  C   . LEU A 1 173 ? -12.596 1.431   2.411   1.00 23.81 ? 183 LEU A C   1 
ATOM   1412 O  O   . LEU A 1 173 ? -12.689 1.105   1.230   1.00 24.20 ? 183 LEU A O   1 
ATOM   1413 C  CB  . LEU A 1 173 ? -10.398 2.537   1.978   1.00 23.75 ? 183 LEU A CB  1 
ATOM   1414 C  CG  . LEU A 1 173 ? -9.444  3.720   2.139   1.00 23.08 ? 183 LEU A CG  1 
ATOM   1415 C  CD1 . LEU A 1 173 ? -8.224  3.513   1.261   1.00 22.73 ? 183 LEU A CD1 1 
ATOM   1416 C  CD2 . LEU A 1 173 ? -10.159 5.016   1.765   1.00 24.91 ? 183 LEU A CD2 1 
ATOM   1417 N  N   . GLN A 1 174 ? -13.291 0.837   3.378   1.00 24.77 ? 184 GLN A N   1 
ATOM   1418 C  CA  . GLN A 1 174 ? -14.185 -0.274  3.083   1.00 26.70 ? 184 GLN A CA  1 
ATOM   1419 C  C   . GLN A 1 174 ? -15.310 0.048   2.119   1.00 24.75 ? 184 GLN A C   1 
ATOM   1420 O  O   . GLN A 1 174 ? -15.650 -0.781  1.278   1.00 23.71 ? 184 GLN A O   1 
ATOM   1421 C  CB  . GLN A 1 174 ? -14.778 -0.853  4.374   1.00 28.53 ? 184 GLN A CB  1 
ATOM   1422 C  CG  . GLN A 1 174 ? -13.900 -1.909  5.002   1.00 36.51 ? 184 GLN A CG  1 
ATOM   1423 C  CD  . GLN A 1 174 ? -14.346 -2.319  6.394   1.00 42.31 ? 184 GLN A CD  1 
ATOM   1424 O  OE1 . GLN A 1 174 ? -13.740 -3.206  7.000   1.00 41.27 ? 184 GLN A OE1 1 
ATOM   1425 N  NE2 . GLN A 1 174 ? -15.403 -1.674  6.912   1.00 38.71 ? 184 GLN A NE2 1 
ATOM   1426 N  N   . GLU A 1 175 ? -15.900 1.231   2.245   1.00 24.18 ? 185 GLU A N   1 
ATOM   1427 C  CA  . GLU A 1 175 ? -17.000 1.625   1.355   1.00 25.48 ? 185 GLU A CA  1 
ATOM   1428 C  C   . GLU A 1 175 ? -16.476 1.700   -0.076  1.00 25.64 ? 185 GLU A C   1 
ATOM   1429 O  O   . GLU A 1 175 ? -17.098 1.193   -1.012  1.00 26.76 ? 185 GLU A O   1 
ATOM   1430 C  CB  . GLU A 1 175 ? -17.557 2.993   1.755   1.00 28.12 ? 185 GLU A CB  1 
ATOM   1431 C  CG  . GLU A 1 175 ? -18.792 3.417   0.973   1.00 35.65 ? 185 GLU A CG  1 
ATOM   1432 C  CD  . GLU A 1 175 ? -19.090 4.905   1.108   1.00 44.39 ? 185 GLU A CD  1 
ATOM   1433 O  OE1 . GLU A 1 175 ? -19.065 5.423   2.240   1.00 41.26 ? 185 GLU A OE1 1 
ATOM   1434 O  OE2 . GLU A 1 175 ? -19.347 5.561   0.074   1.00 53.12 ? 185 GLU A OE2 1 
ATOM   1435 N  N   . LEU A 1 176 ? -15.326 2.341   -0.238  1.00 25.29 ? 186 LEU A N   1 
ATOM   1436 C  CA  . LEU A 1 176 ? -14.706 2.472   -1.558  1.00 26.03 ? 186 LEU A CA  1 
ATOM   1437 C  C   . LEU A 1 176 ? -14.394 1.085   -2.105  1.00 26.58 ? 186 LEU A C   1 
ATOM   1438 O  O   . LEU A 1 176 ? -14.680 0.788   -3.261  1.00 28.04 ? 186 LEU A O   1 
ATOM   1439 C  CB  . LEU A 1 176 ? -13.417 3.285   -1.464  1.00 26.81 ? 186 LEU A CB  1 
ATOM   1440 C  CG  . LEU A 1 176 ? -12.602 3.446   -2.744  1.00 29.71 ? 186 LEU A CG  1 
ATOM   1441 C  CD1 . LEU A 1 176 ? -13.485 3.992   -3.869  1.00 28.96 ? 186 LEU A CD1 1 
ATOM   1442 C  CD2 . LEU A 1 176 ? -11.432 4.394   -2.466  1.00 28.61 ? 186 LEU A CD2 1 
ATOM   1443 N  N   . ILE A 1 177 ? -13.815 0.232   -1.264  1.00 25.28 ? 187 ILE A N   1 
ATOM   1444 C  CA  . ILE A 1 177 ? -13.477 -1.126  -1.676  1.00 25.14 ? 187 ILE A CA  1 
ATOM   1445 C  C   . ILE A 1 177 ? -14.710 -1.882  -2.165  1.00 31.32 ? 187 ILE A C   1 
ATOM   1446 O  O   . ILE A 1 177 ? -14.644 -2.604  -3.160  1.00 24.93 ? 187 ILE A O   1 
ATOM   1447 C  CB  . ILE A 1 177 ? -12.827 -1.919  -0.510  1.00 25.62 ? 187 ILE A CB  1 
ATOM   1448 C  CG1 . ILE A 1 177 ? -11.410 -1.384  -0.259  1.00 20.94 ? 187 ILE A CG1 1 
ATOM   1449 C  CG2 . ILE A 1 177 ? -12.822 -3.415  -0.827  1.00 23.66 ? 187 ILE A CG2 1 
ATOM   1450 C  CD1 . ILE A 1 177 ? -10.718 -2.010  0.941   1.00 26.39 ? 187 ILE A CD1 1 
ATOM   1451 N  N   . GLU A 1 178 ? -15.837 -1.719  -1.474  1.00 32.21 ? 188 GLU A N   1 
ATOM   1452 C  CA  . GLU A 1 178 ? -17.054 -2.414  -1.882  1.00 36.26 ? 188 GLU A CA  1 
ATOM   1453 C  C   . GLU A 1 178 ? -17.564 -1.913  -3.239  1.00 35.75 ? 188 GLU A C   1 
ATOM   1454 O  O   . GLU A 1 178 ? -18.263 -2.637  -3.948  1.00 39.76 ? 188 GLU A O   1 
ATOM   1455 C  CB  . GLU A 1 178 ? -18.146 -2.269  -0.811  1.00 37.06 ? 188 GLU A CB  1 
ATOM   1456 C  CG  . GLU A 1 178 ? -17.879 -3.039  0.495   1.00 38.64 ? 188 GLU A CG  1 
ATOM   1457 C  CD  . GLU A 1 178 ? -17.652 -4.541  0.285   1.00 45.37 ? 188 GLU A CD  1 
ATOM   1458 O  OE1 . GLU A 1 178 ? -18.349 -5.146  -0.555  1.00 44.31 ? 188 GLU A OE1 1 
ATOM   1459 O  OE2 . GLU A 1 178 ? -16.785 -5.126  0.973   1.00 44.21 ? 188 GLU A OE2 1 
ATOM   1460 N  N   . LYS A 1 179 ? -17.203 -0.689  -3.604  1.00 34.85 ? 189 LYS A N   1 
ATOM   1461 C  CA  . LYS A 1 179 ? -17.621 -0.110  -4.883  1.00 41.07 ? 189 LYS A CA  1 
ATOM   1462 C  C   . LYS A 1 179 ? -16.747 -0.557  -6.055  1.00 42.45 ? 189 LYS A C   1 
ATOM   1463 O  O   . LYS A 1 179 ? -17.129 -0.393  -7.211  1.00 42.79 ? 189 LYS A O   1 
ATOM   1464 C  CB  . LYS A 1 179 ? -17.564 1.420   -4.830  1.00 41.76 ? 189 LYS A CB  1 
ATOM   1465 C  CG  . LYS A 1 179 ? -18.574 2.082   -3.933  1.00 49.18 ? 189 LYS A CG  1 
ATOM   1466 C  CD  . LYS A 1 179 ? -18.333 3.585   -3.893  1.00 49.08 ? 189 LYS A CD  1 
ATOM   1467 C  CE  . LYS A 1 179 ? -19.298 4.272   -2.933  1.00 56.54 ? 189 LYS A CE  1 
ATOM   1468 N  NZ  . LYS A 1 179 ? -19.060 5.744   -2.862  1.00 56.81 ? 189 LYS A NZ  1 
ATOM   1469 N  N   . LEU A 1 180 ? -15.571 -1.102  -5.757  1.00 42.05 ? 190 LEU A N   1 
ATOM   1470 C  CA  . LEU A 1 180 ? -14.636 -1.533  -6.798  1.00 44.50 ? 190 LEU A CA  1 
ATOM   1471 C  C   . LEU A 1 180 ? -15.150 -2.653  -7.690  1.00 47.95 ? 190 LEU A C   1 
ATOM   1472 O  O   . LEU A 1 180 ? -15.876 -3.541  -7.242  1.00 48.75 ? 190 LEU A O   1 
ATOM   1473 C  CB  . LEU A 1 180 ? -13.308 -1.959  -6.169  1.00 39.00 ? 190 LEU A CB  1 
ATOM   1474 C  CG  . LEU A 1 180 ? -12.562 -0.850  -5.435  1.00 36.70 ? 190 LEU A CG  1 
ATOM   1475 C  CD1 . LEU A 1 180 ? -11.325 -1.441  -4.769  1.00 40.16 ? 190 LEU A CD1 1 
ATOM   1476 C  CD2 . LEU A 1 180 ? -12.186 0.260   -6.409  1.00 39.06 ? 190 LEU A CD2 1 
ATOM   1477 N  N   . GLY A 1 181 ? -14.748 -2.613  -8.956  1.00 52.94 ? 191 GLY A N   1 
ATOM   1478 C  CA  . GLY A 1 181 ? -15.189 -3.628  -9.896  1.00 58.74 ? 191 GLY A CA  1 
ATOM   1479 C  C   . GLY A 1 181 ? -16.659 -3.425  -10.206 1.00 61.96 ? 191 GLY A C   1 
ATOM   1480 O  O   . GLY A 1 181 ? -17.121 -2.283  -10.297 1.00 61.37 ? 191 GLY A O   1 
ATOM   1481 N  N   . SER A 1 182 ? -17.401 -4.519  -10.355 1.00 62.92 ? 192 SER A N   1 
ATOM   1482 C  CA  . SER A 1 182 ? -18.818 -4.410  -10.656 1.00 65.46 ? 192 SER A CA  1 
ATOM   1483 C  C   . SER A 1 182 ? -19.527 -5.752  -10.717 1.00 67.46 ? 192 SER A C   1 
ATOM   1484 O  O   . SER A 1 182 ? -18.934 -6.767  -11.085 1.00 68.05 ? 192 SER A O   1 
ATOM   1485 C  CB  . SER A 1 182 ? -19.010 -3.684  -11.990 1.00 65.41 ? 192 SER A CB  1 
ATOM   1486 O  OG  . SER A 1 182 ? -18.303 -4.341  -13.029 1.00 67.17 ? 192 SER A OG  1 
ATOM   1487 N  N   . LYS A 1 183 ? -20.802 -5.749  -10.343 1.00 69.50 ? 193 LYS A N   1 
ATOM   1488 C  CA  . LYS A 1 183 ? -21.615 -6.955  -10.389 1.00 71.69 ? 193 LYS A CA  1 
ATOM   1489 C  C   . LYS A 1 183 ? -22.068 -7.097  -11.833 1.00 72.89 ? 193 LYS A C   1 
ATOM   1490 O  O   . LYS A 1 183 ? -22.521 -6.122  -12.434 1.00 72.53 ? 193 LYS A O   1 
ATOM   1491 C  CB  . LYS A 1 183 ? -22.864 -6.813  -9.518  1.00 71.40 ? 193 LYS A CB  1 
ATOM   1492 C  CG  . LYS A 1 183 ? -22.624 -6.657  -8.036  1.00 72.42 ? 193 LYS A CG  1 
ATOM   1493 C  CD  . LYS A 1 183 ? -23.961 -6.618  -7.314  1.00 72.73 ? 193 LYS A CD  1 
ATOM   1494 C  CE  . LYS A 1 183 ? -23.787 -6.489  -5.816  1.00 74.84 ? 193 LYS A CE  1 
ATOM   1495 N  NZ  . LYS A 1 183 ? -25.099 -6.438  -5.109  1.00 75.70 ? 193 LYS A NZ  1 
ATOM   1496 N  N   . ASP A 1 184 ? -21.948 -8.292  -12.400 1.00 75.02 ? 194 ASP A N   1 
ATOM   1497 C  CA  . ASP A 1 184 ? -22.399 -8.483  -13.771 1.00 77.84 ? 194 ASP A CA  1 
ATOM   1498 C  C   . ASP A 1 184 ? -23.905 -8.709  -13.682 1.00 78.74 ? 194 ASP A C   1 
ATOM   1499 O  O   . ASP A 1 184 ? -24.454 -9.604  -14.326 1.00 80.30 ? 194 ASP A O   1 
ATOM   1500 C  CB  . ASP A 1 184 ? -21.706 -9.686  -14.416 1.00 77.98 ? 194 ASP A CB  1 
ATOM   1501 C  CG  . ASP A 1 184 ? -21.461 -9.484  -15.906 1.00 79.63 ? 194 ASP A CG  1 
ATOM   1502 O  OD1 . ASP A 1 184 ? -22.438 -9.231  -16.647 1.00 79.99 ? 194 ASP A OD1 1 
ATOM   1503 O  OD2 . ASP A 1 184 ? -20.291 -9.572  -16.339 1.00 79.52 ? 194 ASP A OD2 1 
ATOM   1504 N  N   . ARG A 1 185 ? -24.544 -7.879  -12.855 1.00 79.40 ? 195 ARG A N   1 
ATOM   1505 C  CA  . ARG A 1 185 ? -25.982 -7.892  -12.587 1.00 79.42 ? 195 ARG A CA  1 
ATOM   1506 C  C   . ARG A 1 185 ? -26.331 -8.629  -11.299 1.00 80.75 ? 195 ARG A C   1 
ATOM   1507 O  O   . ARG A 1 185 ? -26.903 -7.983  -10.392 1.00 79.92 ? 195 ARG A O   1 
ATOM   1508 C  CB  . ARG A 1 185 ? -26.754 -8.510  -13.750 1.00 79.43 ? 195 ARG A CB  1 
ATOM   1509 C  CG  . ARG A 1 185 ? -26.744 -7.666  -14.997 1.00 78.30 ? 195 ARG A CG  1 
ATOM   1510 C  CD  . ARG A 1 185 ? -27.700 -8.230  -16.012 1.00 77.93 ? 195 ARG A CD  1 
ATOM   1511 N  NE  . ARG A 1 185 ? -27.921 -7.298  -17.107 1.00 79.58 ? 195 ARG A NE  1 
ATOM   1512 C  CZ  . ARG A 1 185 ? -28.793 -7.498  -18.086 1.00 80.31 ? 195 ARG A CZ  1 
ATOM   1513 N  NH1 . ARG A 1 185 ? -29.530 -8.602  -18.112 1.00 81.72 ? 195 ARG A NH1 1 
ATOM   1514 N  NH2 . ARG A 1 185 ? -28.937 -6.589  -19.032 1.00 80.96 ? 195 ARG A NH2 1 
ATOM   1515 O  OXT . ARG A 1 185 ? -26.032 -9.841  -11.213 1.00 81.23 ? 195 ARG A OXT 1 
HETATM 1516 ZN ZN  . ZN  B 2 .   ? -1.197  14.412  5.095   1.00 29.94 ? 196 ZN  A ZN  1 
HETATM 1517 O  O   . HOH C 3 .   ? -0.540  -7.564  -10.784 1.00 19.87 ? 197 HOH A O   1 
HETATM 1518 O  O   . HOH C 3 .   ? 6.898   -23.873 -13.342 1.00 22.03 ? 198 HOH A O   1 
HETATM 1519 O  O   . HOH C 3 .   ? -2.232  6.450   -18.034 1.00 22.61 ? 199 HOH A O   1 
HETATM 1520 O  O   . HOH C 3 .   ? 6.568   10.874  -7.199  0.50 25.46 ? 200 HOH A O   1 
HETATM 1521 O  O   . HOH C 3 .   ? 8.244   9.901   -5.024  1.00 25.28 ? 201 HOH A O   1 
HETATM 1522 O  O   . HOH C 3 .   ? 3.257   17.574  -7.457  1.00 24.93 ? 202 HOH A O   1 
HETATM 1523 O  O   . HOH C 3 .   ? 9.691   4.076   -6.234  1.00 25.75 ? 203 HOH A O   1 
HETATM 1524 O  O   . HOH C 3 .   ? -4.224  -16.453 -9.089  1.00 26.59 ? 204 HOH A O   1 
HETATM 1525 O  O   . HOH C 3 .   ? 0.875   0.472   -12.309 1.00 27.28 ? 205 HOH A O   1 
HETATM 1526 O  O   . HOH C 3 .   ? -1.260  -17.678 -16.843 1.00 28.44 ? 206 HOH A O   1 
HETATM 1527 O  O   . HOH C 3 .   ? 5.356   -3.577  -12.743 1.00 28.26 ? 207 HOH A O   1 
HETATM 1528 O  O   . HOH C 3 .   ? 11.749  3.336   9.570   1.00 29.60 ? 208 HOH A O   1 
HETATM 1529 O  O   . HOH C 3 .   ? 9.088   -19.847 -2.861  1.00 30.03 ? 209 HOH A O   1 
HETATM 1530 O  O   . HOH C 3 .   ? 7.797   -1.743  -9.785  1.00 30.18 ? 210 HOH A O   1 
HETATM 1531 O  O   . HOH C 3 .   ? -1.447  18.005  -13.189 1.00 30.81 ? 211 HOH A O   1 
HETATM 1532 O  O   . HOH C 3 .   ? -10.692 7.897   -11.570 1.00 30.63 ? 212 HOH A O   1 
HETATM 1533 O  O   . HOH C 3 .   ? -1.833  -8.219  6.176   1.00 30.19 ? 213 HOH A O   1 
HETATM 1534 O  O   . HOH C 3 .   ? 3.295   -21.636 -6.100  1.00 31.16 ? 214 HOH A O   1 
HETATM 1535 O  O   . HOH C 3 .   ? -9.828  -3.775  -14.570 1.00 30.99 ? 215 HOH A O   1 
HETATM 1536 O  O   . HOH C 3 .   ? -8.560  -11.836 -10.183 1.00 31.49 ? 216 HOH A O   1 
HETATM 1537 O  O   . HOH C 3 .   ? 1.979   -21.425 -10.922 1.00 31.92 ? 217 HOH A O   1 
HETATM 1538 O  O   . HOH C 3 .   ? 10.773  -18.496 -6.335  1.00 32.29 ? 218 HOH A O   1 
HETATM 1539 O  O   . HOH C 3 .   ? -1.567  -0.060  -11.296 1.00 32.33 ? 219 HOH A O   1 
HETATM 1540 O  O   . HOH C 3 .   ? 7.072   12.065  4.201   1.00 32.10 ? 220 HOH A O   1 
HETATM 1541 O  O   . HOH C 3 .   ? -9.059  -10.241 -7.163  1.00 33.60 ? 221 HOH A O   1 
HETATM 1542 O  O   . HOH C 3 .   ? -0.996  -20.204 -11.683 1.00 33.84 ? 222 HOH A O   1 
HETATM 1543 O  O   . HOH C 3 .   ? -3.947  13.227  9.457   1.00 34.51 ? 223 HOH A O   1 
HETATM 1544 O  O   . HOH C 3 .   ? -5.614  -0.124  -24.013 1.00 34.27 ? 224 HOH A O   1 
HETATM 1545 O  O   . HOH C 3 .   ? 0.254   9.831   14.495  1.00 34.54 ? 225 HOH A O   1 
HETATM 1546 O  O   . HOH C 3 .   ? 5.576   -20.311 -3.122  1.00 34.87 ? 226 HOH A O   1 
HETATM 1547 O  O   . HOH C 3 .   ? 11.726  -20.237 -2.287  1.00 34.65 ? 227 HOH A O   1 
HETATM 1548 O  O   . HOH C 3 .   ? -4.265  18.417  0.449   1.00 36.11 ? 228 HOH A O   1 
HETATM 1549 O  O   . HOH C 3 .   ? 5.827   -22.852 -6.170  1.00 35.23 ? 229 HOH A O   1 
HETATM 1550 O  O   . HOH C 3 .   ? 8.135   -5.107  -9.358  1.00 35.33 ? 230 HOH A O   1 
HETATM 1551 O  O   . HOH C 3 .   ? -19.894 1.028   -1.110  1.00 35.58 ? 231 HOH A O   1 
HETATM 1552 O  O   . HOH C 3 .   ? -4.799  1.128   -21.790 1.00 35.69 ? 232 HOH A O   1 
HETATM 1553 O  O   . HOH C 3 .   ? -3.613  -17.516 -13.515 1.00 35.80 ? 233 HOH A O   1 
HETATM 1554 O  O   . HOH C 3 .   ? 4.239   17.725  -3.881  1.00 36.43 ? 234 HOH A O   1 
HETATM 1555 O  O   . HOH C 3 .   ? -0.321  5.059   -12.550 1.00 36.98 ? 235 HOH A O   1 
HETATM 1556 O  O   . HOH C 3 .   ? -6.169  0.593   8.710   1.00 37.07 ? 236 HOH A O   1 
HETATM 1557 O  O   . HOH C 3 .   ? -12.636 9.951   -8.604  1.00 36.35 ? 237 HOH A O   1 
HETATM 1558 O  O   . HOH C 3 .   ? -9.801  -0.884  -14.196 1.00 37.82 ? 238 HOH A O   1 
HETATM 1559 O  O   . HOH C 3 .   ? -3.959  -7.517  8.100   1.00 37.96 ? 239 HOH A O   1 
HETATM 1560 O  O   . HOH C 3 .   ? 7.023   9.011   -1.398  1.00 37.44 ? 240 HOH A O   1 
HETATM 1561 O  O   . HOH C 3 .   ? 1.859   -1.931  12.138  1.00 37.90 ? 241 HOH A O   1 
HETATM 1562 O  O   . HOH C 3 .   ? -12.901 8.509   11.267  1.00 38.31 ? 242 HOH A O   1 
HETATM 1563 O  O   . HOH C 3 .   ? 4.973   14.808  3.080   1.00 38.05 ? 243 HOH A O   1 
HETATM 1564 O  O   . HOH C 3 .   ? -9.809  16.813  -11.164 1.00 38.51 ? 244 HOH A O   1 
HETATM 1565 O  O   . HOH C 3 .   ? -7.510  5.223   16.064  1.00 38.97 ? 245 HOH A O   1 
HETATM 1566 O  O   . HOH C 3 .   ? 6.444   16.739  -4.177  1.00 38.96 ? 246 HOH A O   1 
HETATM 1567 O  O   . HOH C 3 .   ? -7.845  -0.518  -15.861 1.00 39.77 ? 247 HOH A O   1 
HETATM 1568 O  O   . HOH C 3 .   ? 3.110   -18.622 -17.888 1.00 39.25 ? 248 HOH A O   1 
HETATM 1569 O  O   . HOH C 3 .   ? -17.658 8.519   13.308  1.00 39.49 ? 249 HOH A O   1 
HETATM 1570 O  O   . HOH C 3 .   ? 1.695   -10.856 8.858   1.00 40.61 ? 250 HOH A O   1 
HETATM 1571 O  O   . HOH C 3 .   ? -1.178  2.896   15.864  1.00 40.87 ? 251 HOH A O   1 
HETATM 1572 O  O   . HOH C 3 .   ? 7.601   -4.003  12.130  1.00 40.47 ? 252 HOH A O   1 
HETATM 1573 O  O   . HOH C 3 .   ? 5.070   -16.589 6.746   1.00 40.19 ? 253 HOH A O   1 
HETATM 1574 O  O   . HOH C 3 .   ? 16.543  -7.667  -1.575  1.00 41.61 ? 254 HOH A O   1 
HETATM 1575 O  O   . HOH C 3 .   ? 15.899  -20.223 -8.448  1.00 41.98 ? 255 HOH A O   1 
HETATM 1576 O  O   . HOH C 3 .   ? 2.278   20.068  -7.522  1.00 42.28 ? 256 HOH A O   1 
HETATM 1577 O  O   . HOH C 3 .   ? 11.361  2.599   12.180  1.00 42.50 ? 257 HOH A O   1 
HETATM 1578 O  O   . HOH C 3 .   ? 8.285   11.456  -1.590  1.00 42.41 ? 258 HOH A O   1 
HETATM 1579 O  O   . HOH C 3 .   ? -8.214  2.671   -19.837 1.00 43.34 ? 259 HOH A O   1 
HETATM 1580 O  O   . HOH C 3 .   ? -2.442  0.307   -13.895 1.00 42.81 ? 260 HOH A O   1 
HETATM 1581 O  O   . HOH C 3 .   ? -3.413  21.017  -3.571  1.00 43.71 ? 261 HOH A O   1 
HETATM 1582 O  O   . HOH C 3 .   ? -7.279  11.389  15.194  1.00 43.72 ? 262 HOH A O   1 
HETATM 1583 O  O   . HOH C 3 .   ? 6.449   -17.749 3.935   1.00 44.64 ? 263 HOH A O   1 
HETATM 1584 O  O   . HOH C 3 .   ? 11.369  -4.467  11.925  1.00 44.54 ? 264 HOH A O   1 
HETATM 1585 O  O   . HOH C 3 .   ? -10.802 -5.827  -13.994 1.00 43.89 ? 265 HOH A O   1 
HETATM 1586 O  O   . HOH C 3 .   ? 8.074   -19.396 2.533   1.00 45.48 ? 266 HOH A O   1 
HETATM 1587 O  O   . HOH C 3 .   ? -12.464 11.413  6.757   1.00 45.79 ? 267 HOH A O   1 
HETATM 1588 O  O   . HOH C 3 .   ? -9.559  20.235  -5.193  1.00 45.34 ? 268 HOH A O   1 
HETATM 1589 O  O   . HOH C 3 .   ? 14.934  -6.813  7.463   1.00 45.74 ? 269 HOH A O   1 
HETATM 1590 O  O   . HOH C 3 .   ? -10.893 13.705  7.042   1.00 45.73 ? 270 HOH A O   1 
HETATM 1591 O  O   . HOH C 3 .   ? 10.400  9.750   -3.299  1.00 46.54 ? 271 HOH A O   1 
HETATM 1592 O  O   . HOH C 3 .   ? -4.988  -17.914 -11.325 1.00 46.71 ? 272 HOH A O   1 
HETATM 1593 O  O   . HOH C 3 .   ? -7.395  11.464  -13.461 1.00 47.41 ? 273 HOH A O   1 
HETATM 1594 O  O   . HOH C 3 .   ? 4.120   22.419  8.500   1.00 47.49 ? 274 HOH A O   1 
HETATM 1595 O  O   . HOH C 3 .   ? -9.379  -13.668 0.100   1.00 47.18 ? 275 HOH A O   1 
HETATM 1596 O  O   . HOH C 3 .   ? 13.349  5.868   9.649   1.00 47.84 ? 276 HOH A O   1 
HETATM 1597 O  O   . HOH C 3 .   ? -10.533 -10.663 7.103   1.00 48.60 ? 277 HOH A O   1 
HETATM 1598 O  O   . HOH C 3 .   ? 13.472  1.127   8.919   1.00 49.25 ? 278 HOH A O   1 
HETATM 1599 O  O   . HOH C 3 .   ? -9.302  14.788  1.308   1.00 49.28 ? 279 HOH A O   1 
HETATM 1600 O  O   . HOH C 3 .   ? -3.876  -1.073  8.142   1.00 50.11 ? 280 HOH A O   1 
HETATM 1601 O  O   . HOH C 3 .   ? -3.584  19.979  -13.222 1.00 49.53 ? 281 HOH A O   1 
HETATM 1602 O  O   . HOH C 3 .   ? -12.552 3.615   -17.160 1.00 50.40 ? 282 HOH A O   1 
HETATM 1603 O  O   . HOH C 3 .   ? -4.292  15.326  11.169  1.00 50.05 ? 283 HOH A O   1 
HETATM 1604 O  O   . HOH C 3 .   ? -7.238  3.950   -22.644 1.00 50.54 ? 284 HOH A O   1 
HETATM 1605 O  O   . HOH C 3 .   ? -6.691  21.543  -11.571 1.00 52.61 ? 285 HOH A O   1 
# 
